data_6AGR
# 
_entry.id   6AGR 
# 
_audit_conform.dict_name       mmcif_pdbx.dic 
_audit_conform.dict_version    5.398 
_audit_conform.dict_location   http://mmcif.pdb.org/dictionaries/ascii/mmcif_pdbx.dic 
# 
loop_
_database_2.database_id 
_database_2.database_code 
_database_2.pdbx_database_accession 
_database_2.pdbx_DOI 
PDB   6AGR         pdb_00006agr 10.2210/pdb6agr/pdb 
WWPDB D_1300008722 ?            ?                   
# 
loop_
_pdbx_audit_revision_history.ordinal 
_pdbx_audit_revision_history.data_content_type 
_pdbx_audit_revision_history.major_revision 
_pdbx_audit_revision_history.minor_revision 
_pdbx_audit_revision_history.revision_date 
1 'Structure model' 1 0 2019-08-14 
2 'Structure model' 1 1 2020-01-29 
3 'Structure model' 1 2 2020-02-05 
4 'Structure model' 1 3 2023-11-22 
5 'Structure model' 1 4 2024-11-06 
# 
_pdbx_audit_revision_details.ordinal             1 
_pdbx_audit_revision_details.revision_ordinal    1 
_pdbx_audit_revision_details.data_content_type   'Structure model' 
_pdbx_audit_revision_details.provider            repository 
_pdbx_audit_revision_details.type                'Initial release' 
_pdbx_audit_revision_details.description         ? 
_pdbx_audit_revision_details.details             ? 
# 
loop_
_pdbx_audit_revision_group.ordinal 
_pdbx_audit_revision_group.revision_ordinal 
_pdbx_audit_revision_group.data_content_type 
_pdbx_audit_revision_group.group 
1 2 'Structure model' 'Database references'    
2 3 'Structure model' 'Database references'    
3 4 'Structure model' 'Data collection'        
4 4 'Structure model' 'Database references'    
5 4 'Structure model' 'Refinement description' 
6 5 'Structure model' 'Structure summary'      
# 
loop_
_pdbx_audit_revision_category.ordinal 
_pdbx_audit_revision_category.revision_ordinal 
_pdbx_audit_revision_category.data_content_type 
_pdbx_audit_revision_category.category 
1 2 'Structure model' citation                      
2 2 'Structure model' citation_author               
3 3 'Structure model' citation                      
4 4 'Structure model' chem_comp_atom                
5 4 'Structure model' chem_comp_bond                
6 4 'Structure model' database_2                    
7 4 'Structure model' pdbx_initial_refinement_model 
8 5 'Structure model' pdbx_entry_details            
9 5 'Structure model' pdbx_modification_feature     
# 
loop_
_pdbx_audit_revision_item.ordinal 
_pdbx_audit_revision_item.revision_ordinal 
_pdbx_audit_revision_item.data_content_type 
_pdbx_audit_revision_item.item 
1  2 'Structure model' '_citation.country'                   
2  2 'Structure model' '_citation.journal_abbrev'            
3  2 'Structure model' '_citation.journal_id_ASTM'           
4  2 'Structure model' '_citation.journal_id_CSD'            
5  2 'Structure model' '_citation.journal_id_ISSN'           
6  2 'Structure model' '_citation.pdbx_database_id_DOI'      
7  2 'Structure model' '_citation.pdbx_database_id_PubMed'   
8  2 'Structure model' '_citation.title'                     
9  2 'Structure model' '_citation.year'                      
10 2 'Structure model' '_citation_author.identifier_ORCID'   
11 2 'Structure model' '_citation_author.name'               
12 3 'Structure model' '_citation.journal_volume'            
13 3 'Structure model' '_citation.page_first'                
14 3 'Structure model' '_citation.page_last'                 
15 3 'Structure model' '_citation.title'                     
16 4 'Structure model' '_database_2.pdbx_DOI'                
17 4 'Structure model' '_database_2.pdbx_database_accession' 
# 
_pdbx_database_status.status_code                     REL 
_pdbx_database_status.status_code_sf                  REL 
_pdbx_database_status.status_code_mr                  ? 
_pdbx_database_status.entry_id                        6AGR 
_pdbx_database_status.recvd_initial_deposition_date   2018-08-13 
_pdbx_database_status.SG_entry                        N 
_pdbx_database_status.deposit_site                    PDBJ 
_pdbx_database_status.process_site                    PDBJ 
_pdbx_database_status.status_code_cs                  ? 
_pdbx_database_status.methods_development_category    ? 
_pdbx_database_status.pdb_format_compatible           Y 
_pdbx_database_status.status_code_nmr_data            ? 
# 
loop_
_pdbx_database_related.db_name 
_pdbx_database_related.details 
_pdbx_database_related.db_id 
_pdbx_database_related.content_type 
PDB . 6ABN unspecified 
PDB . 6ABZ unspecified 
PDB . 6AC2 unspecified 
PDB . 6AD5 unspecified 
PDB . 6ADF unspecified 
PDB . 6AEA unspecified 
PDB . 6AGN unspecified 
# 
loop_
_audit_author.name 
_audit_author.pdbx_ordinal 
_audit_author.identifier_ORCID 
'Seyedarabi, A.' 1 0000-0003-4234-9799 
'Seraj, Z.'      2 0000-0003-2405-6212 
# 
_citation.abstract                  ? 
_citation.abstract_id_CAS           ? 
_citation.book_id_ISBN              ? 
_citation.book_publisher            ? 
_citation.book_publisher_city       ? 
_citation.book_title                ? 
_citation.coordinate_linkage        ? 
_citation.country                   UK 
_citation.database_id_Medline       ? 
_citation.details                   ? 
_citation.id                        primary 
_citation.journal_abbrev            Int.J.Biol.Macromol. 
_citation.journal_id_ASTM           IJBMDR 
_citation.journal_id_CSD            0708 
_citation.journal_id_ISSN           0141-8130 
_citation.journal_full              ? 
_citation.journal_issue             ? 
_citation.journal_volume            146 
_citation.language                  ? 
_citation.page_first                705 
_citation.page_last                 715 
_citation.title                     
'The role of Cinnamaldehyde and Phenyl ethyl alcohol as two types of precipitants affecting protein hydration levels.' 
_citation.year                      2019 
_citation.database_id_CSD           ? 
_citation.pdbx_database_id_DOI      10.1016/j.ijbiomac.2019.12.204 
_citation.pdbx_database_id_PubMed   31887389 
_citation.unpublished_flag          ? 
# 
loop_
_citation_author.citation_id 
_citation_author.name 
_citation_author.ordinal 
_citation_author.identifier_ORCID 
primary 'Seraj, Z.'      1 ? 
primary 'Seyedarabi, A.' 2 ? 
# 
loop_
_entity.id 
_entity.type 
_entity.src_method 
_entity.pdbx_description 
_entity.formula_weight 
_entity.pdbx_number_of_molecules 
_entity.pdbx_ec 
_entity.pdbx_mutation 
_entity.pdbx_fragment 
_entity.details 
1 polymer     nat 'Lysozyme C'     14331.160 1   3.2.1.17 ? ? ? 
2 non-polymer syn 1,2-ETHANEDIOL   62.068    2   ?        ? ? ? 
3 non-polymer syn 'CHLORIDE ION'   35.453    3   ?        ? ? ? 
4 non-polymer syn 2-PHENYL-ETHANOL 122.164   1   ?        ? ? ? 
5 non-polymer syn 'SODIUM ION'     22.990    1   ?        ? ? ? 
6 non-polymer syn 'ACETATE ION'    59.044    1   ?        ? ? ? 
7 water       nat water            18.015    210 ?        ? ? ? 
# 
_entity_name_com.entity_id   1 
_entity_name_com.name        '1,4-beta-N-acetylmuramidase C,Allergen Gal d IV' 
# 
_entity_poly.entity_id                      1 
_entity_poly.type                           'polypeptide(L)' 
_entity_poly.nstd_linkage                   no 
_entity_poly.nstd_monomer                   no 
_entity_poly.pdbx_seq_one_letter_code       
;KVFGRCELAAAMKRHGLDNYRGYSLGNWVCAAKFESNFNTQATNRNTDGSTDYGILQINSRWWCNDGRTPGSRNLCNIPC
SALLSSDITASVNCAKKIVSDGNGMNAWVAWRNRCKGTDVQAWIRGCRL
;
_entity_poly.pdbx_seq_one_letter_code_can   
;KVFGRCELAAAMKRHGLDNYRGYSLGNWVCAAKFESNFNTQATNRNTDGSTDYGILQINSRWWCNDGRTPGSRNLCNIPC
SALLSSDITASVNCAKKIVSDGNGMNAWVAWRNRCKGTDVQAWIRGCRL
;
_entity_poly.pdbx_strand_id                 A 
_entity_poly.pdbx_target_identifier         ? 
# 
loop_
_pdbx_entity_nonpoly.entity_id 
_pdbx_entity_nonpoly.name 
_pdbx_entity_nonpoly.comp_id 
2 1,2-ETHANEDIOL   EDO 
3 'CHLORIDE ION'   CL  
4 2-PHENYL-ETHANOL PEL 
5 'SODIUM ION'     NA  
6 'ACETATE ION'    ACT 
7 water            HOH 
# 
loop_
_entity_poly_seq.entity_id 
_entity_poly_seq.num 
_entity_poly_seq.mon_id 
_entity_poly_seq.hetero 
1 1   LYS n 
1 2   VAL n 
1 3   PHE n 
1 4   GLY n 
1 5   ARG n 
1 6   CYS n 
1 7   GLU n 
1 8   LEU n 
1 9   ALA n 
1 10  ALA n 
1 11  ALA n 
1 12  MET n 
1 13  LYS n 
1 14  ARG n 
1 15  HIS n 
1 16  GLY n 
1 17  LEU n 
1 18  ASP n 
1 19  ASN n 
1 20  TYR n 
1 21  ARG n 
1 22  GLY n 
1 23  TYR n 
1 24  SER n 
1 25  LEU n 
1 26  GLY n 
1 27  ASN n 
1 28  TRP n 
1 29  VAL n 
1 30  CYS n 
1 31  ALA n 
1 32  ALA n 
1 33  LYS n 
1 34  PHE n 
1 35  GLU n 
1 36  SER n 
1 37  ASN n 
1 38  PHE n 
1 39  ASN n 
1 40  THR n 
1 41  GLN n 
1 42  ALA n 
1 43  THR n 
1 44  ASN n 
1 45  ARG n 
1 46  ASN n 
1 47  THR n 
1 48  ASP n 
1 49  GLY n 
1 50  SER n 
1 51  THR n 
1 52  ASP n 
1 53  TYR n 
1 54  GLY n 
1 55  ILE n 
1 56  LEU n 
1 57  GLN n 
1 58  ILE n 
1 59  ASN n 
1 60  SER n 
1 61  ARG n 
1 62  TRP n 
1 63  TRP n 
1 64  CYS n 
1 65  ASN n 
1 66  ASP n 
1 67  GLY n 
1 68  ARG n 
1 69  THR n 
1 70  PRO n 
1 71  GLY n 
1 72  SER n 
1 73  ARG n 
1 74  ASN n 
1 75  LEU n 
1 76  CYS n 
1 77  ASN n 
1 78  ILE n 
1 79  PRO n 
1 80  CYS n 
1 81  SER n 
1 82  ALA n 
1 83  LEU n 
1 84  LEU n 
1 85  SER n 
1 86  SER n 
1 87  ASP n 
1 88  ILE n 
1 89  THR n 
1 90  ALA n 
1 91  SER n 
1 92  VAL n 
1 93  ASN n 
1 94  CYS n 
1 95  ALA n 
1 96  LYS n 
1 97  LYS n 
1 98  ILE n 
1 99  VAL n 
1 100 SER n 
1 101 ASP n 
1 102 GLY n 
1 103 ASN n 
1 104 GLY n 
1 105 MET n 
1 106 ASN n 
1 107 ALA n 
1 108 TRP n 
1 109 VAL n 
1 110 ALA n 
1 111 TRP n 
1 112 ARG n 
1 113 ASN n 
1 114 ARG n 
1 115 CYS n 
1 116 LYS n 
1 117 GLY n 
1 118 THR n 
1 119 ASP n 
1 120 VAL n 
1 121 GLN n 
1 122 ALA n 
1 123 TRP n 
1 124 ILE n 
1 125 ARG n 
1 126 GLY n 
1 127 CYS n 
1 128 ARG n 
1 129 LEU n 
# 
_entity_src_nat.entity_id                  1 
_entity_src_nat.pdbx_src_id                1 
_entity_src_nat.pdbx_alt_source_flag       sample 
_entity_src_nat.pdbx_beg_seq_num           1 
_entity_src_nat.pdbx_end_seq_num           129 
_entity_src_nat.common_name                Chicken 
_entity_src_nat.pdbx_organism_scientific   'Gallus gallus' 
_entity_src_nat.pdbx_ncbi_taxonomy_id      9031 
_entity_src_nat.genus                      ? 
_entity_src_nat.species                    ? 
_entity_src_nat.strain                     ? 
_entity_src_nat.tissue                     ? 
_entity_src_nat.tissue_fraction            ? 
_entity_src_nat.pdbx_secretion             ? 
_entity_src_nat.pdbx_fragment              ? 
_entity_src_nat.pdbx_variant               ? 
_entity_src_nat.pdbx_cell_line             ? 
_entity_src_nat.pdbx_atcc                  ? 
_entity_src_nat.pdbx_cellular_location     ? 
_entity_src_nat.pdbx_organ                 ? 
_entity_src_nat.pdbx_organelle             ? 
_entity_src_nat.pdbx_cell                  ? 
_entity_src_nat.pdbx_plasmid_name          ? 
_entity_src_nat.pdbx_plasmid_details       ? 
_entity_src_nat.details                    ? 
# 
loop_
_chem_comp.id 
_chem_comp.type 
_chem_comp.mon_nstd_flag 
_chem_comp.name 
_chem_comp.pdbx_synonyms 
_chem_comp.formula 
_chem_comp.formula_weight 
ACT non-polymer         . 'ACETATE ION'    ?                 'C2 H3 O2 -1'    59.044  
ALA 'L-peptide linking' y ALANINE          ?                 'C3 H7 N O2'     89.093  
ARG 'L-peptide linking' y ARGININE         ?                 'C6 H15 N4 O2 1' 175.209 
ASN 'L-peptide linking' y ASPARAGINE       ?                 'C4 H8 N2 O3'    132.118 
ASP 'L-peptide linking' y 'ASPARTIC ACID'  ?                 'C4 H7 N O4'     133.103 
CL  non-polymer         . 'CHLORIDE ION'   ?                 'Cl -1'          35.453  
CYS 'L-peptide linking' y CYSTEINE         ?                 'C3 H7 N O2 S'   121.158 
EDO non-polymer         . 1,2-ETHANEDIOL   'ETHYLENE GLYCOL' 'C2 H6 O2'       62.068  
GLN 'L-peptide linking' y GLUTAMINE        ?                 'C5 H10 N2 O3'   146.144 
GLU 'L-peptide linking' y 'GLUTAMIC ACID'  ?                 'C5 H9 N O4'     147.129 
GLY 'peptide linking'   y GLYCINE          ?                 'C2 H5 N O2'     75.067  
HIS 'L-peptide linking' y HISTIDINE        ?                 'C6 H10 N3 O2 1' 156.162 
HOH non-polymer         . WATER            ?                 'H2 O'           18.015  
ILE 'L-peptide linking' y ISOLEUCINE       ?                 'C6 H13 N O2'    131.173 
LEU 'L-peptide linking' y LEUCINE          ?                 'C6 H13 N O2'    131.173 
LYS 'L-peptide linking' y LYSINE           ?                 'C6 H15 N2 O2 1' 147.195 
MET 'L-peptide linking' y METHIONINE       ?                 'C5 H11 N O2 S'  149.211 
NA  non-polymer         . 'SODIUM ION'     ?                 'Na 1'           22.990  
PEL non-polymer         . 2-PHENYL-ETHANOL ?                 'C8 H10 O'       122.164 
PHE 'L-peptide linking' y PHENYLALANINE    ?                 'C9 H11 N O2'    165.189 
PRO 'L-peptide linking' y PROLINE          ?                 'C5 H9 N O2'     115.130 
SER 'L-peptide linking' y SERINE           ?                 'C3 H7 N O3'     105.093 
THR 'L-peptide linking' y THREONINE        ?                 'C4 H9 N O3'     119.119 
TRP 'L-peptide linking' y TRYPTOPHAN       ?                 'C11 H12 N2 O2'  204.225 
TYR 'L-peptide linking' y TYROSINE         ?                 'C9 H11 N O3'    181.189 
VAL 'L-peptide linking' y VALINE           ?                 'C5 H11 N O2'    117.146 
# 
loop_
_pdbx_poly_seq_scheme.asym_id 
_pdbx_poly_seq_scheme.entity_id 
_pdbx_poly_seq_scheme.seq_id 
_pdbx_poly_seq_scheme.mon_id 
_pdbx_poly_seq_scheme.ndb_seq_num 
_pdbx_poly_seq_scheme.pdb_seq_num 
_pdbx_poly_seq_scheme.auth_seq_num 
_pdbx_poly_seq_scheme.pdb_mon_id 
_pdbx_poly_seq_scheme.auth_mon_id 
_pdbx_poly_seq_scheme.pdb_strand_id 
_pdbx_poly_seq_scheme.pdb_ins_code 
_pdbx_poly_seq_scheme.hetero 
A 1 1   LYS 1   1   1   LYS LYS A . n 
A 1 2   VAL 2   2   2   VAL VAL A . n 
A 1 3   PHE 3   3   3   PHE PHE A . n 
A 1 4   GLY 4   4   4   GLY GLY A . n 
A 1 5   ARG 5   5   5   ARG ARG A . n 
A 1 6   CYS 6   6   6   CYS CYS A . n 
A 1 7   GLU 7   7   7   GLU GLU A . n 
A 1 8   LEU 8   8   8   LEU LEU A . n 
A 1 9   ALA 9   9   9   ALA ALA A . n 
A 1 10  ALA 10  10  10  ALA ALA A . n 
A 1 11  ALA 11  11  11  ALA ALA A . n 
A 1 12  MET 12  12  12  MET MET A . n 
A 1 13  LYS 13  13  13  LYS LYS A . n 
A 1 14  ARG 14  14  14  ARG ARG A . n 
A 1 15  HIS 15  15  15  HIS HIS A . n 
A 1 16  GLY 16  16  16  GLY GLY A . n 
A 1 17  LEU 17  17  17  LEU LEU A . n 
A 1 18  ASP 18  18  18  ASP ASP A . n 
A 1 19  ASN 19  19  19  ASN ASN A . n 
A 1 20  TYR 20  20  20  TYR TYR A . n 
A 1 21  ARG 21  21  21  ARG ARG A . n 
A 1 22  GLY 22  22  22  GLY GLY A . n 
A 1 23  TYR 23  23  23  TYR TYR A . n 
A 1 24  SER 24  24  24  SER SER A . n 
A 1 25  LEU 25  25  25  LEU LEU A . n 
A 1 26  GLY 26  26  26  GLY GLY A . n 
A 1 27  ASN 27  27  27  ASN ASN A . n 
A 1 28  TRP 28  28  28  TRP TRP A . n 
A 1 29  VAL 29  29  29  VAL VAL A . n 
A 1 30  CYS 30  30  30  CYS CYS A . n 
A 1 31  ALA 31  31  31  ALA ALA A . n 
A 1 32  ALA 32  32  32  ALA ALA A . n 
A 1 33  LYS 33  33  33  LYS LYS A . n 
A 1 34  PHE 34  34  34  PHE PHE A . n 
A 1 35  GLU 35  35  35  GLU GLU A . n 
A 1 36  SER 36  36  36  SER SER A . n 
A 1 37  ASN 37  37  37  ASN ASN A . n 
A 1 38  PHE 38  38  38  PHE PHE A . n 
A 1 39  ASN 39  39  39  ASN ASN A . n 
A 1 40  THR 40  40  40  THR THR A . n 
A 1 41  GLN 41  41  41  GLN GLN A . n 
A 1 42  ALA 42  42  42  ALA ALA A . n 
A 1 43  THR 43  43  43  THR THR A . n 
A 1 44  ASN 44  44  44  ASN ASN A . n 
A 1 45  ARG 45  45  45  ARG ARG A . n 
A 1 46  ASN 46  46  46  ASN ASN A . n 
A 1 47  THR 47  47  47  THR THR A . n 
A 1 48  ASP 48  48  48  ASP ASP A . n 
A 1 49  GLY 49  49  49  GLY GLY A . n 
A 1 50  SER 50  50  50  SER SER A . n 
A 1 51  THR 51  51  51  THR THR A . n 
A 1 52  ASP 52  52  52  ASP ASP A . n 
A 1 53  TYR 53  53  53  TYR TYR A . n 
A 1 54  GLY 54  54  54  GLY GLY A . n 
A 1 55  ILE 55  55  55  ILE ILE A . n 
A 1 56  LEU 56  56  56  LEU LEU A . n 
A 1 57  GLN 57  57  57  GLN GLN A . n 
A 1 58  ILE 58  58  58  ILE ILE A . n 
A 1 59  ASN 59  59  59  ASN ASN A . n 
A 1 60  SER 60  60  60  SER SER A . n 
A 1 61  ARG 61  61  61  ARG ARG A . n 
A 1 62  TRP 62  62  62  TRP TRP A . n 
A 1 63  TRP 63  63  63  TRP TRP A . n 
A 1 64  CYS 64  64  64  CYS CYS A . n 
A 1 65  ASN 65  65  65  ASN ASN A . n 
A 1 66  ASP 66  66  66  ASP ASP A . n 
A 1 67  GLY 67  67  67  GLY GLY A . n 
A 1 68  ARG 68  68  68  ARG ARG A . n 
A 1 69  THR 69  69  69  THR THR A . n 
A 1 70  PRO 70  70  70  PRO PRO A . n 
A 1 71  GLY 71  71  71  GLY GLY A . n 
A 1 72  SER 72  72  72  SER SER A . n 
A 1 73  ARG 73  73  73  ARG ARG A . n 
A 1 74  ASN 74  74  74  ASN ASN A . n 
A 1 75  LEU 75  75  75  LEU LEU A . n 
A 1 76  CYS 76  76  76  CYS CYS A . n 
A 1 77  ASN 77  77  77  ASN ASN A . n 
A 1 78  ILE 78  78  78  ILE ILE A . n 
A 1 79  PRO 79  79  79  PRO PRO A . n 
A 1 80  CYS 80  80  80  CYS CYS A . n 
A 1 81  SER 81  81  81  SER SER A . n 
A 1 82  ALA 82  82  82  ALA ALA A . n 
A 1 83  LEU 83  83  83  LEU LEU A . n 
A 1 84  LEU 84  84  84  LEU LEU A . n 
A 1 85  SER 85  85  85  SER SER A . n 
A 1 86  SER 86  86  86  SER SER A . n 
A 1 87  ASP 87  87  87  ASP ASP A . n 
A 1 88  ILE 88  88  88  ILE ILE A . n 
A 1 89  THR 89  89  89  THR THR A . n 
A 1 90  ALA 90  90  90  ALA ALA A . n 
A 1 91  SER 91  91  91  SER SER A . n 
A 1 92  VAL 92  92  92  VAL VAL A . n 
A 1 93  ASN 93  93  93  ASN ASN A . n 
A 1 94  CYS 94  94  94  CYS CYS A . n 
A 1 95  ALA 95  95  95  ALA ALA A . n 
A 1 96  LYS 96  96  96  LYS LYS A . n 
A 1 97  LYS 97  97  97  LYS LYS A . n 
A 1 98  ILE 98  98  98  ILE ILE A . n 
A 1 99  VAL 99  99  99  VAL VAL A . n 
A 1 100 SER 100 100 100 SER SER A . n 
A 1 101 ASP 101 101 101 ASP ASP A . n 
A 1 102 GLY 102 102 102 GLY GLY A . n 
A 1 103 ASN 103 103 103 ASN ASN A . n 
A 1 104 GLY 104 104 104 GLY GLY A . n 
A 1 105 MET 105 105 105 MET MET A . n 
A 1 106 ASN 106 106 106 ASN ASN A . n 
A 1 107 ALA 107 107 107 ALA ALA A . n 
A 1 108 TRP 108 108 108 TRP TRP A . n 
A 1 109 VAL 109 109 109 VAL VAL A . n 
A 1 110 ALA 110 110 110 ALA ALA A . n 
A 1 111 TRP 111 111 111 TRP TRP A . n 
A 1 112 ARG 112 112 112 ARG ARG A . n 
A 1 113 ASN 113 113 113 ASN ASN A . n 
A 1 114 ARG 114 114 114 ARG ARG A . n 
A 1 115 CYS 115 115 115 CYS CYS A . n 
A 1 116 LYS 116 116 116 LYS LYS A . n 
A 1 117 GLY 117 117 117 GLY GLY A . n 
A 1 118 THR 118 118 118 THR THR A . n 
A 1 119 ASP 119 119 119 ASP ASP A . n 
A 1 120 VAL 120 120 120 VAL VAL A . n 
A 1 121 GLN 121 121 121 GLN GLN A . n 
A 1 122 ALA 122 122 122 ALA ALA A . n 
A 1 123 TRP 123 123 123 TRP TRP A . n 
A 1 124 ILE 124 124 124 ILE ILE A . n 
A 1 125 ARG 125 125 125 ARG ARG A . n 
A 1 126 GLY 126 126 126 GLY GLY A . n 
A 1 127 CYS 127 127 127 CYS CYS A . n 
A 1 128 ARG 128 128 128 ARG ARG A . n 
A 1 129 LEU 129 129 129 LEU LEU A . n 
# 
loop_
_pdbx_nonpoly_scheme.asym_id 
_pdbx_nonpoly_scheme.entity_id 
_pdbx_nonpoly_scheme.mon_id 
_pdbx_nonpoly_scheme.ndb_seq_num 
_pdbx_nonpoly_scheme.pdb_seq_num 
_pdbx_nonpoly_scheme.auth_seq_num 
_pdbx_nonpoly_scheme.pdb_mon_id 
_pdbx_nonpoly_scheme.auth_mon_id 
_pdbx_nonpoly_scheme.pdb_strand_id 
_pdbx_nonpoly_scheme.pdb_ins_code 
B 2 EDO 1   201 1   EDO EDO A . 
C 2 EDO 1   202 2   EDO EDO A . 
D 3 CL  1   203 1   CL  CL  A . 
E 3 CL  1   204 2   CL  CL  A . 
F 3 CL  1   205 3   CL  CL  A . 
G 4 PEL 1   206 1   PEL PEA A . 
H 5 NA  1   207 1   NA  NA  A . 
I 6 ACT 1   208 221 ACT ACT A . 
J 7 HOH 1   301 146 HOH HOH A . 
J 7 HOH 2   302 81  HOH HOH A . 
J 7 HOH 3   303 176 HOH HOH A . 
J 7 HOH 4   304 202 HOH HOH A . 
J 7 HOH 5   305 170 HOH HOH A . 
J 7 HOH 6   306 120 HOH HOH A . 
J 7 HOH 7   307 199 HOH HOH A . 
J 7 HOH 8   308 70  HOH HOH A . 
J 7 HOH 9   309 75  HOH HOH A . 
J 7 HOH 10  310 109 HOH HOH A . 
J 7 HOH 11  311 87  HOH HOH A . 
J 7 HOH 12  312 35  HOH HOH A . 
J 7 HOH 13  313 148 HOH HOH A . 
J 7 HOH 14  314 145 HOH HOH A . 
J 7 HOH 15  315 4   HOH HOH A . 
J 7 HOH 16  316 149 HOH HOH A . 
J 7 HOH 17  317 121 HOH HOH A . 
J 7 HOH 18  318 178 HOH HOH A . 
J 7 HOH 19  319 134 HOH HOH A . 
J 7 HOH 20  320 24  HOH HOH A . 
J 7 HOH 21  321 1   HOH HOH A . 
J 7 HOH 22  322 135 HOH HOH A . 
J 7 HOH 23  323 62  HOH HOH A . 
J 7 HOH 24  324 183 HOH HOH A . 
J 7 HOH 25  325 158 HOH HOH A . 
J 7 HOH 26  326 34  HOH HOH A . 
J 7 HOH 27  327 86  HOH HOH A . 
J 7 HOH 28  328 40  HOH HOH A . 
J 7 HOH 29  329 66  HOH HOH A . 
J 7 HOH 30  330 89  HOH HOH A . 
J 7 HOH 31  331 19  HOH HOH A . 
J 7 HOH 32  332 13  HOH HOH A . 
J 7 HOH 33  333 131 HOH HOH A . 
J 7 HOH 34  334 78  HOH HOH A . 
J 7 HOH 35  335 132 HOH HOH A . 
J 7 HOH 36  336 22  HOH HOH A . 
J 7 HOH 37  337 177 HOH HOH A . 
J 7 HOH 38  338 29  HOH HOH A . 
J 7 HOH 39  339 124 HOH HOH A . 
J 7 HOH 40  340 110 HOH HOH A . 
J 7 HOH 41  341 18  HOH HOH A . 
J 7 HOH 42  342 181 HOH HOH A . 
J 7 HOH 43  343 36  HOH HOH A . 
J 7 HOH 44  344 65  HOH HOH A . 
J 7 HOH 45  345 76  HOH HOH A . 
J 7 HOH 46  346 23  HOH HOH A . 
J 7 HOH 47  347 64  HOH HOH A . 
J 7 HOH 48  348 114 HOH HOH A . 
J 7 HOH 49  349 111 HOH HOH A . 
J 7 HOH 50  350 94  HOH HOH A . 
J 7 HOH 51  351 6   HOH HOH A . 
J 7 HOH 52  352 33  HOH HOH A . 
J 7 HOH 53  353 82  HOH HOH A . 
J 7 HOH 54  354 74  HOH HOH A . 
J 7 HOH 55  355 194 HOH HOH A . 
J 7 HOH 56  356 43  HOH HOH A . 
J 7 HOH 57  357 9   HOH HOH A . 
J 7 HOH 58  358 10  HOH HOH A . 
J 7 HOH 59  359 126 HOH HOH A . 
J 7 HOH 60  360 59  HOH HOH A . 
J 7 HOH 61  361 122 HOH HOH A . 
J 7 HOH 62  362 47  HOH HOH A . 
J 7 HOH 63  363 118 HOH HOH A . 
J 7 HOH 64  364 119 HOH HOH A . 
J 7 HOH 65  365 12  HOH HOH A . 
J 7 HOH 66  366 53  HOH HOH A . 
J 7 HOH 67  367 39  HOH HOH A . 
J 7 HOH 68  368 129 HOH HOH A . 
J 7 HOH 69  369 7   HOH HOH A . 
J 7 HOH 70  370 21  HOH HOH A . 
J 7 HOH 71  371 83  HOH HOH A . 
J 7 HOH 72  372 27  HOH HOH A . 
J 7 HOH 73  373 162 HOH HOH A . 
J 7 HOH 74  374 117 HOH HOH A . 
J 7 HOH 75  375 63  HOH HOH A . 
J 7 HOH 76  376 56  HOH HOH A . 
J 7 HOH 77  377 16  HOH HOH A . 
J 7 HOH 78  378 28  HOH HOH A . 
J 7 HOH 79  379 85  HOH HOH A . 
J 7 HOH 80  380 195 HOH HOH A . 
J 7 HOH 81  381 91  HOH HOH A . 
J 7 HOH 82  382 55  HOH HOH A . 
J 7 HOH 83  383 140 HOH HOH A . 
J 7 HOH 84  384 184 HOH HOH A . 
J 7 HOH 85  385 31  HOH HOH A . 
J 7 HOH 86  386 41  HOH HOH A . 
J 7 HOH 87  387 26  HOH HOH A . 
J 7 HOH 88  388 161 HOH HOH A . 
J 7 HOH 89  389 17  HOH HOH A . 
J 7 HOH 90  390 54  HOH HOH A . 
J 7 HOH 91  391 71  HOH HOH A . 
J 7 HOH 92  392 153 HOH HOH A . 
J 7 HOH 93  393 25  HOH HOH A . 
J 7 HOH 94  394 51  HOH HOH A . 
J 7 HOH 95  395 103 HOH HOH A . 
J 7 HOH 96  396 186 HOH HOH A . 
J 7 HOH 97  397 44  HOH HOH A . 
J 7 HOH 98  398 2   HOH HOH A . 
J 7 HOH 99  399 46  HOH HOH A . 
J 7 HOH 100 400 38  HOH HOH A . 
J 7 HOH 101 401 52  HOH HOH A . 
J 7 HOH 102 402 14  HOH HOH A . 
J 7 HOH 103 403 45  HOH HOH A . 
J 7 HOH 104 404 193 HOH HOH A . 
J 7 HOH 105 405 11  HOH HOH A . 
J 7 HOH 106 406 8   HOH HOH A . 
J 7 HOH 107 407 48  HOH HOH A . 
J 7 HOH 108 408 3   HOH HOH A . 
J 7 HOH 109 409 210 HOH HOH A . 
J 7 HOH 110 410 206 HOH HOH A . 
J 7 HOH 111 411 203 HOH HOH A . 
J 7 HOH 112 412 151 HOH HOH A . 
J 7 HOH 113 413 157 HOH HOH A . 
J 7 HOH 114 414 168 HOH HOH A . 
J 7 HOH 115 415 20  HOH HOH A . 
J 7 HOH 116 416 68  HOH HOH A . 
J 7 HOH 117 417 92  HOH HOH A . 
J 7 HOH 118 418 116 HOH HOH A . 
J 7 HOH 119 419 191 HOH HOH A . 
J 7 HOH 120 420 128 HOH HOH A . 
J 7 HOH 121 421 174 HOH HOH A . 
J 7 HOH 122 422 96  HOH HOH A . 
J 7 HOH 123 423 159 HOH HOH A . 
J 7 HOH 124 424 204 HOH HOH A . 
J 7 HOH 125 425 127 HOH HOH A . 
J 7 HOH 126 426 123 HOH HOH A . 
J 7 HOH 127 427 73  HOH HOH A . 
J 7 HOH 128 428 106 HOH HOH A . 
J 7 HOH 129 429 49  HOH HOH A . 
J 7 HOH 130 430 173 HOH HOH A . 
J 7 HOH 131 431 169 HOH HOH A . 
J 7 HOH 132 432 160 HOH HOH A . 
J 7 HOH 133 433 125 HOH HOH A . 
J 7 HOH 134 434 189 HOH HOH A . 
J 7 HOH 135 435 182 HOH HOH A . 
J 7 HOH 136 436 30  HOH HOH A . 
J 7 HOH 137 437 112 HOH HOH A . 
J 7 HOH 138 438 95  HOH HOH A . 
J 7 HOH 139 439 72  HOH HOH A . 
J 7 HOH 140 440 5   HOH HOH A . 
J 7 HOH 141 441 88  HOH HOH A . 
J 7 HOH 142 442 37  HOH HOH A . 
J 7 HOH 143 443 98  HOH HOH A . 
J 7 HOH 144 444 172 HOH HOH A . 
J 7 HOH 145 445 80  HOH HOH A . 
J 7 HOH 146 446 185 HOH HOH A . 
J 7 HOH 147 447 133 HOH HOH A . 
J 7 HOH 148 448 142 HOH HOH A . 
J 7 HOH 149 449 154 HOH HOH A . 
J 7 HOH 150 450 163 HOH HOH A . 
J 7 HOH 151 451 42  HOH HOH A . 
J 7 HOH 152 452 164 HOH HOH A . 
J 7 HOH 153 453 198 HOH HOH A . 
J 7 HOH 154 454 97  HOH HOH A . 
J 7 HOH 155 455 137 HOH HOH A . 
J 7 HOH 156 456 143 HOH HOH A . 
J 7 HOH 157 457 115 HOH HOH A . 
J 7 HOH 158 458 138 HOH HOH A . 
J 7 HOH 159 459 108 HOH HOH A . 
J 7 HOH 160 460 152 HOH HOH A . 
J 7 HOH 161 461 93  HOH HOH A . 
J 7 HOH 162 462 113 HOH HOH A . 
J 7 HOH 163 463 205 HOH HOH A . 
J 7 HOH 164 464 208 HOH HOH A . 
J 7 HOH 165 465 141 HOH HOH A . 
J 7 HOH 166 466 69  HOH HOH A . 
J 7 HOH 167 467 180 HOH HOH A . 
J 7 HOH 168 468 57  HOH HOH A . 
J 7 HOH 169 469 207 HOH HOH A . 
J 7 HOH 170 470 107 HOH HOH A . 
J 7 HOH 171 471 99  HOH HOH A . 
J 7 HOH 172 472 136 HOH HOH A . 
J 7 HOH 173 473 15  HOH HOH A . 
J 7 HOH 174 474 61  HOH HOH A . 
J 7 HOH 175 475 102 HOH HOH A . 
J 7 HOH 176 476 79  HOH HOH A . 
J 7 HOH 177 477 150 HOH HOH A . 
J 7 HOH 178 478 196 HOH HOH A . 
J 7 HOH 179 479 139 HOH HOH A . 
J 7 HOH 180 480 156 HOH HOH A . 
J 7 HOH 181 481 130 HOH HOH A . 
J 7 HOH 182 482 167 HOH HOH A . 
J 7 HOH 183 483 188 HOH HOH A . 
J 7 HOH 184 484 58  HOH HOH A . 
J 7 HOH 185 485 60  HOH HOH A . 
J 7 HOH 186 486 200 HOH HOH A . 
J 7 HOH 187 487 50  HOH HOH A . 
J 7 HOH 188 488 201 HOH HOH A . 
J 7 HOH 189 489 67  HOH HOH A . 
J 7 HOH 190 490 197 HOH HOH A . 
J 7 HOH 191 491 155 HOH HOH A . 
J 7 HOH 192 492 209 HOH HOH A . 
J 7 HOH 193 493 171 HOH HOH A . 
J 7 HOH 194 494 144 HOH HOH A . 
J 7 HOH 195 495 90  HOH HOH A . 
J 7 HOH 196 496 100 HOH HOH A . 
J 7 HOH 197 497 104 HOH HOH A . 
J 7 HOH 198 498 187 HOH HOH A . 
J 7 HOH 199 499 32  HOH HOH A . 
J 7 HOH 200 500 179 HOH HOH A . 
J 7 HOH 201 501 77  HOH HOH A . 
J 7 HOH 202 502 101 HOH HOH A . 
J 7 HOH 203 503 84  HOH HOH A . 
J 7 HOH 204 504 165 HOH HOH A . 
J 7 HOH 205 505 190 HOH HOH A . 
J 7 HOH 206 506 105 HOH HOH A . 
J 7 HOH 207 507 166 HOH HOH A . 
J 7 HOH 208 508 147 HOH HOH A . 
J 7 HOH 209 509 192 HOH HOH A . 
J 7 HOH 210 510 175 HOH HOH A . 
# 
loop_
_software.citation_id 
_software.classification 
_software.compiler_name 
_software.compiler_version 
_software.contact_author 
_software.contact_author_email 
_software.date 
_software.description 
_software.dependencies 
_software.hardware 
_software.language 
_software.location 
_software.mods 
_software.name 
_software.os 
_software.os_version 
_software.type 
_software.version 
_software.pdbx_ordinal 
? refinement       ? ? ? ? ? ? ? ? ? ? ? REFMAC  ? ? ? 5.8.0230 1 
? 'data reduction' ? ? ? ? ? ? ? ? ? ? ? iMOSFLM ? ? ? .        2 
? 'data scaling'   ? ? ? ? ? ? ? ? ? ? ? SCALA   ? ? ? .        3 
? phasing          ? ? ? ? ? ? ? ? ? ? ? PHASER  ? ? ? .        4 
# 
_cell.angle_alpha                  90.00 
_cell.angle_alpha_esd              ? 
_cell.angle_beta                   90.00 
_cell.angle_beta_esd               ? 
_cell.angle_gamma                  90.00 
_cell.angle_gamma_esd              ? 
_cell.entry_id                     6AGR 
_cell.details                      ? 
_cell.formula_units_Z              ? 
_cell.length_a                     78.520 
_cell.length_a_esd                 ? 
_cell.length_b                     78.520 
_cell.length_b_esd                 ? 
_cell.length_c                     36.760 
_cell.length_c_esd                 ? 
_cell.volume                       ? 
_cell.volume_esd                   ? 
_cell.Z_PDB                        8 
_cell.reciprocal_angle_alpha       ? 
_cell.reciprocal_angle_beta        ? 
_cell.reciprocal_angle_gamma       ? 
_cell.reciprocal_angle_alpha_esd   ? 
_cell.reciprocal_angle_beta_esd    ? 
_cell.reciprocal_angle_gamma_esd   ? 
_cell.reciprocal_length_a          ? 
_cell.reciprocal_length_b          ? 
_cell.reciprocal_length_c          ? 
_cell.reciprocal_length_a_esd      ? 
_cell.reciprocal_length_b_esd      ? 
_cell.reciprocal_length_c_esd      ? 
_cell.pdbx_unique_axis             ? 
# 
_symmetry.entry_id                         6AGR 
_symmetry.cell_setting                     ? 
_symmetry.Int_Tables_number                96 
_symmetry.space_group_name_Hall            ? 
_symmetry.space_group_name_H-M             'P 43 21 2' 
_symmetry.pdbx_full_space_group_name_H-M   ? 
# 
_exptl.absorpt_coefficient_mu     ? 
_exptl.absorpt_correction_T_max   ? 
_exptl.absorpt_correction_T_min   ? 
_exptl.absorpt_correction_type    ? 
_exptl.absorpt_process_details    ? 
_exptl.entry_id                   6AGR 
_exptl.crystals_number            1 
_exptl.details                    ? 
_exptl.method                     'X-RAY DIFFRACTION' 
_exptl.method_details             ? 
# 
_exptl_crystal.colour                      ? 
_exptl_crystal.density_diffrn              ? 
_exptl_crystal.density_Matthews            1.98 
_exptl_crystal.density_method              ? 
_exptl_crystal.density_percent_sol         37.78 
_exptl_crystal.description                 ? 
_exptl_crystal.F_000                       ? 
_exptl_crystal.id                          1 
_exptl_crystal.preparation                 ? 
_exptl_crystal.size_max                    ? 
_exptl_crystal.size_mid                    ? 
_exptl_crystal.size_min                    ? 
_exptl_crystal.size_rad                    ? 
_exptl_crystal.colour_lustre               ? 
_exptl_crystal.colour_modifier             ? 
_exptl_crystal.colour_primary              ? 
_exptl_crystal.density_meas                ? 
_exptl_crystal.density_meas_esd            ? 
_exptl_crystal.density_meas_gt             ? 
_exptl_crystal.density_meas_lt             ? 
_exptl_crystal.density_meas_temp           ? 
_exptl_crystal.density_meas_temp_esd       ? 
_exptl_crystal.density_meas_temp_gt        ? 
_exptl_crystal.density_meas_temp_lt        ? 
_exptl_crystal.pdbx_crystal_image_url      ? 
_exptl_crystal.pdbx_crystal_image_format   ? 
_exptl_crystal.pdbx_mosaicity              ? 
_exptl_crystal.pdbx_mosaicity_esd          ? 
# 
_exptl_crystal_grow.apparatus       ? 
_exptl_crystal_grow.atmosphere      ? 
_exptl_crystal_grow.crystal_id      1 
_exptl_crystal_grow.details         ? 
_exptl_crystal_grow.method          'VAPOR DIFFUSION, HANGING DROP' 
_exptl_crystal_grow.method_ref      ? 
_exptl_crystal_grow.pH              4.6 
_exptl_crystal_grow.pressure        ? 
_exptl_crystal_grow.pressure_esd    ? 
_exptl_crystal_grow.seeding         ? 
_exptl_crystal_grow.seeding_ref     ? 
_exptl_crystal_grow.temp            292 
_exptl_crystal_grow.temp_details    ? 
_exptl_crystal_grow.temp_esd        ? 
_exptl_crystal_grow.time            ? 
_exptl_crystal_grow.pdbx_details    '0.1 M sodium acetate pH 4.6, 2M NaCl' 
_exptl_crystal_grow.pdbx_pH_range   ? 
# 
_diffrn.ambient_environment              ? 
_diffrn.ambient_temp                     100 
_diffrn.ambient_temp_details             ? 
_diffrn.ambient_temp_esd                 ? 
_diffrn.crystal_id                       1 
_diffrn.crystal_support                  ? 
_diffrn.crystal_treatment                ? 
_diffrn.details                          ? 
_diffrn.id                               1 
_diffrn.ambient_pressure                 ? 
_diffrn.ambient_pressure_esd             ? 
_diffrn.ambient_pressure_gt              ? 
_diffrn.ambient_pressure_lt              ? 
_diffrn.ambient_temp_gt                  ? 
_diffrn.ambient_temp_lt                  ? 
_diffrn.pdbx_serial_crystal_experiment   N 
# 
_diffrn_detector.details                      ? 
_diffrn_detector.detector                     PIXEL 
_diffrn_detector.diffrn_id                    1 
_diffrn_detector.type                         'DECTRIS PILATUS 6M' 
_diffrn_detector.area_resol_mean              ? 
_diffrn_detector.dtime                        ? 
_diffrn_detector.pdbx_frames_total            ? 
_diffrn_detector.pdbx_collection_time_total   ? 
_diffrn_detector.pdbx_collection_date         2017-11-01 
_diffrn_detector.pdbx_frequency               ? 
# 
_diffrn_radiation.collimation                      ? 
_diffrn_radiation.diffrn_id                        1 
_diffrn_radiation.filter_edge                      ? 
_diffrn_radiation.inhomogeneity                    ? 
_diffrn_radiation.monochromator                    ? 
_diffrn_radiation.polarisn_norm                    ? 
_diffrn_radiation.polarisn_ratio                   ? 
_diffrn_radiation.probe                            ? 
_diffrn_radiation.type                             ? 
_diffrn_radiation.xray_symbol                      ? 
_diffrn_radiation.wavelength_id                    1 
_diffrn_radiation.pdbx_monochromatic_or_laue_m_l   M 
_diffrn_radiation.pdbx_wavelength_list             ? 
_diffrn_radiation.pdbx_wavelength                  ? 
_diffrn_radiation.pdbx_diffrn_protocol             'SINGLE WAVELENGTH' 
_diffrn_radiation.pdbx_analyzer                    ? 
_diffrn_radiation.pdbx_scattering_type             x-ray 
# 
_diffrn_radiation_wavelength.id           1 
_diffrn_radiation_wavelength.wavelength   0.979 
_diffrn_radiation_wavelength.wt           1.0 
# 
_diffrn_source.current                     ? 
_diffrn_source.details                     ? 
_diffrn_source.diffrn_id                   1 
_diffrn_source.power                       ? 
_diffrn_source.size                        ? 
_diffrn_source.source                      SYNCHROTRON 
_diffrn_source.target                      ? 
_diffrn_source.type                        'ALBA BEAMLINE XALOC' 
_diffrn_source.voltage                     ? 
_diffrn_source.take-off_angle              ? 
_diffrn_source.pdbx_wavelength_list        0.979 
_diffrn_source.pdbx_wavelength             ? 
_diffrn_source.pdbx_synchrotron_beamline   XALOC 
_diffrn_source.pdbx_synchrotron_site       ALBA 
# 
_reflns.B_iso_Wilson_estimate            ? 
_reflns.entry_id                         6AGR 
_reflns.data_reduction_details           ? 
_reflns.data_reduction_method            ? 
_reflns.d_resolution_high                1.22 
_reflns.d_resolution_low                 55.52 
_reflns.details                          ? 
_reflns.limit_h_max                      ? 
_reflns.limit_h_min                      ? 
_reflns.limit_k_max                      ? 
_reflns.limit_k_min                      ? 
_reflns.limit_l_max                      ? 
_reflns.limit_l_min                      ? 
_reflns.number_all                       ? 
_reflns.number_obs                       34989 
_reflns.observed_criterion               ? 
_reflns.observed_criterion_F_max         ? 
_reflns.observed_criterion_F_min         ? 
_reflns.observed_criterion_I_max         ? 
_reflns.observed_criterion_I_min         ? 
_reflns.observed_criterion_sigma_F       ? 
_reflns.observed_criterion_sigma_I       ? 
_reflns.percent_possible_obs             100 
_reflns.R_free_details                   ? 
_reflns.Rmerge_F_all                     ? 
_reflns.Rmerge_F_obs                     ? 
_reflns.Friedel_coverage                 ? 
_reflns.number_gt                        ? 
_reflns.threshold_expression             ? 
_reflns.pdbx_redundancy                  11.3 
_reflns.pdbx_Rmerge_I_obs                0.061 
_reflns.pdbx_Rmerge_I_all                ? 
_reflns.pdbx_Rsym_value                  ? 
_reflns.pdbx_netI_over_av_sigmaI         ? 
_reflns.pdbx_netI_over_sigmaI            18.5 
_reflns.pdbx_res_netI_over_av_sigmaI_2   ? 
_reflns.pdbx_res_netI_over_sigmaI_2      ? 
_reflns.pdbx_chi_squared                 ? 
_reflns.pdbx_scaling_rejects             ? 
_reflns.pdbx_d_res_high_opt              ? 
_reflns.pdbx_d_res_low_opt               ? 
_reflns.pdbx_d_res_opt_method            ? 
_reflns.phase_calculation_details        ? 
_reflns.pdbx_Rrim_I_all                  ? 
_reflns.pdbx_Rpim_I_all                  ? 
_reflns.pdbx_d_opt                       ? 
_reflns.pdbx_number_measured_all         ? 
_reflns.pdbx_diffrn_id                   1 
_reflns.pdbx_ordinal                     1 
_reflns.pdbx_CC_half                     ? 
_reflns.pdbx_R_split                     ? 
# 
_reflns_shell.d_res_high                  1.22 
_reflns_shell.d_res_low                   1.28 
_reflns_shell.meanI_over_sigI_all         ? 
_reflns_shell.meanI_over_sigI_obs         ? 
_reflns_shell.number_measured_all         ? 
_reflns_shell.number_measured_obs         ? 
_reflns_shell.number_possible             ? 
_reflns_shell.number_unique_all           ? 
_reflns_shell.number_unique_obs           4996 
_reflns_shell.percent_possible_all        ? 
_reflns_shell.percent_possible_obs        ? 
_reflns_shell.Rmerge_F_all                ? 
_reflns_shell.Rmerge_F_obs                ? 
_reflns_shell.Rmerge_I_all                ? 
_reflns_shell.Rmerge_I_obs                0.392 
_reflns_shell.meanI_over_sigI_gt          ? 
_reflns_shell.meanI_over_uI_all           ? 
_reflns_shell.meanI_over_uI_gt            ? 
_reflns_shell.number_measured_gt          ? 
_reflns_shell.number_unique_gt            ? 
_reflns_shell.percent_possible_gt         ? 
_reflns_shell.Rmerge_F_gt                 ? 
_reflns_shell.Rmerge_I_gt                 ? 
_reflns_shell.pdbx_redundancy             ? 
_reflns_shell.pdbx_Rsym_value             ? 
_reflns_shell.pdbx_chi_squared            ? 
_reflns_shell.pdbx_netI_over_sigmaI_all   ? 
_reflns_shell.pdbx_netI_over_sigmaI_obs   ? 
_reflns_shell.pdbx_Rrim_I_all             ? 
_reflns_shell.pdbx_Rpim_I_all             ? 
_reflns_shell.pdbx_rejects                ? 
_reflns_shell.pdbx_ordinal                1 
_reflns_shell.pdbx_diffrn_id              1 
_reflns_shell.pdbx_CC_half                ? 
_reflns_shell.pdbx_R_split                ? 
# 
_refine.aniso_B[1][1]                            -0.00 
_refine.aniso_B[1][2]                            0.00 
_refine.aniso_B[1][3]                            0.00 
_refine.aniso_B[2][2]                            -0.00 
_refine.aniso_B[2][3]                            0.00 
_refine.aniso_B[3][3]                            0.00 
_refine.B_iso_max                                ? 
_refine.B_iso_mean                               15.380 
_refine.B_iso_min                                ? 
_refine.correlation_coeff_Fo_to_Fc               0.977 
_refine.correlation_coeff_Fo_to_Fc_free          0.968 
_refine.details                                  'HYDROGENS HAVE BEEN ADDED IN THE RIDING POSITIONS' 
_refine.diff_density_max                         ? 
_refine.diff_density_max_esd                     ? 
_refine.diff_density_min                         ? 
_refine.diff_density_min_esd                     ? 
_refine.diff_density_rms                         ? 
_refine.diff_density_rms_esd                     ? 
_refine.entry_id                                 6AGR 
_refine.pdbx_refine_id                           'X-RAY DIFFRACTION' 
_refine.ls_abs_structure_details                 ? 
_refine.ls_abs_structure_Flack                   ? 
_refine.ls_abs_structure_Flack_esd               ? 
_refine.ls_abs_structure_Rogers                  ? 
_refine.ls_abs_structure_Rogers_esd              ? 
_refine.ls_d_res_high                            1.22 
_refine.ls_d_res_low                             55.52 
_refine.ls_extinction_coef                       ? 
_refine.ls_extinction_coef_esd                   ? 
_refine.ls_extinction_expression                 ? 
_refine.ls_extinction_method                     ? 
_refine.ls_goodness_of_fit_all                   ? 
_refine.ls_goodness_of_fit_all_esd               ? 
_refine.ls_goodness_of_fit_obs                   ? 
_refine.ls_goodness_of_fit_obs_esd               ? 
_refine.ls_hydrogen_treatment                    ? 
_refine.ls_matrix_type                           ? 
_refine.ls_number_constraints                    ? 
_refine.ls_number_parameters                     ? 
_refine.ls_number_reflns_all                     ? 
_refine.ls_number_reflns_obs                     33179 
_refine.ls_number_reflns_R_free                  1745 
_refine.ls_number_reflns_R_work                  ? 
_refine.ls_number_restraints                     ? 
_refine.ls_percent_reflns_obs                    99.95 
_refine.ls_percent_reflns_R_free                 5.0 
_refine.ls_R_factor_all                          ? 
_refine.ls_R_factor_obs                          0.15695 
_refine.ls_R_factor_R_free                       0.18238 
_refine.ls_R_factor_R_free_error                 ? 
_refine.ls_R_factor_R_free_error_details         ? 
_refine.ls_R_factor_R_work                       0.15568 
_refine.ls_R_Fsqd_factor_obs                     ? 
_refine.ls_R_I_factor_obs                        ? 
_refine.ls_redundancy_reflns_all                 ? 
_refine.ls_redundancy_reflns_obs                 ? 
_refine.ls_restrained_S_all                      ? 
_refine.ls_restrained_S_obs                      ? 
_refine.ls_shift_over_esd_max                    ? 
_refine.ls_shift_over_esd_mean                   ? 
_refine.ls_structure_factor_coef                 ? 
_refine.ls_weighting_details                     ? 
_refine.ls_weighting_scheme                      ? 
_refine.ls_wR_factor_all                         ? 
_refine.ls_wR_factor_obs                         ? 
_refine.ls_wR_factor_R_free                      ? 
_refine.ls_wR_factor_R_work                      ? 
_refine.occupancy_max                            ? 
_refine.occupancy_min                            ? 
_refine.solvent_model_details                    ? 
_refine.solvent_model_param_bsol                 ? 
_refine.solvent_model_param_ksol                 ? 
_refine.ls_R_factor_gt                           ? 
_refine.ls_goodness_of_fit_gt                    ? 
_refine.ls_goodness_of_fit_ref                   ? 
_refine.ls_shift_over_su_max                     ? 
_refine.ls_shift_over_su_max_lt                  ? 
_refine.ls_shift_over_su_mean                    ? 
_refine.ls_shift_over_su_mean_lt                 ? 
_refine.pdbx_ls_sigma_I                          ? 
_refine.pdbx_ls_sigma_F                          ? 
_refine.pdbx_ls_sigma_Fsqd                       ? 
_refine.pdbx_data_cutoff_high_absF               ? 
_refine.pdbx_data_cutoff_high_rms_absF           ? 
_refine.pdbx_data_cutoff_low_absF                ? 
_refine.pdbx_isotropic_thermal_model             ? 
_refine.pdbx_ls_cross_valid_method               THROUGHOUT 
_refine.pdbx_method_to_determine_struct          'MOLECULAR REPLACEMENT' 
_refine.pdbx_starting_model                      1DPX 
_refine.pdbx_stereochemistry_target_values       ? 
_refine.pdbx_R_Free_selection_details            RANDOM 
_refine.pdbx_stereochem_target_val_spec_case     ? 
_refine.pdbx_overall_ESU_R                       0.041 
_refine.pdbx_overall_ESU_R_Free                  0.044 
_refine.pdbx_solvent_vdw_probe_radii             1.20 
_refine.pdbx_solvent_ion_probe_radii             0.80 
_refine.pdbx_solvent_shrinkage_radii             0.80 
_refine.pdbx_real_space_R                        ? 
_refine.pdbx_density_correlation                 ? 
_refine.pdbx_pd_number_of_powder_patterns        ? 
_refine.pdbx_pd_number_of_points                 ? 
_refine.pdbx_pd_meas_number_of_points            ? 
_refine.pdbx_pd_proc_ls_prof_R_factor            ? 
_refine.pdbx_pd_proc_ls_prof_wR_factor           ? 
_refine.pdbx_pd_Marquardt_correlation_coeff      ? 
_refine.pdbx_pd_Fsqrd_R_factor                   ? 
_refine.pdbx_pd_ls_matrix_band_width             ? 
_refine.pdbx_overall_phase_error                 ? 
_refine.pdbx_overall_SU_R_free_Cruickshank_DPI   ? 
_refine.pdbx_overall_SU_R_free_Blow_DPI          ? 
_refine.pdbx_overall_SU_R_Blow_DPI               ? 
_refine.pdbx_TLS_residual_ADP_flag               ? 
_refine.pdbx_diffrn_id                           1 
_refine.overall_SU_B                             0.614 
_refine.overall_SU_ML                            0.028 
_refine.overall_SU_R_Cruickshank_DPI             ? 
_refine.overall_SU_R_free                        ? 
_refine.overall_FOM_free_R_set                   ? 
_refine.overall_FOM_work_R_set                   ? 
_refine.pdbx_average_fsc_overall                 ? 
_refine.pdbx_average_fsc_work                    ? 
_refine.pdbx_average_fsc_free                    ? 
# 
_refine_hist.pdbx_refine_id                   'X-RAY DIFFRACTION' 
_refine_hist.cycle_id                         1 
_refine_hist.details                          ? 
_refine_hist.d_res_high                       1.22 
_refine_hist.d_res_low                        55.52 
_refine_hist.number_atoms_solvent             210 
_refine_hist.number_atoms_total               1235 
_refine_hist.number_reflns_all                ? 
_refine_hist.number_reflns_obs                ? 
_refine_hist.number_reflns_R_free             ? 
_refine_hist.number_reflns_R_work             ? 
_refine_hist.R_factor_all                     ? 
_refine_hist.R_factor_obs                     ? 
_refine_hist.R_factor_R_free                  ? 
_refine_hist.R_factor_R_work                  ? 
_refine_hist.pdbx_number_residues_total       ? 
_refine_hist.pdbx_B_iso_mean_ligand           ? 
_refine_hist.pdbx_B_iso_mean_solvent          ? 
_refine_hist.pdbx_number_atoms_protein        1000 
_refine_hist.pdbx_number_atoms_nucleic_acid   0 
_refine_hist.pdbx_number_atoms_ligand         25 
_refine_hist.pdbx_number_atoms_lipid          ? 
_refine_hist.pdbx_number_atoms_carb           ? 
_refine_hist.pdbx_pseudo_atom_details         ? 
# 
loop_
_refine_ls_restr.pdbx_refine_id 
_refine_ls_restr.criterion 
_refine_ls_restr.dev_ideal 
_refine_ls_restr.dev_ideal_target 
_refine_ls_restr.number 
_refine_ls_restr.rejects 
_refine_ls_restr.type 
_refine_ls_restr.weight 
_refine_ls_restr.pdbx_restraint_function 
'X-RAY DIFFRACTION' ? 0.022  0.014  1080 ? r_bond_refined_d             ? ? 
'X-RAY DIFFRACTION' ? 0.005  0.018  928  ? r_bond_other_d               ? ? 
'X-RAY DIFFRACTION' ? 2.550  1.666  1454 ? r_angle_refined_deg          ? ? 
'X-RAY DIFFRACTION' ? 1.993  1.673  2184 ? r_angle_other_deg            ? ? 
'X-RAY DIFFRACTION' ? 6.465  5.000  128  ? r_dihedral_angle_1_deg       ? ? 
'X-RAY DIFFRACTION' ? 30.025 19.420 69   ? r_dihedral_angle_2_deg       ? ? 
'X-RAY DIFFRACTION' ? 14.886 15.000 183  ? r_dihedral_angle_3_deg       ? ? 
'X-RAY DIFFRACTION' ? 21.124 15.000 15   ? r_dihedral_angle_4_deg       ? ? 
'X-RAY DIFFRACTION' ? 0.149  0.200  137  ? r_chiral_restr               ? ? 
'X-RAY DIFFRACTION' ? 0.012  0.020  1229 ? r_gen_planes_refined         ? ? 
'X-RAY DIFFRACTION' ? 0.002  0.020  211  ? r_gen_planes_other           ? ? 
'X-RAY DIFFRACTION' ? ?      ?      ?    ? r_nbd_refined                ? ? 
'X-RAY DIFFRACTION' ? ?      ?      ?    ? r_nbd_other                  ? ? 
'X-RAY DIFFRACTION' ? ?      ?      ?    ? r_nbtor_refined              ? ? 
'X-RAY DIFFRACTION' ? ?      ?      ?    ? r_nbtor_other                ? ? 
'X-RAY DIFFRACTION' ? ?      ?      ?    ? r_xyhbond_nbd_refined        ? ? 
'X-RAY DIFFRACTION' ? ?      ?      ?    ? r_xyhbond_nbd_other          ? ? 
'X-RAY DIFFRACTION' ? ?      ?      ?    ? r_metal_ion_refined          ? ? 
'X-RAY DIFFRACTION' ? ?      ?      ?    ? r_metal_ion_other            ? ? 
'X-RAY DIFFRACTION' ? ?      ?      ?    ? r_symmetry_vdw_refined       ? ? 
'X-RAY DIFFRACTION' ? ?      ?      ?    ? r_symmetry_vdw_other         ? ? 
'X-RAY DIFFRACTION' ? ?      ?      ?    ? r_symmetry_hbond_refined     ? ? 
'X-RAY DIFFRACTION' ? ?      ?      ?    ? r_symmetry_hbond_other       ? ? 
'X-RAY DIFFRACTION' ? ?      ?      ?    ? r_symmetry_metal_ion_refined ? ? 
'X-RAY DIFFRACTION' ? ?      ?      ?    ? r_symmetry_metal_ion_other   ? ? 
'X-RAY DIFFRACTION' ? 1.503  1.276  518  ? r_mcbond_it                  ? ? 
'X-RAY DIFFRACTION' ? 1.375  1.259  514  ? r_mcbond_other               ? ? 
'X-RAY DIFFRACTION' ? 2.013  1.911  644  ? r_mcangle_it                 ? ? 
'X-RAY DIFFRACTION' ? 2.013  1.917  645  ? r_mcangle_other              ? ? 
'X-RAY DIFFRACTION' ? 2.477  1.578  561  ? r_scbond_it                  ? ? 
'X-RAY DIFFRACTION' ? 2.476  1.579  562  ? r_scbond_other               ? ? 
'X-RAY DIFFRACTION' ? ?      ?      ?    ? r_scangle_it                 ? ? 
'X-RAY DIFFRACTION' ? 3.580  2.253  810  ? r_scangle_other              ? ? 
'X-RAY DIFFRACTION' ? 5.234  17.555 1379 ? r_long_range_B_refined       ? ? 
'X-RAY DIFFRACTION' ? 5.232  17.556 1380 ? r_long_range_B_other         ? ? 
'X-RAY DIFFRACTION' ? ?      ?      ?    ? r_rigid_bond_restr           ? ? 
'X-RAY DIFFRACTION' ? ?      ?      ?    ? r_sphericity_free            ? ? 
'X-RAY DIFFRACTION' ? ?      ?      ?    ? r_sphericity_bonded          ? ? 
# 
_refine_ls_shell.pdbx_refine_id                   'X-RAY DIFFRACTION' 
_refine_ls_shell.d_res_high                       1.218 
_refine_ls_shell.d_res_low                        1.250 
_refine_ls_shell.number_reflns_all                ? 
_refine_ls_shell.number_reflns_obs                ? 
_refine_ls_shell.number_reflns_R_free             138 
_refine_ls_shell.number_reflns_R_work             2384 
_refine_ls_shell.percent_reflns_obs               99.80 
_refine_ls_shell.percent_reflns_R_free            ? 
_refine_ls_shell.R_factor_all                     ? 
_refine_ls_shell.R_factor_obs                     ? 
_refine_ls_shell.R_factor_R_free                  0.218 
_refine_ls_shell.R_factor_R_free_error            ? 
_refine_ls_shell.R_factor_R_work                  0.207 
_refine_ls_shell.redundancy_reflns_all            ? 
_refine_ls_shell.redundancy_reflns_obs            ? 
_refine_ls_shell.wR_factor_all                    ? 
_refine_ls_shell.wR_factor_obs                    ? 
_refine_ls_shell.wR_factor_R_free                 ? 
_refine_ls_shell.wR_factor_R_work                 ? 
_refine_ls_shell.pdbx_total_number_of_bins_used   20 
_refine_ls_shell.pdbx_phase_error                 ? 
_refine_ls_shell.pdbx_fsc_work                    ? 
_refine_ls_shell.pdbx_fsc_free                    ? 
# 
_struct.entry_id                     6AGR 
_struct.title                        'Structure of HEWL co-crystallised with phenylethyl alcohol' 
_struct.pdbx_model_details           ? 
_struct.pdbx_formula_weight          ? 
_struct.pdbx_formula_weight_method   ? 
_struct.pdbx_model_type_details      ? 
_struct.pdbx_CASP_flag               N 
# 
_struct_keywords.entry_id        6AGR 
_struct_keywords.text            'HEWL, phenylethyl alcohol, HYDROLASE' 
_struct_keywords.pdbx_keywords   HYDROLASE 
# 
loop_
_struct_asym.id 
_struct_asym.pdbx_blank_PDB_chainid_flag 
_struct_asym.pdbx_modified 
_struct_asym.entity_id 
_struct_asym.details 
A N N 1 ? 
B N N 2 ? 
C N N 2 ? 
D N N 3 ? 
E N N 3 ? 
F N N 3 ? 
G N N 4 ? 
H N N 5 ? 
I N N 6 ? 
J N N 7 ? 
# 
_struct_ref.id                         1 
_struct_ref.db_name                    UNP 
_struct_ref.db_code                    LYSC_CHICK 
_struct_ref.pdbx_db_accession          P00698 
_struct_ref.pdbx_db_isoform            ? 
_struct_ref.entity_id                  1 
_struct_ref.pdbx_seq_one_letter_code   
;KVFGRCELAAAMKRHGLDNYRGYSLGNWVCAAKFESNFNTQATNRNTDGSTDYGILQINSRWWCNDGRTPGSRNLCNIPC
SALLSSDITASVNCAKKIVSDGNGMNAWVAWRNRCKGTDVQAWIRGCRL
;
_struct_ref.pdbx_align_begin           19 
# 
_struct_ref_seq.align_id                      1 
_struct_ref_seq.ref_id                        1 
_struct_ref_seq.pdbx_PDB_id_code              6AGR 
_struct_ref_seq.pdbx_strand_id                A 
_struct_ref_seq.seq_align_beg                 1 
_struct_ref_seq.pdbx_seq_align_beg_ins_code   ? 
_struct_ref_seq.seq_align_end                 129 
_struct_ref_seq.pdbx_seq_align_end_ins_code   ? 
_struct_ref_seq.pdbx_db_accession             P00698 
_struct_ref_seq.db_align_beg                  19 
_struct_ref_seq.pdbx_db_align_beg_ins_code    ? 
_struct_ref_seq.db_align_end                  147 
_struct_ref_seq.pdbx_db_align_end_ins_code    ? 
_struct_ref_seq.pdbx_auth_seq_align_beg       1 
_struct_ref_seq.pdbx_auth_seq_align_end       129 
# 
_pdbx_struct_assembly.id                   1 
_pdbx_struct_assembly.details              author_defined_assembly 
_pdbx_struct_assembly.method_details       ? 
_pdbx_struct_assembly.oligomeric_details   monomeric 
_pdbx_struct_assembly.oligomeric_count     1 
# 
loop_
_pdbx_struct_assembly_prop.biol_id 
_pdbx_struct_assembly_prop.type 
_pdbx_struct_assembly_prop.value 
_pdbx_struct_assembly_prop.details 
1 'ABSA (A^2)' 1060 ? 
1 MORE         -36  ? 
1 'SSA (A^2)'  6570 ? 
# 
_pdbx_struct_assembly_gen.assembly_id       1 
_pdbx_struct_assembly_gen.oper_expression   1 
_pdbx_struct_assembly_gen.asym_id_list      A,B,C,D,E,F,G,H,I,J 
# 
_pdbx_struct_assembly_auth_evidence.id                     1 
_pdbx_struct_assembly_auth_evidence.assembly_id            1 
_pdbx_struct_assembly_auth_evidence.experimental_support   none 
_pdbx_struct_assembly_auth_evidence.details                ? 
# 
_pdbx_struct_oper_list.id                   1 
_pdbx_struct_oper_list.type                 'identity operation' 
_pdbx_struct_oper_list.name                 1_555 
_pdbx_struct_oper_list.symmetry_operation   x,y,z 
_pdbx_struct_oper_list.matrix[1][1]         1.0000000000 
_pdbx_struct_oper_list.matrix[1][2]         0.0000000000 
_pdbx_struct_oper_list.matrix[1][3]         0.0000000000 
_pdbx_struct_oper_list.vector[1]            0.0000000000 
_pdbx_struct_oper_list.matrix[2][1]         0.0000000000 
_pdbx_struct_oper_list.matrix[2][2]         1.0000000000 
_pdbx_struct_oper_list.matrix[2][3]         0.0000000000 
_pdbx_struct_oper_list.vector[2]            0.0000000000 
_pdbx_struct_oper_list.matrix[3][1]         0.0000000000 
_pdbx_struct_oper_list.matrix[3][2]         0.0000000000 
_pdbx_struct_oper_list.matrix[3][3]         1.0000000000 
_pdbx_struct_oper_list.vector[3]            0.0000000000 
# 
loop_
_struct_conf.conf_type_id 
_struct_conf.id 
_struct_conf.pdbx_PDB_helix_id 
_struct_conf.beg_label_comp_id 
_struct_conf.beg_label_asym_id 
_struct_conf.beg_label_seq_id 
_struct_conf.pdbx_beg_PDB_ins_code 
_struct_conf.end_label_comp_id 
_struct_conf.end_label_asym_id 
_struct_conf.end_label_seq_id 
_struct_conf.pdbx_end_PDB_ins_code 
_struct_conf.beg_auth_comp_id 
_struct_conf.beg_auth_asym_id 
_struct_conf.beg_auth_seq_id 
_struct_conf.end_auth_comp_id 
_struct_conf.end_auth_asym_id 
_struct_conf.end_auth_seq_id 
_struct_conf.pdbx_PDB_helix_class 
_struct_conf.details 
_struct_conf.pdbx_PDB_helix_length 
HELX_P HELX_P1 AA1 GLY A 4   ? HIS A 15  ? GLY A 4   HIS A 15  1 ? 12 
HELX_P HELX_P2 AA2 ASN A 19  ? TYR A 23  ? ASN A 19  TYR A 23  5 ? 5  
HELX_P HELX_P3 AA3 SER A 24  ? ASN A 37  ? SER A 24  ASN A 37  1 ? 14 
HELX_P HELX_P4 AA4 PRO A 79  ? SER A 85  ? PRO A 79  SER A 85  5 ? 7  
HELX_P HELX_P5 AA5 ILE A 88  ? SER A 100 ? ILE A 88  SER A 100 1 ? 13 
HELX_P HELX_P6 AA6 ASN A 103 ? ALA A 107 ? ASN A 103 ALA A 107 5 ? 5  
HELX_P HELX_P7 AA7 TRP A 108 ? CYS A 115 ? TRP A 108 CYS A 115 1 ? 8  
HELX_P HELX_P8 AA8 ASP A 119 ? ARG A 125 ? ASP A 119 ARG A 125 5 ? 7  
# 
_struct_conf_type.id          HELX_P 
_struct_conf_type.criteria    ? 
_struct_conf_type.reference   ? 
# 
loop_
_struct_conn.id 
_struct_conn.conn_type_id 
_struct_conn.pdbx_leaving_atom_flag 
_struct_conn.pdbx_PDB_id 
_struct_conn.ptnr1_label_asym_id 
_struct_conn.ptnr1_label_comp_id 
_struct_conn.ptnr1_label_seq_id 
_struct_conn.ptnr1_label_atom_id 
_struct_conn.pdbx_ptnr1_label_alt_id 
_struct_conn.pdbx_ptnr1_PDB_ins_code 
_struct_conn.pdbx_ptnr1_standard_comp_id 
_struct_conn.ptnr1_symmetry 
_struct_conn.ptnr2_label_asym_id 
_struct_conn.ptnr2_label_comp_id 
_struct_conn.ptnr2_label_seq_id 
_struct_conn.ptnr2_label_atom_id 
_struct_conn.pdbx_ptnr2_label_alt_id 
_struct_conn.pdbx_ptnr2_PDB_ins_code 
_struct_conn.ptnr1_auth_asym_id 
_struct_conn.ptnr1_auth_comp_id 
_struct_conn.ptnr1_auth_seq_id 
_struct_conn.ptnr2_auth_asym_id 
_struct_conn.ptnr2_auth_comp_id 
_struct_conn.ptnr2_auth_seq_id 
_struct_conn.ptnr2_symmetry 
_struct_conn.pdbx_ptnr3_label_atom_id 
_struct_conn.pdbx_ptnr3_label_seq_id 
_struct_conn.pdbx_ptnr3_label_comp_id 
_struct_conn.pdbx_ptnr3_label_asym_id 
_struct_conn.pdbx_ptnr3_label_alt_id 
_struct_conn.pdbx_ptnr3_PDB_ins_code 
_struct_conn.details 
_struct_conn.pdbx_dist_value 
_struct_conn.pdbx_value_order 
_struct_conn.pdbx_role 
disulf1 disulf ? ? A CYS 6  SG ? ? ? 1_555 A CYS 127 SG ? ? A CYS 6   A CYS 127 1_555 ? ? ? ? ? ? ? 2.033 ? ? 
disulf2 disulf ? ? A CYS 30 SG ? ? ? 1_555 A CYS 115 SG ? ? A CYS 30  A CYS 115 1_555 ? ? ? ? ? ? ? 2.072 ? ? 
disulf3 disulf ? ? A CYS 64 SG ? ? ? 1_555 A CYS 80  SG ? ? A CYS 64  A CYS 80  1_555 ? ? ? ? ? ? ? 2.056 ? ? 
disulf4 disulf ? ? A CYS 76 SG ? ? ? 1_555 A CYS 94  SG ? ? A CYS 76  A CYS 94  1_555 ? ? ? ? ? ? ? 2.035 ? ? 
metalc1 metalc ? ? A SER 60 O  ? ? ? 1_555 H NA  .   NA ? ? A SER 60  A NA  207 1_555 ? ? ? ? ? ? ? 2.312 ? ? 
metalc2 metalc ? ? A CYS 64 O  ? ? ? 1_555 H NA  .   NA ? ? A CYS 64  A NA  207 1_555 ? ? ? ? ? ? ? 2.401 ? ? 
metalc3 metalc ? ? A SER 72 OG ? ? ? 1_555 H NA  .   NA ? ? A SER 72  A NA  207 1_555 ? ? ? ? ? ? ? 2.522 ? ? 
metalc4 metalc ? ? A ARG 73 O  ? ? ? 1_555 H NA  .   NA ? ? A ARG 73  A NA  207 1_555 ? ? ? ? ? ? ? 2.407 ? ? 
metalc5 metalc ? ? H NA  .  NA ? ? ? 1_555 J HOH .   O  ? ? A NA  207 A HOH 365 1_555 ? ? ? ? ? ? ? 2.466 ? ? 
metalc6 metalc ? ? H NA  .  NA ? ? ? 1_555 J HOH .   O  ? ? A NA  207 A HOH 406 1_555 ? ? ? ? ? ? ? 2.420 ? ? 
# 
loop_
_struct_conn_type.id 
_struct_conn_type.criteria 
_struct_conn_type.reference 
disulf ? ? 
metalc ? ? 
# 
loop_
_pdbx_struct_conn_angle.id 
_pdbx_struct_conn_angle.ptnr1_label_atom_id 
_pdbx_struct_conn_angle.ptnr1_label_alt_id 
_pdbx_struct_conn_angle.ptnr1_label_asym_id 
_pdbx_struct_conn_angle.ptnr1_label_comp_id 
_pdbx_struct_conn_angle.ptnr1_label_seq_id 
_pdbx_struct_conn_angle.ptnr1_auth_atom_id 
_pdbx_struct_conn_angle.ptnr1_auth_asym_id 
_pdbx_struct_conn_angle.ptnr1_auth_comp_id 
_pdbx_struct_conn_angle.ptnr1_auth_seq_id 
_pdbx_struct_conn_angle.ptnr1_PDB_ins_code 
_pdbx_struct_conn_angle.ptnr1_symmetry 
_pdbx_struct_conn_angle.ptnr2_label_atom_id 
_pdbx_struct_conn_angle.ptnr2_label_alt_id 
_pdbx_struct_conn_angle.ptnr2_label_asym_id 
_pdbx_struct_conn_angle.ptnr2_label_comp_id 
_pdbx_struct_conn_angle.ptnr2_label_seq_id 
_pdbx_struct_conn_angle.ptnr2_auth_atom_id 
_pdbx_struct_conn_angle.ptnr2_auth_asym_id 
_pdbx_struct_conn_angle.ptnr2_auth_comp_id 
_pdbx_struct_conn_angle.ptnr2_auth_seq_id 
_pdbx_struct_conn_angle.ptnr2_PDB_ins_code 
_pdbx_struct_conn_angle.ptnr2_symmetry 
_pdbx_struct_conn_angle.ptnr3_label_atom_id 
_pdbx_struct_conn_angle.ptnr3_label_alt_id 
_pdbx_struct_conn_angle.ptnr3_label_asym_id 
_pdbx_struct_conn_angle.ptnr3_label_comp_id 
_pdbx_struct_conn_angle.ptnr3_label_seq_id 
_pdbx_struct_conn_angle.ptnr3_auth_atom_id 
_pdbx_struct_conn_angle.ptnr3_auth_asym_id 
_pdbx_struct_conn_angle.ptnr3_auth_comp_id 
_pdbx_struct_conn_angle.ptnr3_auth_seq_id 
_pdbx_struct_conn_angle.ptnr3_PDB_ins_code 
_pdbx_struct_conn_angle.ptnr3_symmetry 
_pdbx_struct_conn_angle.value 
_pdbx_struct_conn_angle.value_esd 
1  O  ? A SER 60 ? A SER 60  ? 1_555 NA ? H NA . ? A NA 207 ? 1_555 O  ? A CYS 64 ? A CYS 64  ? 1_555 89.8  ? 
2  O  ? A SER 60 ? A SER 60  ? 1_555 NA ? H NA . ? A NA 207 ? 1_555 OG ? A SER 72 ? A SER 72  ? 1_555 87.5  ? 
3  O  ? A CYS 64 ? A CYS 64  ? 1_555 NA ? H NA . ? A NA 207 ? 1_555 OG ? A SER 72 ? A SER 72  ? 1_555 167.0 ? 
4  O  ? A SER 60 ? A SER 60  ? 1_555 NA ? H NA . ? A NA 207 ? 1_555 O  ? A ARG 73 ? A ARG 73  ? 1_555 90.8  ? 
5  O  ? A CYS 64 ? A CYS 64  ? 1_555 NA ? H NA . ? A NA 207 ? 1_555 O  ? A ARG 73 ? A ARG 73  ? 1_555 91.7  ? 
6  OG ? A SER 72 ? A SER 72  ? 1_555 NA ? H NA . ? A NA 207 ? 1_555 O  ? A ARG 73 ? A ARG 73  ? 1_555 101.0 ? 
7  O  ? A SER 60 ? A SER 60  ? 1_555 NA ? H NA . ? A NA 207 ? 1_555 O  ? J HOH .  ? A HOH 365 ? 1_555 101.7 ? 
8  O  ? A CYS 64 ? A CYS 64  ? 1_555 NA ? H NA . ? A NA 207 ? 1_555 O  ? J HOH .  ? A HOH 365 ? 1_555 88.6  ? 
9  OG ? A SER 72 ? A SER 72  ? 1_555 NA ? H NA . ? A NA 207 ? 1_555 O  ? J HOH .  ? A HOH 365 ? 1_555 79.5  ? 
10 O  ? A ARG 73 ? A ARG 73  ? 1_555 NA ? H NA . ? A NA 207 ? 1_555 O  ? J HOH .  ? A HOH 365 ? 1_555 167.5 ? 
11 O  ? A SER 60 ? A SER 60  ? 1_555 NA ? H NA . ? A NA 207 ? 1_555 O  ? J HOH .  ? A HOH 406 ? 1_555 173.0 ? 
12 O  ? A CYS 64 ? A CYS 64  ? 1_555 NA ? H NA . ? A NA 207 ? 1_555 O  ? J HOH .  ? A HOH 406 ? 1_555 97.2  ? 
13 OG ? A SER 72 ? A SER 72  ? 1_555 NA ? H NA . ? A NA 207 ? 1_555 O  ? J HOH .  ? A HOH 406 ? 1_555 85.5  ? 
14 O  ? A ARG 73 ? A ARG 73  ? 1_555 NA ? H NA . ? A NA 207 ? 1_555 O  ? J HOH .  ? A HOH 406 ? 1_555 89.8  ? 
15 O  ? J HOH .  ? A HOH 365 ? 1_555 NA ? H NA . ? A NA 207 ? 1_555 O  ? J HOH .  ? A HOH 406 ? 1_555 77.8  ? 
# 
loop_
_pdbx_modification_feature.ordinal 
_pdbx_modification_feature.label_comp_id 
_pdbx_modification_feature.label_asym_id 
_pdbx_modification_feature.label_seq_id 
_pdbx_modification_feature.label_alt_id 
_pdbx_modification_feature.modified_residue_label_comp_id 
_pdbx_modification_feature.modified_residue_label_asym_id 
_pdbx_modification_feature.modified_residue_label_seq_id 
_pdbx_modification_feature.modified_residue_label_alt_id 
_pdbx_modification_feature.auth_comp_id 
_pdbx_modification_feature.auth_asym_id 
_pdbx_modification_feature.auth_seq_id 
_pdbx_modification_feature.PDB_ins_code 
_pdbx_modification_feature.symmetry 
_pdbx_modification_feature.modified_residue_auth_comp_id 
_pdbx_modification_feature.modified_residue_auth_asym_id 
_pdbx_modification_feature.modified_residue_auth_seq_id 
_pdbx_modification_feature.modified_residue_PDB_ins_code 
_pdbx_modification_feature.modified_residue_symmetry 
_pdbx_modification_feature.comp_id_linking_atom 
_pdbx_modification_feature.modified_residue_id_linking_atom 
_pdbx_modification_feature.modified_residue_id 
_pdbx_modification_feature.ref_pcm_id 
_pdbx_modification_feature.ref_comp_id 
_pdbx_modification_feature.type 
_pdbx_modification_feature.category 
1 CYS A 6  ? CYS A 127 ? CYS A 6  ? 1_555 CYS A 127 ? 1_555 SG SG . . . None 'Disulfide bridge' 
2 CYS A 30 ? CYS A 115 ? CYS A 30 ? 1_555 CYS A 115 ? 1_555 SG SG . . . None 'Disulfide bridge' 
3 CYS A 64 ? CYS A 80  ? CYS A 64 ? 1_555 CYS A 80  ? 1_555 SG SG . . . None 'Disulfide bridge' 
4 CYS A 76 ? CYS A 94  ? CYS A 76 ? 1_555 CYS A 94  ? 1_555 SG SG . . . None 'Disulfide bridge' 
# 
_struct_sheet.id               AA1 
_struct_sheet.type             ? 
_struct_sheet.number_strands   3 
_struct_sheet.details          ? 
# 
loop_
_struct_sheet_order.sheet_id 
_struct_sheet_order.range_id_1 
_struct_sheet_order.range_id_2 
_struct_sheet_order.offset 
_struct_sheet_order.sense 
AA1 1 2 ? anti-parallel 
AA1 2 3 ? anti-parallel 
# 
loop_
_struct_sheet_range.sheet_id 
_struct_sheet_range.id 
_struct_sheet_range.beg_label_comp_id 
_struct_sheet_range.beg_label_asym_id 
_struct_sheet_range.beg_label_seq_id 
_struct_sheet_range.pdbx_beg_PDB_ins_code 
_struct_sheet_range.end_label_comp_id 
_struct_sheet_range.end_label_asym_id 
_struct_sheet_range.end_label_seq_id 
_struct_sheet_range.pdbx_end_PDB_ins_code 
_struct_sheet_range.beg_auth_comp_id 
_struct_sheet_range.beg_auth_asym_id 
_struct_sheet_range.beg_auth_seq_id 
_struct_sheet_range.end_auth_comp_id 
_struct_sheet_range.end_auth_asym_id 
_struct_sheet_range.end_auth_seq_id 
AA1 1 THR A 43 ? ARG A 45 ? THR A 43 ARG A 45 
AA1 2 THR A 51 ? TYR A 53 ? THR A 51 TYR A 53 
AA1 3 ILE A 58 ? ASN A 59 ? ILE A 58 ASN A 59 
# 
loop_
_pdbx_struct_sheet_hbond.sheet_id 
_pdbx_struct_sheet_hbond.range_id_1 
_pdbx_struct_sheet_hbond.range_id_2 
_pdbx_struct_sheet_hbond.range_1_label_atom_id 
_pdbx_struct_sheet_hbond.range_1_label_comp_id 
_pdbx_struct_sheet_hbond.range_1_label_asym_id 
_pdbx_struct_sheet_hbond.range_1_label_seq_id 
_pdbx_struct_sheet_hbond.range_1_PDB_ins_code 
_pdbx_struct_sheet_hbond.range_1_auth_atom_id 
_pdbx_struct_sheet_hbond.range_1_auth_comp_id 
_pdbx_struct_sheet_hbond.range_1_auth_asym_id 
_pdbx_struct_sheet_hbond.range_1_auth_seq_id 
_pdbx_struct_sheet_hbond.range_2_label_atom_id 
_pdbx_struct_sheet_hbond.range_2_label_comp_id 
_pdbx_struct_sheet_hbond.range_2_label_asym_id 
_pdbx_struct_sheet_hbond.range_2_label_seq_id 
_pdbx_struct_sheet_hbond.range_2_PDB_ins_code 
_pdbx_struct_sheet_hbond.range_2_auth_atom_id 
_pdbx_struct_sheet_hbond.range_2_auth_comp_id 
_pdbx_struct_sheet_hbond.range_2_auth_asym_id 
_pdbx_struct_sheet_hbond.range_2_auth_seq_id 
AA1 1 2 N ASN A 44 ? N ASN A 44 O ASP A 52 ? O ASP A 52 
AA1 2 3 N TYR A 53 ? N TYR A 53 O ILE A 58 ? O ILE A 58 
# 
loop_
_struct_site.id 
_struct_site.pdbx_evidence_code 
_struct_site.pdbx_auth_asym_id 
_struct_site.pdbx_auth_comp_id 
_struct_site.pdbx_auth_seq_id 
_struct_site.pdbx_auth_ins_code 
_struct_site.pdbx_num_residues 
_struct_site.details 
AC1 Software A EDO 201 ? 7 'binding site for residue EDO A 201' 
AC2 Software A EDO 202 ? 1 'binding site for residue EDO A 202' 
AC3 Software A CL  203 ? 2 'binding site for residue CL A 203'  
AC4 Software A CL  204 ? 3 'binding site for residue CL A 204'  
AC5 Software A CL  205 ? 5 'binding site for residue CL A 205'  
AC6 Software A PEL 206 ? 8 'binding site for residue PEL A 206' 
AC7 Software A NA  207 ? 6 'binding site for residue NA A 207'  
AC8 Software A ACT 208 ? 5 'binding site for residue ACT A 208' 
# 
loop_
_struct_site_gen.id 
_struct_site_gen.site_id 
_struct_site_gen.pdbx_num_res 
_struct_site_gen.label_comp_id 
_struct_site_gen.label_asym_id 
_struct_site_gen.label_seq_id 
_struct_site_gen.pdbx_auth_ins_code 
_struct_site_gen.auth_comp_id 
_struct_site_gen.auth_asym_id 
_struct_site_gen.auth_seq_id 
_struct_site_gen.label_atom_id 
_struct_site_gen.label_alt_id 
_struct_site_gen.symmetry 
_struct_site_gen.details 
1  AC1 7 ILE A 58  ? ILE A 58  . ? 1_555 ? 
2  AC1 7 ASN A 59  ? ASN A 59  . ? 1_555 ? 
3  AC1 7 TRP A 63  ? TRP A 63  . ? 1_555 ? 
4  AC1 7 ALA A 107 ? ALA A 107 . ? 1_555 ? 
5  AC1 7 TRP A 108 ? TRP A 108 . ? 1_555 ? 
6  AC1 7 HOH J .   ? HOH A 325 . ? 1_555 ? 
7  AC1 7 HOH J .   ? HOH A 422 . ? 1_555 ? 
8  AC2 1 TRP A 62  ? TRP A 62  . ? 1_555 ? 
9  AC3 2 TYR A 23  ? TYR A 23  . ? 1_555 ? 
10 AC3 2 ASN A 113 ? ASN A 113 . ? 4_445 ? 
11 AC4 3 SER A 24  ? SER A 24  . ? 1_555 ? 
12 AC4 3 GLY A 26  ? GLY A 26  . ? 1_555 ? 
13 AC4 3 GLN A 121 ? GLN A 121 . ? 1_555 ? 
14 AC5 5 ASN A 65  ? ASN A 65  . ? 1_555 ? 
15 AC5 5 GLY A 67  ? GLY A 67  . ? 1_555 ? 
16 AC5 5 ARG A 68  ? ARG A 68  . ? 1_555 ? 
17 AC5 5 THR A 69  ? THR A 69  . ? 1_555 ? 
18 AC5 5 SER A 72  ? SER A 72  . ? 1_555 ? 
19 AC6 8 THR A 43  ? THR A 43  . ? 1_555 ? 
20 AC6 8 THR A 43  ? THR A 43  . ? 8_554 ? 
21 AC6 8 ASN A 44  ? ASN A 44  . ? 1_555 ? 
22 AC6 8 ASN A 44  ? ASN A 44  . ? 8_554 ? 
23 AC6 8 ARG A 45  ? ARG A 45  . ? 8_554 ? 
24 AC6 8 ARG A 45  ? ARG A 45  . ? 1_555 ? 
25 AC6 8 ARG A 68  ? ARG A 68  . ? 1_555 ? 
26 AC6 8 HOH J .   ? HOH A 333 . ? 1_555 ? 
27 AC7 6 SER A 60  ? SER A 60  . ? 1_555 ? 
28 AC7 6 CYS A 64  ? CYS A 64  . ? 1_555 ? 
29 AC7 6 SER A 72  ? SER A 72  . ? 1_555 ? 
30 AC7 6 ARG A 73  ? ARG A 73  . ? 1_555 ? 
31 AC7 6 HOH J .   ? HOH A 365 . ? 1_555 ? 
32 AC7 6 HOH J .   ? HOH A 406 . ? 1_555 ? 
33 AC8 5 ARG A 73  ? ARG A 73  . ? 1_555 ? 
34 AC8 5 ASN A 74  ? ASN A 74  . ? 1_555 ? 
35 AC8 5 LEU A 75  ? LEU A 75  . ? 1_555 ? 
36 AC8 5 HOH J .   ? HOH A 301 . ? 1_555 ? 
37 AC8 5 HOH J .   ? HOH A 420 . ? 1_555 ? 
# 
_pdbx_entry_details.entry_id                   6AGR 
_pdbx_entry_details.compound_details           ? 
_pdbx_entry_details.source_details             ? 
_pdbx_entry_details.nonpolymer_details         ? 
_pdbx_entry_details.sequence_details           ? 
_pdbx_entry_details.has_ligand_of_interest     ? 
_pdbx_entry_details.has_protein_modification   Y 
# 
loop_
_pdbx_validate_close_contact.id 
_pdbx_validate_close_contact.PDB_model_num 
_pdbx_validate_close_contact.auth_atom_id_1 
_pdbx_validate_close_contact.auth_asym_id_1 
_pdbx_validate_close_contact.auth_comp_id_1 
_pdbx_validate_close_contact.auth_seq_id_1 
_pdbx_validate_close_contact.PDB_ins_code_1 
_pdbx_validate_close_contact.label_alt_id_1 
_pdbx_validate_close_contact.auth_atom_id_2 
_pdbx_validate_close_contact.auth_asym_id_2 
_pdbx_validate_close_contact.auth_comp_id_2 
_pdbx_validate_close_contact.auth_seq_id_2 
_pdbx_validate_close_contact.PDB_ins_code_2 
_pdbx_validate_close_contact.label_alt_id_2 
_pdbx_validate_close_contact.dist 
1 1 O A HOH 325 ? ? O A HOH 414 ? ? 1.54 
2 1 O A ACT 208 ? ? O A HOH 301 ? ? 1.82 
3 1 O A HOH 354 ? ? O A HOH 355 ? ? 2.04 
4 1 O A HOH 316 ? ? O A HOH 493 ? ? 2.19 
# 
loop_
_pdbx_validate_symm_contact.id 
_pdbx_validate_symm_contact.PDB_model_num 
_pdbx_validate_symm_contact.auth_atom_id_1 
_pdbx_validate_symm_contact.auth_asym_id_1 
_pdbx_validate_symm_contact.auth_comp_id_1 
_pdbx_validate_symm_contact.auth_seq_id_1 
_pdbx_validate_symm_contact.PDB_ins_code_1 
_pdbx_validate_symm_contact.label_alt_id_1 
_pdbx_validate_symm_contact.site_symmetry_1 
_pdbx_validate_symm_contact.auth_atom_id_2 
_pdbx_validate_symm_contact.auth_asym_id_2 
_pdbx_validate_symm_contact.auth_comp_id_2 
_pdbx_validate_symm_contact.auth_seq_id_2 
_pdbx_validate_symm_contact.PDB_ins_code_2 
_pdbx_validate_symm_contact.label_alt_id_2 
_pdbx_validate_symm_contact.site_symmetry_2 
_pdbx_validate_symm_contact.dist 
1 1 O     A HOH 335 ? ? 1_555 O  A HOH 465 ? ? 3_454 1.82 
2 1 O     A HOH 470 ? ? 1_555 O  A HOH 470 ? ? 7_554 1.86 
3 1 "C5'" A PEL 206 ? ? 1_555 CA A PEL 206 ? ? 8_554 1.95 
4 1 "C6'" A PEL 206 ? ? 1_555 CA A PEL 206 ? ? 8_554 2.04 
5 1 O     A HOH 384 ? ? 1_555 O  A HOH 451 ? ? 8_554 2.17 
# 
loop_
_pdbx_validate_rmsd_angle.id 
_pdbx_validate_rmsd_angle.PDB_model_num 
_pdbx_validate_rmsd_angle.auth_atom_id_1 
_pdbx_validate_rmsd_angle.auth_asym_id_1 
_pdbx_validate_rmsd_angle.auth_comp_id_1 
_pdbx_validate_rmsd_angle.auth_seq_id_1 
_pdbx_validate_rmsd_angle.PDB_ins_code_1 
_pdbx_validate_rmsd_angle.label_alt_id_1 
_pdbx_validate_rmsd_angle.auth_atom_id_2 
_pdbx_validate_rmsd_angle.auth_asym_id_2 
_pdbx_validate_rmsd_angle.auth_comp_id_2 
_pdbx_validate_rmsd_angle.auth_seq_id_2 
_pdbx_validate_rmsd_angle.PDB_ins_code_2 
_pdbx_validate_rmsd_angle.label_alt_id_2 
_pdbx_validate_rmsd_angle.auth_atom_id_3 
_pdbx_validate_rmsd_angle.auth_asym_id_3 
_pdbx_validate_rmsd_angle.auth_comp_id_3 
_pdbx_validate_rmsd_angle.auth_seq_id_3 
_pdbx_validate_rmsd_angle.PDB_ins_code_3 
_pdbx_validate_rmsd_angle.label_alt_id_3 
_pdbx_validate_rmsd_angle.angle_value 
_pdbx_validate_rmsd_angle.angle_target_value 
_pdbx_validate_rmsd_angle.angle_deviation 
_pdbx_validate_rmsd_angle.angle_standard_deviation 
_pdbx_validate_rmsd_angle.linker_flag 
1 1 NE A ARG 14  ? B CZ A ARG 14  ? B NH1 A ARG 14  ? B 125.28 120.30 4.98  0.50 N 
2 1 NE A ARG 14  ? B CZ A ARG 14  ? B NH2 A ARG 14  ? B 116.07 120.30 -4.23 0.50 N 
3 1 CB A ASP 18  ? ? CG A ASP 18  ? ? OD1 A ASP 18  ? ? 124.72 118.30 6.42  0.90 N 
4 1 CB A ASP 18  ? ? CG A ASP 18  ? ? OD2 A ASP 18  ? ? 112.17 118.30 -6.13 0.90 N 
5 1 NE A ARG 45  ? B CZ A ARG 45  ? B NH1 A ARG 45  ? B 117.02 120.30 -3.28 0.50 N 
6 1 NE A ARG 45  ? B CZ A ARG 45  ? B NH2 A ARG 45  ? B 125.04 120.30 4.74  0.50 N 
7 1 NE A ARG 61  ? ? CZ A ARG 61  ? ? NH2 A ARG 61  ? ? 123.79 120.30 3.49  0.50 N 
8 1 NE A ARG 112 ? ? CZ A ARG 112 ? ? NH1 A ARG 112 ? ? 123.85 120.30 3.55  0.50 N 
9 1 NE A ARG 112 ? ? CZ A ARG 112 ? ? NH2 A ARG 112 ? ? 116.28 120.30 -4.02 0.50 N 
# 
_pdbx_validate_planes.id              1 
_pdbx_validate_planes.PDB_model_num   1 
_pdbx_validate_planes.auth_comp_id    ARG 
_pdbx_validate_planes.auth_asym_id    A 
_pdbx_validate_planes.auth_seq_id     68 
_pdbx_validate_planes.PDB_ins_code    ? 
_pdbx_validate_planes.label_alt_id    ? 
_pdbx_validate_planes.rmsd            0.120 
_pdbx_validate_planes.type            'SIDE CHAIN' 
# 
loop_
_pdbx_struct_special_symmetry.id 
_pdbx_struct_special_symmetry.PDB_model_num 
_pdbx_struct_special_symmetry.auth_asym_id 
_pdbx_struct_special_symmetry.auth_comp_id 
_pdbx_struct_special_symmetry.auth_seq_id 
_pdbx_struct_special_symmetry.PDB_ins_code 
_pdbx_struct_special_symmetry.label_asym_id 
_pdbx_struct_special_symmetry.label_comp_id 
_pdbx_struct_special_symmetry.label_seq_id 
1 1 A PEL 206 ? G PEL . 
2 1 A HOH 392 ? J HOH . 
3 1 A HOH 501 ? J HOH . 
4 1 A HOH 505 ? J HOH . 
5 1 A HOH 507 ? J HOH . 
6 1 A HOH 508 ? J HOH . 
# 
loop_
_pdbx_distant_solvent_atoms.id 
_pdbx_distant_solvent_atoms.PDB_model_num 
_pdbx_distant_solvent_atoms.auth_atom_id 
_pdbx_distant_solvent_atoms.label_alt_id 
_pdbx_distant_solvent_atoms.auth_asym_id 
_pdbx_distant_solvent_atoms.auth_comp_id 
_pdbx_distant_solvent_atoms.auth_seq_id 
_pdbx_distant_solvent_atoms.PDB_ins_code 
_pdbx_distant_solvent_atoms.neighbor_macromolecule_distance 
_pdbx_distant_solvent_atoms.neighbor_ligand_distance 
1 1 O ? A HOH 507 ? 5.93 . 
2 1 O ? A HOH 508 ? 6.26 . 
3 1 O ? A HOH 509 ? 6.28 . 
4 1 O ? A HOH 510 ? 6.46 . 
# 
loop_
_chem_comp_atom.comp_id 
_chem_comp_atom.atom_id 
_chem_comp_atom.type_symbol 
_chem_comp_atom.pdbx_aromatic_flag 
_chem_comp_atom.pdbx_stereo_config 
_chem_comp_atom.pdbx_ordinal 
ACT C     C  N N 1   
ACT O     O  N N 2   
ACT OXT   O  N N 3   
ACT CH3   C  N N 4   
ACT H1    H  N N 5   
ACT H2    H  N N 6   
ACT H3    H  N N 7   
ALA N     N  N N 8   
ALA CA    C  N S 9   
ALA C     C  N N 10  
ALA O     O  N N 11  
ALA CB    C  N N 12  
ALA OXT   O  N N 13  
ALA H     H  N N 14  
ALA H2    H  N N 15  
ALA HA    H  N N 16  
ALA HB1   H  N N 17  
ALA HB2   H  N N 18  
ALA HB3   H  N N 19  
ALA HXT   H  N N 20  
ARG N     N  N N 21  
ARG CA    C  N S 22  
ARG C     C  N N 23  
ARG O     O  N N 24  
ARG CB    C  N N 25  
ARG CG    C  N N 26  
ARG CD    C  N N 27  
ARG NE    N  N N 28  
ARG CZ    C  N N 29  
ARG NH1   N  N N 30  
ARG NH2   N  N N 31  
ARG OXT   O  N N 32  
ARG H     H  N N 33  
ARG H2    H  N N 34  
ARG HA    H  N N 35  
ARG HB2   H  N N 36  
ARG HB3   H  N N 37  
ARG HG2   H  N N 38  
ARG HG3   H  N N 39  
ARG HD2   H  N N 40  
ARG HD3   H  N N 41  
ARG HE    H  N N 42  
ARG HH11  H  N N 43  
ARG HH12  H  N N 44  
ARG HH21  H  N N 45  
ARG HH22  H  N N 46  
ARG HXT   H  N N 47  
ASN N     N  N N 48  
ASN CA    C  N S 49  
ASN C     C  N N 50  
ASN O     O  N N 51  
ASN CB    C  N N 52  
ASN CG    C  N N 53  
ASN OD1   O  N N 54  
ASN ND2   N  N N 55  
ASN OXT   O  N N 56  
ASN H     H  N N 57  
ASN H2    H  N N 58  
ASN HA    H  N N 59  
ASN HB2   H  N N 60  
ASN HB3   H  N N 61  
ASN HD21  H  N N 62  
ASN HD22  H  N N 63  
ASN HXT   H  N N 64  
ASP N     N  N N 65  
ASP CA    C  N S 66  
ASP C     C  N N 67  
ASP O     O  N N 68  
ASP CB    C  N N 69  
ASP CG    C  N N 70  
ASP OD1   O  N N 71  
ASP OD2   O  N N 72  
ASP OXT   O  N N 73  
ASP H     H  N N 74  
ASP H2    H  N N 75  
ASP HA    H  N N 76  
ASP HB2   H  N N 77  
ASP HB3   H  N N 78  
ASP HD2   H  N N 79  
ASP HXT   H  N N 80  
CL  CL    CL N N 81  
CYS N     N  N N 82  
CYS CA    C  N R 83  
CYS C     C  N N 84  
CYS O     O  N N 85  
CYS CB    C  N N 86  
CYS SG    S  N N 87  
CYS OXT   O  N N 88  
CYS H     H  N N 89  
CYS H2    H  N N 90  
CYS HA    H  N N 91  
CYS HB2   H  N N 92  
CYS HB3   H  N N 93  
CYS HG    H  N N 94  
CYS HXT   H  N N 95  
EDO C1    C  N N 96  
EDO O1    O  N N 97  
EDO C2    C  N N 98  
EDO O2    O  N N 99  
EDO H11   H  N N 100 
EDO H12   H  N N 101 
EDO HO1   H  N N 102 
EDO H21   H  N N 103 
EDO H22   H  N N 104 
EDO HO2   H  N N 105 
GLN N     N  N N 106 
GLN CA    C  N S 107 
GLN C     C  N N 108 
GLN O     O  N N 109 
GLN CB    C  N N 110 
GLN CG    C  N N 111 
GLN CD    C  N N 112 
GLN OE1   O  N N 113 
GLN NE2   N  N N 114 
GLN OXT   O  N N 115 
GLN H     H  N N 116 
GLN H2    H  N N 117 
GLN HA    H  N N 118 
GLN HB2   H  N N 119 
GLN HB3   H  N N 120 
GLN HG2   H  N N 121 
GLN HG3   H  N N 122 
GLN HE21  H  N N 123 
GLN HE22  H  N N 124 
GLN HXT   H  N N 125 
GLU N     N  N N 126 
GLU CA    C  N S 127 
GLU C     C  N N 128 
GLU O     O  N N 129 
GLU CB    C  N N 130 
GLU CG    C  N N 131 
GLU CD    C  N N 132 
GLU OE1   O  N N 133 
GLU OE2   O  N N 134 
GLU OXT   O  N N 135 
GLU H     H  N N 136 
GLU H2    H  N N 137 
GLU HA    H  N N 138 
GLU HB2   H  N N 139 
GLU HB3   H  N N 140 
GLU HG2   H  N N 141 
GLU HG3   H  N N 142 
GLU HE2   H  N N 143 
GLU HXT   H  N N 144 
GLY N     N  N N 145 
GLY CA    C  N N 146 
GLY C     C  N N 147 
GLY O     O  N N 148 
GLY OXT   O  N N 149 
GLY H     H  N N 150 
GLY H2    H  N N 151 
GLY HA2   H  N N 152 
GLY HA3   H  N N 153 
GLY HXT   H  N N 154 
HIS N     N  N N 155 
HIS CA    C  N S 156 
HIS C     C  N N 157 
HIS O     O  N N 158 
HIS CB    C  N N 159 
HIS CG    C  Y N 160 
HIS ND1   N  Y N 161 
HIS CD2   C  Y N 162 
HIS CE1   C  Y N 163 
HIS NE2   N  Y N 164 
HIS OXT   O  N N 165 
HIS H     H  N N 166 
HIS H2    H  N N 167 
HIS HA    H  N N 168 
HIS HB2   H  N N 169 
HIS HB3   H  N N 170 
HIS HD1   H  N N 171 
HIS HD2   H  N N 172 
HIS HE1   H  N N 173 
HIS HE2   H  N N 174 
HIS HXT   H  N N 175 
HOH O     O  N N 176 
HOH H1    H  N N 177 
HOH H2    H  N N 178 
ILE N     N  N N 179 
ILE CA    C  N S 180 
ILE C     C  N N 181 
ILE O     O  N N 182 
ILE CB    C  N S 183 
ILE CG1   C  N N 184 
ILE CG2   C  N N 185 
ILE CD1   C  N N 186 
ILE OXT   O  N N 187 
ILE H     H  N N 188 
ILE H2    H  N N 189 
ILE HA    H  N N 190 
ILE HB    H  N N 191 
ILE HG12  H  N N 192 
ILE HG13  H  N N 193 
ILE HG21  H  N N 194 
ILE HG22  H  N N 195 
ILE HG23  H  N N 196 
ILE HD11  H  N N 197 
ILE HD12  H  N N 198 
ILE HD13  H  N N 199 
ILE HXT   H  N N 200 
LEU N     N  N N 201 
LEU CA    C  N S 202 
LEU C     C  N N 203 
LEU O     O  N N 204 
LEU CB    C  N N 205 
LEU CG    C  N N 206 
LEU CD1   C  N N 207 
LEU CD2   C  N N 208 
LEU OXT   O  N N 209 
LEU H     H  N N 210 
LEU H2    H  N N 211 
LEU HA    H  N N 212 
LEU HB2   H  N N 213 
LEU HB3   H  N N 214 
LEU HG    H  N N 215 
LEU HD11  H  N N 216 
LEU HD12  H  N N 217 
LEU HD13  H  N N 218 
LEU HD21  H  N N 219 
LEU HD22  H  N N 220 
LEU HD23  H  N N 221 
LEU HXT   H  N N 222 
LYS N     N  N N 223 
LYS CA    C  N S 224 
LYS C     C  N N 225 
LYS O     O  N N 226 
LYS CB    C  N N 227 
LYS CG    C  N N 228 
LYS CD    C  N N 229 
LYS CE    C  N N 230 
LYS NZ    N  N N 231 
LYS OXT   O  N N 232 
LYS H     H  N N 233 
LYS H2    H  N N 234 
LYS HA    H  N N 235 
LYS HB2   H  N N 236 
LYS HB3   H  N N 237 
LYS HG2   H  N N 238 
LYS HG3   H  N N 239 
LYS HD2   H  N N 240 
LYS HD3   H  N N 241 
LYS HE2   H  N N 242 
LYS HE3   H  N N 243 
LYS HZ1   H  N N 244 
LYS HZ2   H  N N 245 
LYS HZ3   H  N N 246 
LYS HXT   H  N N 247 
MET N     N  N N 248 
MET CA    C  N S 249 
MET C     C  N N 250 
MET O     O  N N 251 
MET CB    C  N N 252 
MET CG    C  N N 253 
MET SD    S  N N 254 
MET CE    C  N N 255 
MET OXT   O  N N 256 
MET H     H  N N 257 
MET H2    H  N N 258 
MET HA    H  N N 259 
MET HB2   H  N N 260 
MET HB3   H  N N 261 
MET HG2   H  N N 262 
MET HG3   H  N N 263 
MET HE1   H  N N 264 
MET HE2   H  N N 265 
MET HE3   H  N N 266 
MET HXT   H  N N 267 
NA  NA    NA N N 268 
PEL "C1'" C  Y N 269 
PEL "C2'" C  Y N 270 
PEL "C3'" C  Y N 271 
PEL "C4'" C  Y N 272 
PEL "C5'" C  Y N 273 
PEL "C6'" C  Y N 274 
PEL CA    C  N N 275 
PEL C     C  N N 276 
PEL OXT   O  N N 277 
PEL H2    H  N N 278 
PEL H3    H  N N 279 
PEL H4    H  N N 280 
PEL H5    H  N N 281 
PEL H6    H  N N 282 
PEL HA1   H  N N 283 
PEL HA2   H  N N 284 
PEL H11   H  N N 285 
PEL H12   H  N N 286 
PEL HXT   H  N N 287 
PHE N     N  N N 288 
PHE CA    C  N S 289 
PHE C     C  N N 290 
PHE O     O  N N 291 
PHE CB    C  N N 292 
PHE CG    C  Y N 293 
PHE CD1   C  Y N 294 
PHE CD2   C  Y N 295 
PHE CE1   C  Y N 296 
PHE CE2   C  Y N 297 
PHE CZ    C  Y N 298 
PHE OXT   O  N N 299 
PHE H     H  N N 300 
PHE H2    H  N N 301 
PHE HA    H  N N 302 
PHE HB2   H  N N 303 
PHE HB3   H  N N 304 
PHE HD1   H  N N 305 
PHE HD2   H  N N 306 
PHE HE1   H  N N 307 
PHE HE2   H  N N 308 
PHE HZ    H  N N 309 
PHE HXT   H  N N 310 
PRO N     N  N N 311 
PRO CA    C  N S 312 
PRO C     C  N N 313 
PRO O     O  N N 314 
PRO CB    C  N N 315 
PRO CG    C  N N 316 
PRO CD    C  N N 317 
PRO OXT   O  N N 318 
PRO H     H  N N 319 
PRO HA    H  N N 320 
PRO HB2   H  N N 321 
PRO HB3   H  N N 322 
PRO HG2   H  N N 323 
PRO HG3   H  N N 324 
PRO HD2   H  N N 325 
PRO HD3   H  N N 326 
PRO HXT   H  N N 327 
SER N     N  N N 328 
SER CA    C  N S 329 
SER C     C  N N 330 
SER O     O  N N 331 
SER CB    C  N N 332 
SER OG    O  N N 333 
SER OXT   O  N N 334 
SER H     H  N N 335 
SER H2    H  N N 336 
SER HA    H  N N 337 
SER HB2   H  N N 338 
SER HB3   H  N N 339 
SER HG    H  N N 340 
SER HXT   H  N N 341 
THR N     N  N N 342 
THR CA    C  N S 343 
THR C     C  N N 344 
THR O     O  N N 345 
THR CB    C  N R 346 
THR OG1   O  N N 347 
THR CG2   C  N N 348 
THR OXT   O  N N 349 
THR H     H  N N 350 
THR H2    H  N N 351 
THR HA    H  N N 352 
THR HB    H  N N 353 
THR HG1   H  N N 354 
THR HG21  H  N N 355 
THR HG22  H  N N 356 
THR HG23  H  N N 357 
THR HXT   H  N N 358 
TRP N     N  N N 359 
TRP CA    C  N S 360 
TRP C     C  N N 361 
TRP O     O  N N 362 
TRP CB    C  N N 363 
TRP CG    C  Y N 364 
TRP CD1   C  Y N 365 
TRP CD2   C  Y N 366 
TRP NE1   N  Y N 367 
TRP CE2   C  Y N 368 
TRP CE3   C  Y N 369 
TRP CZ2   C  Y N 370 
TRP CZ3   C  Y N 371 
TRP CH2   C  Y N 372 
TRP OXT   O  N N 373 
TRP H     H  N N 374 
TRP H2    H  N N 375 
TRP HA    H  N N 376 
TRP HB2   H  N N 377 
TRP HB3   H  N N 378 
TRP HD1   H  N N 379 
TRP HE1   H  N N 380 
TRP HE3   H  N N 381 
TRP HZ2   H  N N 382 
TRP HZ3   H  N N 383 
TRP HH2   H  N N 384 
TRP HXT   H  N N 385 
TYR N     N  N N 386 
TYR CA    C  N S 387 
TYR C     C  N N 388 
TYR O     O  N N 389 
TYR CB    C  N N 390 
TYR CG    C  Y N 391 
TYR CD1   C  Y N 392 
TYR CD2   C  Y N 393 
TYR CE1   C  Y N 394 
TYR CE2   C  Y N 395 
TYR CZ    C  Y N 396 
TYR OH    O  N N 397 
TYR OXT   O  N N 398 
TYR H     H  N N 399 
TYR H2    H  N N 400 
TYR HA    H  N N 401 
TYR HB2   H  N N 402 
TYR HB3   H  N N 403 
TYR HD1   H  N N 404 
TYR HD2   H  N N 405 
TYR HE1   H  N N 406 
TYR HE2   H  N N 407 
TYR HH    H  N N 408 
TYR HXT   H  N N 409 
VAL N     N  N N 410 
VAL CA    C  N S 411 
VAL C     C  N N 412 
VAL O     O  N N 413 
VAL CB    C  N N 414 
VAL CG1   C  N N 415 
VAL CG2   C  N N 416 
VAL OXT   O  N N 417 
VAL H     H  N N 418 
VAL H2    H  N N 419 
VAL HA    H  N N 420 
VAL HB    H  N N 421 
VAL HG11  H  N N 422 
VAL HG12  H  N N 423 
VAL HG13  H  N N 424 
VAL HG21  H  N N 425 
VAL HG22  H  N N 426 
VAL HG23  H  N N 427 
VAL HXT   H  N N 428 
# 
loop_
_chem_comp_bond.comp_id 
_chem_comp_bond.atom_id_1 
_chem_comp_bond.atom_id_2 
_chem_comp_bond.value_order 
_chem_comp_bond.pdbx_aromatic_flag 
_chem_comp_bond.pdbx_stereo_config 
_chem_comp_bond.pdbx_ordinal 
ACT C     O     doub N N 1   
ACT C     OXT   sing N N 2   
ACT C     CH3   sing N N 3   
ACT CH3   H1    sing N N 4   
ACT CH3   H2    sing N N 5   
ACT CH3   H3    sing N N 6   
ALA N     CA    sing N N 7   
ALA N     H     sing N N 8   
ALA N     H2    sing N N 9   
ALA CA    C     sing N N 10  
ALA CA    CB    sing N N 11  
ALA CA    HA    sing N N 12  
ALA C     O     doub N N 13  
ALA C     OXT   sing N N 14  
ALA CB    HB1   sing N N 15  
ALA CB    HB2   sing N N 16  
ALA CB    HB3   sing N N 17  
ALA OXT   HXT   sing N N 18  
ARG N     CA    sing N N 19  
ARG N     H     sing N N 20  
ARG N     H2    sing N N 21  
ARG CA    C     sing N N 22  
ARG CA    CB    sing N N 23  
ARG CA    HA    sing N N 24  
ARG C     O     doub N N 25  
ARG C     OXT   sing N N 26  
ARG CB    CG    sing N N 27  
ARG CB    HB2   sing N N 28  
ARG CB    HB3   sing N N 29  
ARG CG    CD    sing N N 30  
ARG CG    HG2   sing N N 31  
ARG CG    HG3   sing N N 32  
ARG CD    NE    sing N N 33  
ARG CD    HD2   sing N N 34  
ARG CD    HD3   sing N N 35  
ARG NE    CZ    sing N N 36  
ARG NE    HE    sing N N 37  
ARG CZ    NH1   sing N N 38  
ARG CZ    NH2   doub N N 39  
ARG NH1   HH11  sing N N 40  
ARG NH1   HH12  sing N N 41  
ARG NH2   HH21  sing N N 42  
ARG NH2   HH22  sing N N 43  
ARG OXT   HXT   sing N N 44  
ASN N     CA    sing N N 45  
ASN N     H     sing N N 46  
ASN N     H2    sing N N 47  
ASN CA    C     sing N N 48  
ASN CA    CB    sing N N 49  
ASN CA    HA    sing N N 50  
ASN C     O     doub N N 51  
ASN C     OXT   sing N N 52  
ASN CB    CG    sing N N 53  
ASN CB    HB2   sing N N 54  
ASN CB    HB3   sing N N 55  
ASN CG    OD1   doub N N 56  
ASN CG    ND2   sing N N 57  
ASN ND2   HD21  sing N N 58  
ASN ND2   HD22  sing N N 59  
ASN OXT   HXT   sing N N 60  
ASP N     CA    sing N N 61  
ASP N     H     sing N N 62  
ASP N     H2    sing N N 63  
ASP CA    C     sing N N 64  
ASP CA    CB    sing N N 65  
ASP CA    HA    sing N N 66  
ASP C     O     doub N N 67  
ASP C     OXT   sing N N 68  
ASP CB    CG    sing N N 69  
ASP CB    HB2   sing N N 70  
ASP CB    HB3   sing N N 71  
ASP CG    OD1   doub N N 72  
ASP CG    OD2   sing N N 73  
ASP OD2   HD2   sing N N 74  
ASP OXT   HXT   sing N N 75  
CYS N     CA    sing N N 76  
CYS N     H     sing N N 77  
CYS N     H2    sing N N 78  
CYS CA    C     sing N N 79  
CYS CA    CB    sing N N 80  
CYS CA    HA    sing N N 81  
CYS C     O     doub N N 82  
CYS C     OXT   sing N N 83  
CYS CB    SG    sing N N 84  
CYS CB    HB2   sing N N 85  
CYS CB    HB3   sing N N 86  
CYS SG    HG    sing N N 87  
CYS OXT   HXT   sing N N 88  
EDO C1    O1    sing N N 89  
EDO C1    C2    sing N N 90  
EDO C1    H11   sing N N 91  
EDO C1    H12   sing N N 92  
EDO O1    HO1   sing N N 93  
EDO C2    O2    sing N N 94  
EDO C2    H21   sing N N 95  
EDO C2    H22   sing N N 96  
EDO O2    HO2   sing N N 97  
GLN N     CA    sing N N 98  
GLN N     H     sing N N 99  
GLN N     H2    sing N N 100 
GLN CA    C     sing N N 101 
GLN CA    CB    sing N N 102 
GLN CA    HA    sing N N 103 
GLN C     O     doub N N 104 
GLN C     OXT   sing N N 105 
GLN CB    CG    sing N N 106 
GLN CB    HB2   sing N N 107 
GLN CB    HB3   sing N N 108 
GLN CG    CD    sing N N 109 
GLN CG    HG2   sing N N 110 
GLN CG    HG3   sing N N 111 
GLN CD    OE1   doub N N 112 
GLN CD    NE2   sing N N 113 
GLN NE2   HE21  sing N N 114 
GLN NE2   HE22  sing N N 115 
GLN OXT   HXT   sing N N 116 
GLU N     CA    sing N N 117 
GLU N     H     sing N N 118 
GLU N     H2    sing N N 119 
GLU CA    C     sing N N 120 
GLU CA    CB    sing N N 121 
GLU CA    HA    sing N N 122 
GLU C     O     doub N N 123 
GLU C     OXT   sing N N 124 
GLU CB    CG    sing N N 125 
GLU CB    HB2   sing N N 126 
GLU CB    HB3   sing N N 127 
GLU CG    CD    sing N N 128 
GLU CG    HG2   sing N N 129 
GLU CG    HG3   sing N N 130 
GLU CD    OE1   doub N N 131 
GLU CD    OE2   sing N N 132 
GLU OE2   HE2   sing N N 133 
GLU OXT   HXT   sing N N 134 
GLY N     CA    sing N N 135 
GLY N     H     sing N N 136 
GLY N     H2    sing N N 137 
GLY CA    C     sing N N 138 
GLY CA    HA2   sing N N 139 
GLY CA    HA3   sing N N 140 
GLY C     O     doub N N 141 
GLY C     OXT   sing N N 142 
GLY OXT   HXT   sing N N 143 
HIS N     CA    sing N N 144 
HIS N     H     sing N N 145 
HIS N     H2    sing N N 146 
HIS CA    C     sing N N 147 
HIS CA    CB    sing N N 148 
HIS CA    HA    sing N N 149 
HIS C     O     doub N N 150 
HIS C     OXT   sing N N 151 
HIS CB    CG    sing N N 152 
HIS CB    HB2   sing N N 153 
HIS CB    HB3   sing N N 154 
HIS CG    ND1   sing Y N 155 
HIS CG    CD2   doub Y N 156 
HIS ND1   CE1   doub Y N 157 
HIS ND1   HD1   sing N N 158 
HIS CD2   NE2   sing Y N 159 
HIS CD2   HD2   sing N N 160 
HIS CE1   NE2   sing Y N 161 
HIS CE1   HE1   sing N N 162 
HIS NE2   HE2   sing N N 163 
HIS OXT   HXT   sing N N 164 
HOH O     H1    sing N N 165 
HOH O     H2    sing N N 166 
ILE N     CA    sing N N 167 
ILE N     H     sing N N 168 
ILE N     H2    sing N N 169 
ILE CA    C     sing N N 170 
ILE CA    CB    sing N N 171 
ILE CA    HA    sing N N 172 
ILE C     O     doub N N 173 
ILE C     OXT   sing N N 174 
ILE CB    CG1   sing N N 175 
ILE CB    CG2   sing N N 176 
ILE CB    HB    sing N N 177 
ILE CG1   CD1   sing N N 178 
ILE CG1   HG12  sing N N 179 
ILE CG1   HG13  sing N N 180 
ILE CG2   HG21  sing N N 181 
ILE CG2   HG22  sing N N 182 
ILE CG2   HG23  sing N N 183 
ILE CD1   HD11  sing N N 184 
ILE CD1   HD12  sing N N 185 
ILE CD1   HD13  sing N N 186 
ILE OXT   HXT   sing N N 187 
LEU N     CA    sing N N 188 
LEU N     H     sing N N 189 
LEU N     H2    sing N N 190 
LEU CA    C     sing N N 191 
LEU CA    CB    sing N N 192 
LEU CA    HA    sing N N 193 
LEU C     O     doub N N 194 
LEU C     OXT   sing N N 195 
LEU CB    CG    sing N N 196 
LEU CB    HB2   sing N N 197 
LEU CB    HB3   sing N N 198 
LEU CG    CD1   sing N N 199 
LEU CG    CD2   sing N N 200 
LEU CG    HG    sing N N 201 
LEU CD1   HD11  sing N N 202 
LEU CD1   HD12  sing N N 203 
LEU CD1   HD13  sing N N 204 
LEU CD2   HD21  sing N N 205 
LEU CD2   HD22  sing N N 206 
LEU CD2   HD23  sing N N 207 
LEU OXT   HXT   sing N N 208 
LYS N     CA    sing N N 209 
LYS N     H     sing N N 210 
LYS N     H2    sing N N 211 
LYS CA    C     sing N N 212 
LYS CA    CB    sing N N 213 
LYS CA    HA    sing N N 214 
LYS C     O     doub N N 215 
LYS C     OXT   sing N N 216 
LYS CB    CG    sing N N 217 
LYS CB    HB2   sing N N 218 
LYS CB    HB3   sing N N 219 
LYS CG    CD    sing N N 220 
LYS CG    HG2   sing N N 221 
LYS CG    HG3   sing N N 222 
LYS CD    CE    sing N N 223 
LYS CD    HD2   sing N N 224 
LYS CD    HD3   sing N N 225 
LYS CE    NZ    sing N N 226 
LYS CE    HE2   sing N N 227 
LYS CE    HE3   sing N N 228 
LYS NZ    HZ1   sing N N 229 
LYS NZ    HZ2   sing N N 230 
LYS NZ    HZ3   sing N N 231 
LYS OXT   HXT   sing N N 232 
MET N     CA    sing N N 233 
MET N     H     sing N N 234 
MET N     H2    sing N N 235 
MET CA    C     sing N N 236 
MET CA    CB    sing N N 237 
MET CA    HA    sing N N 238 
MET C     O     doub N N 239 
MET C     OXT   sing N N 240 
MET CB    CG    sing N N 241 
MET CB    HB2   sing N N 242 
MET CB    HB3   sing N N 243 
MET CG    SD    sing N N 244 
MET CG    HG2   sing N N 245 
MET CG    HG3   sing N N 246 
MET SD    CE    sing N N 247 
MET CE    HE1   sing N N 248 
MET CE    HE2   sing N N 249 
MET CE    HE3   sing N N 250 
MET OXT   HXT   sing N N 251 
PEL "C1'" "C2'" doub Y N 252 
PEL "C1'" "C6'" sing Y N 253 
PEL "C1'" CA    sing N N 254 
PEL "C2'" "C3'" sing Y N 255 
PEL "C2'" H2    sing N N 256 
PEL "C3'" "C4'" doub Y N 257 
PEL "C3'" H3    sing N N 258 
PEL "C4'" "C5'" sing Y N 259 
PEL "C4'" H4    sing N N 260 
PEL "C5'" "C6'" doub Y N 261 
PEL "C5'" H5    sing N N 262 
PEL "C6'" H6    sing N N 263 
PEL CA    C     sing N N 264 
PEL CA    HA1   sing N N 265 
PEL CA    HA2   sing N N 266 
PEL C     OXT   sing N N 267 
PEL C     H11   sing N N 268 
PEL C     H12   sing N N 269 
PEL OXT   HXT   sing N N 270 
PHE N     CA    sing N N 271 
PHE N     H     sing N N 272 
PHE N     H2    sing N N 273 
PHE CA    C     sing N N 274 
PHE CA    CB    sing N N 275 
PHE CA    HA    sing N N 276 
PHE C     O     doub N N 277 
PHE C     OXT   sing N N 278 
PHE CB    CG    sing N N 279 
PHE CB    HB2   sing N N 280 
PHE CB    HB3   sing N N 281 
PHE CG    CD1   doub Y N 282 
PHE CG    CD2   sing Y N 283 
PHE CD1   CE1   sing Y N 284 
PHE CD1   HD1   sing N N 285 
PHE CD2   CE2   doub Y N 286 
PHE CD2   HD2   sing N N 287 
PHE CE1   CZ    doub Y N 288 
PHE CE1   HE1   sing N N 289 
PHE CE2   CZ    sing Y N 290 
PHE CE2   HE2   sing N N 291 
PHE CZ    HZ    sing N N 292 
PHE OXT   HXT   sing N N 293 
PRO N     CA    sing N N 294 
PRO N     CD    sing N N 295 
PRO N     H     sing N N 296 
PRO CA    C     sing N N 297 
PRO CA    CB    sing N N 298 
PRO CA    HA    sing N N 299 
PRO C     O     doub N N 300 
PRO C     OXT   sing N N 301 
PRO CB    CG    sing N N 302 
PRO CB    HB2   sing N N 303 
PRO CB    HB3   sing N N 304 
PRO CG    CD    sing N N 305 
PRO CG    HG2   sing N N 306 
PRO CG    HG3   sing N N 307 
PRO CD    HD2   sing N N 308 
PRO CD    HD3   sing N N 309 
PRO OXT   HXT   sing N N 310 
SER N     CA    sing N N 311 
SER N     H     sing N N 312 
SER N     H2    sing N N 313 
SER CA    C     sing N N 314 
SER CA    CB    sing N N 315 
SER CA    HA    sing N N 316 
SER C     O     doub N N 317 
SER C     OXT   sing N N 318 
SER CB    OG    sing N N 319 
SER CB    HB2   sing N N 320 
SER CB    HB3   sing N N 321 
SER OG    HG    sing N N 322 
SER OXT   HXT   sing N N 323 
THR N     CA    sing N N 324 
THR N     H     sing N N 325 
THR N     H2    sing N N 326 
THR CA    C     sing N N 327 
THR CA    CB    sing N N 328 
THR CA    HA    sing N N 329 
THR C     O     doub N N 330 
THR C     OXT   sing N N 331 
THR CB    OG1   sing N N 332 
THR CB    CG2   sing N N 333 
THR CB    HB    sing N N 334 
THR OG1   HG1   sing N N 335 
THR CG2   HG21  sing N N 336 
THR CG2   HG22  sing N N 337 
THR CG2   HG23  sing N N 338 
THR OXT   HXT   sing N N 339 
TRP N     CA    sing N N 340 
TRP N     H     sing N N 341 
TRP N     H2    sing N N 342 
TRP CA    C     sing N N 343 
TRP CA    CB    sing N N 344 
TRP CA    HA    sing N N 345 
TRP C     O     doub N N 346 
TRP C     OXT   sing N N 347 
TRP CB    CG    sing N N 348 
TRP CB    HB2   sing N N 349 
TRP CB    HB3   sing N N 350 
TRP CG    CD1   doub Y N 351 
TRP CG    CD2   sing Y N 352 
TRP CD1   NE1   sing Y N 353 
TRP CD1   HD1   sing N N 354 
TRP CD2   CE2   doub Y N 355 
TRP CD2   CE3   sing Y N 356 
TRP NE1   CE2   sing Y N 357 
TRP NE1   HE1   sing N N 358 
TRP CE2   CZ2   sing Y N 359 
TRP CE3   CZ3   doub Y N 360 
TRP CE3   HE3   sing N N 361 
TRP CZ2   CH2   doub Y N 362 
TRP CZ2   HZ2   sing N N 363 
TRP CZ3   CH2   sing Y N 364 
TRP CZ3   HZ3   sing N N 365 
TRP CH2   HH2   sing N N 366 
TRP OXT   HXT   sing N N 367 
TYR N     CA    sing N N 368 
TYR N     H     sing N N 369 
TYR N     H2    sing N N 370 
TYR CA    C     sing N N 371 
TYR CA    CB    sing N N 372 
TYR CA    HA    sing N N 373 
TYR C     O     doub N N 374 
TYR C     OXT   sing N N 375 
TYR CB    CG    sing N N 376 
TYR CB    HB2   sing N N 377 
TYR CB    HB3   sing N N 378 
TYR CG    CD1   doub Y N 379 
TYR CG    CD2   sing Y N 380 
TYR CD1   CE1   sing Y N 381 
TYR CD1   HD1   sing N N 382 
TYR CD2   CE2   doub Y N 383 
TYR CD2   HD2   sing N N 384 
TYR CE1   CZ    doub Y N 385 
TYR CE1   HE1   sing N N 386 
TYR CE2   CZ    sing Y N 387 
TYR CE2   HE2   sing N N 388 
TYR CZ    OH    sing N N 389 
TYR OH    HH    sing N N 390 
TYR OXT   HXT   sing N N 391 
VAL N     CA    sing N N 392 
VAL N     H     sing N N 393 
VAL N     H2    sing N N 394 
VAL CA    C     sing N N 395 
VAL CA    CB    sing N N 396 
VAL CA    HA    sing N N 397 
VAL C     O     doub N N 398 
VAL C     OXT   sing N N 399 
VAL CB    CG1   sing N N 400 
VAL CB    CG2   sing N N 401 
VAL CB    HB    sing N N 402 
VAL CG1   HG11  sing N N 403 
VAL CG1   HG12  sing N N 404 
VAL CG1   HG13  sing N N 405 
VAL CG2   HG21  sing N N 406 
VAL CG2   HG22  sing N N 407 
VAL CG2   HG23  sing N N 408 
VAL OXT   HXT   sing N N 409 
# 
_pdbx_initial_refinement_model.id               1 
_pdbx_initial_refinement_model.entity_id_list   ? 
_pdbx_initial_refinement_model.type             'experimental model' 
_pdbx_initial_refinement_model.source_name      PDB 
_pdbx_initial_refinement_model.accession_code   1DPX 
_pdbx_initial_refinement_model.details          ? 
# 
_atom_sites.entry_id                    6AGR 
_atom_sites.fract_transf_matrix[1][1]   0.00969977 
_atom_sites.fract_transf_matrix[1][2]   0.00291324 
_atom_sites.fract_transf_matrix[1][3]   0.00772225 
_atom_sites.fract_transf_matrix[2][1]   0.00717100 
_atom_sites.fract_transf_matrix[2][2]   0.00292486 
_atom_sites.fract_transf_matrix[2][3]   -0.01011077 
_atom_sites.fract_transf_matrix[3][1]   -0.00872774 
_atom_sites.fract_transf_matrix[3][2]   0.02573434 
_atom_sites.fract_transf_matrix[3][3]   0.00125439 
_atom_sites.fract_transf_vector[1]      -0.255921 
_atom_sites.fract_transf_vector[2]      -0.007232 
_atom_sites.fract_transf_vector[3]      -0.238283 
# 
loop_
_atom_type.symbol 
C  
CL 
N  
NA 
O  
S  
# 
loop_
_atom_site.group_PDB 
_atom_site.id 
_atom_site.type_symbol 
_atom_site.label_atom_id 
_atom_site.label_alt_id 
_atom_site.label_comp_id 
_atom_site.label_asym_id 
_atom_site.label_entity_id 
_atom_site.label_seq_id 
_atom_site.pdbx_PDB_ins_code 
_atom_site.Cartn_x 
_atom_site.Cartn_y 
_atom_site.Cartn_z 
_atom_site.occupancy 
_atom_site.B_iso_or_equiv 
_atom_site.pdbx_formal_charge 
_atom_site.auth_seq_id 
_atom_site.auth_comp_id 
_atom_site.auth_asym_id 
_atom_site.auth_atom_id 
_atom_site.pdbx_PDB_model_num 
ATOM   1    N  N     . LYS A 1 1   ? 12.647  -5.515  2.978   1.00 12.42 ? 1   LYS A N     1 
ATOM   2    C  CA    . LYS A 1 1   ? 12.185  -6.843  3.444   1.00 12.07 ? 1   LYS A CA    1 
ATOM   3    C  C     . LYS A 1 1   ? 11.174  -7.387  2.469   1.00 10.92 ? 1   LYS A C     1 
ATOM   4    O  O     . LYS A 1 1   ? 10.276  -6.614  2.073   1.00 11.40 ? 1   LYS A O     1 
ATOM   5    C  CB    . LYS A 1 1   ? 11.519  -6.661  4.819   1.00 12.84 ? 1   LYS A CB    1 
ATOM   6    C  CG    . LYS A 1 1   ? 10.893  -7.941  5.362   1.00 14.08 ? 1   LYS A CG    1 
ATOM   7    C  CD    . LYS A 1 1   ? 10.416  -7.717  6.774   1.00 16.19 ? 1   LYS A CD    1 
ATOM   8    C  CE    . LYS A 1 1   ? 9.563   -8.868  7.257   1.00 16.89 ? 1   LYS A CE    1 
ATOM   9    N  NZ    . LYS A 1 1   ? 9.246   -8.732  8.696   1.00 22.96 ? 1   LYS A NZ    1 
ATOM   10   N  N     . VAL A 1 2   ? 11.226  -8.643  2.100   1.00 10.99 ? 2   VAL A N     1 
ATOM   11   C  CA    . VAL A 1 2   ? 10.216  -9.282  1.307   1.00 11.87 ? 2   VAL A CA    1 
ATOM   12   C  C     . VAL A 1 2   ? 9.357   -10.123 2.219   1.00 12.27 ? 2   VAL A C     1 
ATOM   13   O  O     . VAL A 1 2   ? 9.903   -11.098 2.860   1.00 13.76 ? 2   VAL A O     1 
ATOM   14   C  CB    . VAL A 1 2   ? 10.731  -10.091 0.097   1.00 12.99 ? 2   VAL A CB    1 
ATOM   15   C  CG1   . VAL A 1 2   ? 9.566   -10.745 -0.632  1.00 14.72 ? 2   VAL A CG1   1 
ATOM   16   C  CG2   . VAL A 1 2   ? 11.506  -9.185  -0.837  1.00 13.10 ? 2   VAL A CG2   1 
ATOM   17   N  N     . PHE A 1 3   ? 8.127   -9.732  2.513   1.00 11.73 ? 3   PHE A N     1 
ATOM   18   C  CA    . PHE A 1 3   ? 7.256   -10.531 3.408   1.00 12.68 ? 3   PHE A CA    1 
ATOM   19   C  C     . PHE A 1 3   ? 6.774   -11.768 2.698   1.00 12.04 ? 3   PHE A C     1 
ATOM   20   O  O     . PHE A 1 3   ? 6.526   -11.803 1.545   1.00 13.03 ? 3   PHE A O     1 
ATOM   21   C  CB    . PHE A 1 3   ? 6.027   -9.681  3.792   1.00 12.88 ? 3   PHE A CB    1 
ATOM   22   C  CG    . PHE A 1 3   ? 6.206   -8.698  4.879   1.00 12.07 ? 3   PHE A CG    1 
ATOM   23   C  CD1   . PHE A 1 3   ? 6.854   -7.481  4.646   1.00 12.27 ? 3   PHE A CD1   1 
ATOM   24   C  CD2   . PHE A 1 3   ? 5.767   -8.986  6.176   1.00 12.47 ? 3   PHE A CD2   1 
ATOM   25   C  CE1   . PHE A 1 3   ? 7.027   -6.583  5.652   1.00 12.74 ? 3   PHE A CE1   1 
ATOM   26   C  CE2   . PHE A 1 3   ? 5.928   -8.063  7.161   1.00 12.05 ? 3   PHE A CE2   1 
ATOM   27   C  CZ    . PHE A 1 3   ? 6.539   -6.852  6.922   1.00 14.33 ? 3   PHE A CZ    1 
ATOM   28   N  N     . GLY A 1 4   ? 6.549   -12.820 3.550   1.00 14.46 ? 4   GLY A N     1 
ATOM   29   C  CA    . GLY A 1 4   ? 5.684   -13.862 3.162   1.00 16.11 ? 4   GLY A CA    1 
ATOM   30   C  C     . GLY A 1 4   ? 4.253   -13.400 3.172   1.00 13.65 ? 4   GLY A C     1 
ATOM   31   O  O     . GLY A 1 4   ? 3.906   -12.477 3.900   1.00 13.77 ? 4   GLY A O     1 
ATOM   32   N  N     . ARG A 1 5   ? 3.407   -14.067 2.403   1.00 15.77 ? 5   ARG A N     1 
ATOM   33   C  CA    . ARG A 1 5   ? 2.029   -13.775 2.283   1.00 14.87 ? 5   ARG A CA    1 
ATOM   34   C  C     . ARG A 1 5   ? 1.302   -13.694 3.632   1.00 14.52 ? 5   ARG A C     1 
ATOM   35   O  O     . ARG A 1 5   ? 0.652   -12.720 4.016   1.00 15.11 ? 5   ARG A O     1 
ATOM   36   C  CB    . ARG A 1 5   ? 1.359   -14.817 1.373   1.00 16.07 ? 5   ARG A CB    1 
ATOM   37   C  CG    . ARG A 1 5   ? -0.136  -14.606 1.226   1.00 17.56 ? 5   ARG A CG    1 
ATOM   38   C  CD    . ARG A 1 5   ? -0.812  -15.621 0.313   1.00 17.43 ? 5   ARG A CD    1 
ATOM   39   N  NE    . ARG A 1 5   ? -0.702  -17.041 0.719   1.00 19.51 ? 5   ARG A NE    1 
ATOM   40   C  CZ    . ARG A 1 5   ? -1.571  -17.674 1.519   1.00 19.68 ? 5   ARG A CZ    1 
ATOM   41   N  NH1   . ARG A 1 5   ? -2.595  -17.055 2.076   1.00 18.19 ? 5   ARG A NH1   1 
ATOM   42   N  NH2   . ARG A 1 5   ? -1.377  -18.965 1.788   1.00 23.59 ? 5   ARG A NH2   1 
ATOM   43   N  N     . CYS A 1 6   ? 1.338   -14.809 4.377   1.00 15.56 ? 6   CYS A N     1 
ATOM   44   C  CA    . CYS A 1 6   ? 0.672   -14.813 5.695   1.00 16.68 ? 6   CYS A CA    1 
ATOM   45   C  C     . CYS A 1 6   ? 1.352   -13.903 6.739   1.00 13.04 ? 6   CYS A C     1 
ATOM   46   O  O     . CYS A 1 6   ? 0.719   -13.347 7.544   1.00 14.85 ? 6   CYS A O     1 
ATOM   47   C  CB    . CYS A 1 6   ? 0.478   -16.209 6.303   1.00 17.22 ? 6   CYS A CB    1 
ATOM   48   S  SG    . CYS A 1 6   ? -0.568  -17.255 5.287   1.00 19.80 ? 6   CYS A SG    1 
ATOM   49   N  N     . GLU A 1 7   ? 2.671   -13.742 6.641   1.00 14.07 ? 7   GLU A N     1 
ATOM   50   C  CA    . GLU A 1 7   ? 3.365   -12.844 7.498   1.00 13.76 ? 7   GLU A CA    1 
ATOM   51   C  C     . GLU A 1 7   ? 2.851   -11.386 7.320   1.00 13.44 ? 7   GLU A C     1 
ATOM   52   O  O     . GLU A 1 7   ? 2.661   -10.643 8.222   1.00 13.79 ? 7   GLU A O     1 
ATOM   53   C  CB    . GLU A 1 7   ? 4.868   -12.860 7.195   1.00 15.63 ? 7   GLU A CB    1 
ATOM   54   C  CG    . GLU A 1 7   ? 5.753   -12.040 8.050   1.00 19.27 ? 7   GLU A CG    1 
ATOM   55   C  CD    . GLU A 1 7   ? 7.213   -11.948 7.576   1.00 19.62 ? 7   GLU A CD    1 
ATOM   56   O  OE1   . GLU A 1 7   ? 7.587   -12.382 6.417   1.00 19.95 ? 7   GLU A OE1   1 
ATOM   57   O  OE2   . GLU A 1 7   ? 7.994   -11.422 8.436   1.00 22.59 ? 7   GLU A OE2   1 
ATOM   58   N  N     . LEU A 1 8   ? 2.692   -10.962 6.032   1.00 12.73 ? 8   LEU A N     1 
ATOM   59   C  CA    . LEU A 1 8   ? 2.186   -9.654  5.772   1.00 11.99 ? 8   LEU A CA    1 
ATOM   60   C  C     . LEU A 1 8   ? 0.732   -9.496  6.216   1.00 11.75 ? 8   LEU A C     1 
ATOM   61   O  O     . LEU A 1 8   ? 0.336   -8.489  6.731   1.00 12.62 ? 8   LEU A O     1 
ATOM   62   C  CB    . LEU A 1 8   ? 2.277   -9.337  4.285   1.00 12.36 ? 8   LEU A CB    1 
ATOM   63   C  CG    . LEU A 1 8   ? 1.841   -7.917  3.888   1.00 12.03 ? 8   LEU A CG    1 
ATOM   64   C  CD1   . LEU A 1 8   ? 2.683   -6.868  4.615   1.00 13.00 ? 8   LEU A CD1   1 
ATOM   65   C  CD2   . LEU A 1 8   ? 1.903   -7.677  2.388   1.00 12.35 ? 8   LEU A CD2   1 
ATOM   66   N  N     . ALA A 1 9   ? -0.067  -10.520 5.922   1.00 13.77 ? 9   ALA A N     1 
ATOM   67   C  CA    . ALA A 1 9   ? -1.474  -10.480 6.374   1.00 13.54 ? 9   ALA A CA    1 
ATOM   68   C  C     . ALA A 1 9   ? -1.526  -10.197 7.878   1.00 13.40 ? 9   ALA A C     1 
ATOM   69   O  O     . ALA A 1 9   ? -2.292  -9.380  8.364   1.00 14.47 ? 9   ALA A O     1 
ATOM   70   C  CB    . ALA A 1 9   ? -2.136  -11.775 6.063   1.00 15.52 ? 9   ALA A CB    1 
ATOM   71   N  N     . ALA A 1 10  ? -0.677  -10.929 8.642   1.00 14.19 ? 10  ALA A N     1 
ATOM   72   C  CA    . ALA A 1 10  ? -0.604  -10.731 10.083  1.00 15.28 ? 10  ALA A CA    1 
ATOM   73   C  C     . ALA A 1 10  ? -0.258  -9.301  10.479  1.00 14.66 ? 10  ALA A C     1 
ATOM   74   O  O     . ALA A 1 10  ? -0.835  -8.704  11.361  1.00 15.93 ? 10  ALA A O     1 
ATOM   75   C  CB    . ALA A 1 10  ? 0.330   -11.751 10.729  1.00 16.97 ? 10  ALA A CB    1 
ATOM   76   N  N     . ALA A 1 11  ? 0.805   -8.788  9.845   1.00 14.50 ? 11  ALA A N     1 
ATOM   77   C  CA    . ALA A 1 11  ? 1.264   -7.490  10.123  1.00 14.71 ? 11  ALA A CA    1 
ATOM   78   C  C     . ALA A 1 11  ? 0.197   -6.442  9.810   1.00 13.84 ? 11  ALA A C     1 
ATOM   79   O  O     . ALA A 1 11  ? 0.006   -5.489  10.544  1.00 14.76 ? 11  ALA A O     1 
ATOM   80   C  CB    . ALA A 1 11  ? 2.539   -7.188  9.374   1.00 15.68 ? 11  ALA A CB    1 
ATOM   81   N  N     . MET A 1 12  ? -0.498  -6.609  8.659   1.00 12.66 ? 12  MET A N     1 
ATOM   82   C  CA    . MET A 1 12  ? -1.527  -5.634  8.291   1.00 12.48 ? 12  MET A CA    1 
ATOM   83   C  C     . MET A 1 12  ? -2.680  -5.687  9.309   1.00 13.16 ? 12  MET A C     1 
ATOM   84   O  O     . MET A 1 12  ? -3.222  -4.662  9.674   1.00 13.73 ? 12  MET A O     1 
ATOM   85   C  CB    . MET A 1 12  ? -2.012  -5.964  6.879   1.00 11.80 ? 12  MET A CB    1 
ATOM   86   C  CG    . MET A 1 12  ? -0.994  -5.590  5.838   1.00 11.71 ? 12  MET A CG    1 
ATOM   87   S  SD    . MET A 1 12  ? -1.651  -6.019  4.213   1.00 12.18 ? 12  MET A SD    1 
ATOM   88   C  CE    . MET A 1 12  ? -0.816  -4.843  3.162   1.00 12.54 ? 12  MET A CE    1 
ATOM   89   N  N     . LYS A 1 13  ? -2.993  -6.901  9.791   1.00 14.88 ? 13  LYS A N     1 
ATOM   90   C  CA    . LYS A 1 13  ? -4.126  -7.011  10.786  1.00 14.81 ? 13  LYS A CA    1 
ATOM   91   C  C     . LYS A 1 13  ? -3.728  -6.377  12.114  1.00 15.13 ? 13  LYS A C     1 
ATOM   92   O  O     . LYS A 1 13  ? -4.488  -5.598  12.713  1.00 17.55 ? 13  LYS A O     1 
ATOM   93   C  CB    . LYS A 1 13  ? -4.402  -8.467  11.038  1.00 16.77 ? 13  LYS A CB    1 
ATOM   94   C  CG    . LYS A 1 13  ? -5.565  -8.695  12.019  1.00 19.65 ? 13  LYS A CG    1 
ATOM   95   C  CD    . LYS A 1 13  ? -6.056  -10.113 11.952  1.00 23.76 ? 13  LYS A CD    1 
ATOM   96   C  CE    . LYS A 1 13  ? -7.410  -10.319 12.604  1.00 29.51 ? 13  LYS A CE    1 
ATOM   97   N  NZ    . LYS A 1 13  ? -7.395  -9.668  13.925  1.00 34.94 ? 13  LYS A NZ    1 
ATOM   98   N  N     . ARG A 1 14  ? -2.492  -6.609  12.530  1.00 16.09 ? 14  ARG A N     1 
ATOM   99   C  CA    . ARG A 1 14  ? -2.037  -5.980  13.767  1.00 19.10 ? 14  ARG A CA    1 
ATOM   100  C  C     . ARG A 1 14  ? -2.113  -4.470  13.682  1.00 17.42 ? 14  ARG A C     1 
ATOM   101  O  O     . ARG A 1 14  ? -2.376  -3.806  14.681  1.00 20.52 ? 14  ARG A O     1 
ATOM   102  C  CB    A ARG A 1 14  ? -0.620  -6.486  14.158  0.50 21.78 ? 14  ARG A CB    1 
ATOM   103  C  CB    B ARG A 1 14  ? -0.595  -6.344  14.054  0.50 20.65 ? 14  ARG A CB    1 
ATOM   104  C  CG    A ARG A 1 14  ? 0.440   -5.509  14.710  0.50 23.47 ? 14  ARG A CG    1 
ATOM   105  C  CG    B ARG A 1 14  ? -0.125  -5.747  15.366  0.50 22.93 ? 14  ARG A CG    1 
ATOM   106  C  CD    A ARG A 1 14  ? 0.967   -5.566  16.182  0.50 26.94 ? 14  ARG A CD    1 
ATOM   107  C  CD    B ARG A 1 14  ? 1.169   -6.385  15.801  0.50 22.78 ? 14  ARG A CD    1 
ATOM   108  N  NE    A ARG A 1 14  ? 0.157   -5.028  17.294  0.50 28.10 ? 14  ARG A NE    1 
ATOM   109  N  NE    B ARG A 1 14  ? 2.348   -5.911  15.101  0.50 21.98 ? 14  ARG A NE    1 
ATOM   110  C  CZ    A ARG A 1 14  ? 0.453   -3.985  18.079  0.50 29.25 ? 14  ARG A CZ    1 
ATOM   111  C  CZ    B ARG A 1 14  ? 3.032   -4.774  15.317  0.50 20.07 ? 14  ARG A CZ    1 
ATOM   112  N  NH1   A ARG A 1 14  ? -0.357  -3.670  19.074  0.50 34.12 ? 14  ARG A NH1   1 
ATOM   113  N  NH1   B ARG A 1 14  ? 2.686   -3.818  16.187  0.50 17.20 ? 14  ARG A NH1   1 
ATOM   114  N  NH2   A ARG A 1 14  ? 1.522   -3.239  17.867  0.50 27.95 ? 14  ARG A NH2   1 
ATOM   115  N  NH2   B ARG A 1 14  ? 4.140   -4.622  14.619  0.50 24.55 ? 14  ARG A NH2   1 
ATOM   116  N  N     . HIS A 1 15  ? -1.824  -3.901  12.477  1.00 16.40 ? 15  HIS A N     1 
ATOM   117  C  CA    . HIS A 1 15  ? -1.856  -2.476  12.270  1.00 16.22 ? 15  HIS A CA    1 
ATOM   118  C  C     . HIS A 1 15  ? -3.199  -1.884  11.878  1.00 16.27 ? 15  HIS A C     1 
ATOM   119  O  O     . HIS A 1 15  ? -3.277  -0.731  11.574  1.00 18.96 ? 15  HIS A O     1 
ATOM   120  C  CB    . HIS A 1 15  ? -0.805  -2.064  11.239  1.00 15.97 ? 15  HIS A CB    1 
ATOM   121  C  CG    . HIS A 1 15  ? 0.613   -2.116  11.739  1.00 18.76 ? 15  HIS A CG    1 
ATOM   122  N  ND1   . HIS A 1 15  ? 1.426   -3.184  11.547  1.00 21.12 ? 15  HIS A ND1   1 
ATOM   123  C  CD2   . HIS A 1 15  ? 1.327   -1.241  12.469  1.00 26.42 ? 15  HIS A CD2   1 
ATOM   124  C  CE1   . HIS A 1 15  ? 2.624   -2.963  12.088  1.00 23.89 ? 15  HIS A CE1   1 
ATOM   125  N  NE2   . HIS A 1 15  ? 2.579   -1.775  12.621  1.00 23.05 ? 15  HIS A NE2   1 
ATOM   126  N  N     . GLY A 1 16  ? -4.248  -2.679  11.992  1.00 16.21 ? 16  GLY A N     1 
ATOM   127  C  CA    . GLY A 1 16  ? -5.615  -2.219  11.963  1.00 16.61 ? 16  GLY A CA    1 
ATOM   128  C  C     . GLY A 1 16  ? -6.212  -2.125  10.543  1.00 15.74 ? 16  GLY A C     1 
ATOM   129  O  O     . GLY A 1 16  ? -7.187  -1.435  10.338  1.00 17.43 ? 16  GLY A O     1 
ATOM   130  N  N     . LEU A 1 17  ? -5.634  -2.798  9.538   1.00 16.44 ? 17  LEU A N     1 
ATOM   131  C  CA    . LEU A 1 17  ? -6.239  -2.749  8.185   1.00 15.28 ? 17  LEU A CA    1 
ATOM   132  C  C     . LEU A 1 17  ? -7.397  -3.685  7.943   1.00 17.25 ? 17  LEU A C     1 
ATOM   133  O  O     . LEU A 1 17  ? -8.120  -3.512  6.932   1.00 16.75 ? 17  LEU A O     1 
ATOM   134  C  CB    . LEU A 1 17  ? -5.243  -3.037  7.085   1.00 15.03 ? 17  LEU A CB    1 
ATOM   135  C  CG    . LEU A 1 17  ? -4.262  -1.907  6.838   1.00 15.04 ? 17  LEU A CG    1 
ATOM   136  C  CD1   . LEU A 1 17  ? -3.256  -2.282  5.740   1.00 15.08 ? 17  LEU A CD1   1 
ATOM   137  C  CD2   . LEU A 1 17  ? -4.936  -0.624  6.372   1.00 14.30 ? 17  LEU A CD2   1 
ATOM   138  N  N     . ASP A 1 18  ? -7.638  -4.692  8.776   1.00 18.13 ? 18  ASP A N     1 
ATOM   139  C  CA    . ASP A 1 18  ? -8.696  -5.631  8.488   1.00 21.04 ? 18  ASP A CA    1 
ATOM   140  C  C     . ASP A 1 18  ? -10.056 -4.938  8.654   1.00 21.67 ? 18  ASP A C     1 
ATOM   141  O  O     . ASP A 1 18  ? -10.402 -4.453  9.721   1.00 21.45 ? 18  ASP A O     1 
ATOM   142  C  CB    . ASP A 1 18  ? -8.600  -6.870  9.363   1.00 23.52 ? 18  ASP A CB    1 
ATOM   143  C  CG    . ASP A 1 18  ? -9.567  -7.989  8.966   1.00 24.98 ? 18  ASP A CG    1 
ATOM   144  O  OD1   . ASP A 1 18  ? -10.237 -8.038  7.820   1.00 28.05 ? 18  ASP A OD1   1 
ATOM   145  O  OD2   . ASP A 1 18  ? -9.637  -8.899  9.852   1.00 34.79 ? 18  ASP A OD2   1 
ATOM   146  N  N     . ASN A 1 19  ? -10.791 -4.796  7.555   1.00 17.22 ? 19  ASN A N     1 
ATOM   147  C  CA    . ASN A 1 19  ? -12.026 -4.143  7.444   1.00 17.02 ? 19  ASN A CA    1 
ATOM   148  C  C     . ASN A 1 19  ? -11.961 -2.652  7.650   1.00 14.27 ? 19  ASN A C     1 
ATOM   149  O  O     . ASN A 1 19  ? -12.970 -1.993  7.803   1.00 17.95 ? 19  ASN A O     1 
ATOM   150  C  CB    . ASN A 1 19  ? -13.127 -4.806  8.270   1.00 18.85 ? 19  ASN A CB    1 
ATOM   151  C  CG    . ASN A 1 19  ? -13.732 -5.799  7.305   1.00 29.53 ? 19  ASN A CG    1 
ATOM   152  O  OD1   . ASN A 1 19  ? -14.343 -5.386  6.295   1.00 32.28 ? 19  ASN A OD1   1 
ATOM   153  N  ND2   . ASN A 1 19  ? -13.329 -7.057  7.441   1.00 33.12 ? 19  ASN A ND2   1 
ATOM   154  N  N     . TYR A 1 20  ? -10.761 -2.062  7.380   1.00 14.40 ? 20  TYR A N     1 
ATOM   155  C  CA    . TYR A 1 20  ? -10.594 -0.682  7.459   1.00 13.66 ? 20  TYR A CA    1 
ATOM   156  C  C     . TYR A 1 20  ? -11.341 -0.056  6.279   1.00 13.13 ? 20  TYR A C     1 
ATOM   157  O  O     . TYR A 1 20  ? -11.104 -0.458  5.105   1.00 12.83 ? 20  TYR A O     1 
ATOM   158  C  CB    . TYR A 1 20  ? -9.108  -0.248  7.481   1.00 13.83 ? 20  TYR A CB    1 
ATOM   159  C  CG    . TYR A 1 20  ? -8.919  1.198   7.818   1.00 13.78 ? 20  TYR A CG    1 
ATOM   160  C  CD1   . TYR A 1 20  ? -8.822  1.639   9.144   1.00 14.90 ? 20  TYR A CD1   1 
ATOM   161  C  CD2   . TYR A 1 20  ? -8.910  2.152   6.822   1.00 13.90 ? 20  TYR A CD2   1 
ATOM   162  C  CE1   . TYR A 1 20  ? -8.734  2.990   9.436   1.00 15.97 ? 20  TYR A CE1   1 
ATOM   163  C  CE2   . TYR A 1 20  ? -8.900  3.503   7.127   1.00 13.89 ? 20  TYR A CE2   1 
ATOM   164  C  CZ    . TYR A 1 20  ? -8.785  3.921   8.433   1.00 16.08 ? 20  TYR A CZ    1 
ATOM   165  O  OH    . TYR A 1 20  ? -8.665  5.254   8.718   1.00 19.39 ? 20  TYR A OH    1 
ATOM   166  N  N     . ARG A 1 21  ? -12.191 0.926   6.553   1.00 13.84 ? 21  ARG A N     1 
ATOM   167  C  CA    . ARG A 1 21  ? -13.067 1.524   5.533   1.00 14.98 ? 21  ARG A CA    1 
ATOM   168  C  C     . ARG A 1 21  ? -13.861 0.452   4.803   1.00 13.03 ? 21  ARG A C     1 
ATOM   169  O  O     . ARG A 1 21  ? -14.233 0.631   3.617   1.00 13.95 ? 21  ARG A O     1 
ATOM   170  C  CB    . ARG A 1 21  ? -12.309 2.412   4.563   1.00 17.45 ? 21  ARG A CB    1 
ATOM   171  C  CG    . ARG A 1 21  ? -11.974 3.739   5.199   1.00 22.60 ? 21  ARG A CG    1 
ATOM   172  C  CD    . ARG A 1 21  ? -13.102 4.724   4.983   1.00 27.92 ? 21  ARG A CD    1 
ATOM   173  N  NE    . ARG A 1 21  ? -12.981 5.818   5.929   1.00 37.06 ? 21  ARG A NE    1 
ATOM   174  C  CZ    . ARG A 1 21  ? -13.384 7.066   5.702   1.00 36.93 ? 21  ARG A CZ    1 
ATOM   175  N  NH1   . ARG A 1 21  ? -13.141 8.005   6.605   1.00 42.95 ? 21  ARG A NH1   1 
ATOM   176  N  NH2   . ARG A 1 21  ? -13.989 7.376   4.569   1.00 41.29 ? 21  ARG A NH2   1 
ATOM   177  N  N     . GLY A 1 22  ? -14.079 -0.686  5.436   1.00 12.72 ? 22  GLY A N     1 
ATOM   178  C  CA    . GLY A 1 22  ? -14.877 -1.748  4.841   1.00 13.43 ? 22  GLY A CA    1 
ATOM   179  C  C     . GLY A 1 22  ? -14.135 -2.735  3.953   1.00 14.01 ? 22  GLY A C     1 
ATOM   180  O  O     . GLY A 1 22  ? -14.712 -3.662  3.355   1.00 14.58 ? 22  GLY A O     1 
ATOM   181  N  N     . TYR A 1 23  ? -12.789 -2.635  3.878   1.00 11.94 ? 23  TYR A N     1 
ATOM   182  C  CA    . TYR A 1 23  ? -11.992 -3.496  3.011   1.00 10.91 ? 23  TYR A CA    1 
ATOM   183  C  C     . TYR A 1 23  ? -11.372 -4.634  3.804   1.00 12.47 ? 23  TYR A C     1 
ATOM   184  O  O     . TYR A 1 23  ? -10.504 -4.410  4.674   1.00 12.38 ? 23  TYR A O     1 
ATOM   185  C  CB    . TYR A 1 23  ? -10.942 -2.638  2.299   1.00 10.60 ? 23  TYR A CB    1 
ATOM   186  C  CG    . TYR A 1 23  ? -11.490 -1.757  1.250   1.00 9.97  ? 23  TYR A CG    1 
ATOM   187  C  CD1   . TYR A 1 23  ? -11.753 -2.246  -0.052  1.00 10.08 ? 23  TYR A CD1   1 
ATOM   188  C  CD2   . TYR A 1 23  ? -11.844 -0.456  1.548   1.00 9.79  ? 23  TYR A CD2   1 
ATOM   189  C  CE1   . TYR A 1 23  ? -12.324 -1.417  -0.994  1.00 9.34  ? 23  TYR A CE1   1 
ATOM   190  C  CE2   . TYR A 1 23  ? -12.449 0.336   0.617   1.00 9.84  ? 23  TYR A CE2   1 
ATOM   191  C  CZ    . TYR A 1 23  ? -12.648 -0.135  -0.683  1.00 9.67  ? 23  TYR A CZ    1 
ATOM   192  O  OH    . TYR A 1 23  ? -13.216 0.632   -1.650  1.00 10.98 ? 23  TYR A OH    1 
ATOM   193  N  N     . SER A 1 24  ? -11.839 -5.857  3.555   1.00 13.66 ? 24  SER A N     1 
ATOM   194  C  CA    . SER A 1 24  ? -11.288 -7.030  4.210   1.00 13.78 ? 24  SER A CA    1 
ATOM   195  C  C     . SER A 1 24  ? -9.791  -7.177  3.976   1.00 13.50 ? 24  SER A C     1 
ATOM   196  O  O     . SER A 1 24  ? -9.243  -6.718  2.963   1.00 13.25 ? 24  SER A O     1 
ATOM   197  C  CB    . SER A 1 24  ? -12.060 -8.247  3.718   1.00 17.03 ? 24  SER A CB    1 
ATOM   198  O  OG    . SER A 1 24  ? -11.715 -8.541  2.361   1.00 18.74 ? 24  SER A OG    1 
ATOM   199  N  N     . LEU A 1 25  ? -9.140  -7.930  4.839   1.00 13.02 ? 25  LEU A N     1 
ATOM   200  C  CA    . LEU A 1 25  ? -7.713  -8.095  4.808   1.00 12.94 ? 25  LEU A CA    1 
ATOM   201  C  C     . LEU A 1 25  ? -7.233  -8.616  3.499   1.00 12.70 ? 25  LEU A C     1 
ATOM   202  O  O     . LEU A 1 25  ? -6.123  -8.203  3.054   1.00 13.03 ? 25  LEU A O     1 
ATOM   203  C  CB    . LEU A 1 25  ? -7.317  -9.000  5.967   1.00 15.55 ? 25  LEU A CB    1 
ATOM   204  C  CG    . LEU A 1 25  ? -5.843  -9.118  6.307   1.00 14.89 ? 25  LEU A CG    1 
ATOM   205  C  CD1   . LEU A 1 25  ? -5.262  -7.753  6.656   1.00 17.36 ? 25  LEU A CD1   1 
ATOM   206  C  CD2   . LEU A 1 25  ? -5.647  -10.138 7.445   1.00 15.82 ? 25  LEU A CD2   1 
ATOM   207  N  N     . GLY A 1 26  ? -7.875  -9.557  2.870   1.00 12.03 ? 26  GLY A N     1 
ATOM   208  C  CA    . GLY A 1 26  ? -7.456  -10.065 1.610   1.00 12.14 ? 26  GLY A CA    1 
ATOM   209  C  C     . GLY A 1 26  ? -7.323  -9.003  0.511   1.00 10.62 ? 26  GLY A C     1 
ATOM   210  O  O     . GLY A 1 26  ? -6.480  -9.136  -0.415  1.00 11.16 ? 26  GLY A O     1 
ATOM   211  N  N     . ASN A 1 27  ? -8.121  -7.945  0.550   1.00 10.44 ? 27  ASN A N     1 
ATOM   212  C  CA    . ASN A 1 27  ? -8.002  -6.845  -0.396  1.00 9.97  ? 27  ASN A CA    1 
ATOM   213  C  C     . ASN A 1 27  ? -6.629  -6.175  -0.274  1.00 9.53  ? 27  ASN A C     1 
ATOM   214  O  O     . ASN A 1 27  ? -6.019  -5.850  -1.302  1.00 9.62  ? 27  ASN A O     1 
ATOM   215  C  CB    . ASN A 1 27  ? -9.061  -5.787  -0.198  1.00 10.55 ? 27  ASN A CB    1 
ATOM   216  C  CG    . ASN A 1 27  ? -10.372 -6.221  -0.790  1.00 10.95 ? 27  ASN A CG    1 
ATOM   217  O  OD1   . ASN A 1 27  ? -10.556 -6.196  -1.981  1.00 11.06 ? 27  ASN A OD1   1 
ATOM   218  N  ND2   . ASN A 1 27  ? -11.283 -6.670  0.112   1.00 12.86 ? 27  ASN A ND2   1 
ATOM   219  N  N     . TRP A 1 28  ? -6.186  -5.976  0.941   1.00 9.52  ? 28  TRP A N     1 
ATOM   220  C  CA    . TRP A 1 28  ? -4.914  -5.310  1.233   1.00 9.77  ? 28  TRP A CA    1 
ATOM   221  C  C     . TRP A 1 28  ? -3.740  -6.170  0.855   1.00 9.13  ? 28  TRP A C     1 
ATOM   222  O  O     . TRP A 1 28  ? -2.742  -5.668  0.278   1.00 9.81  ? 28  TRP A O     1 
ATOM   223  C  CB    . TRP A 1 28  ? -4.864  -4.929  2.722   1.00 10.49 ? 28  TRP A CB    1 
ATOM   224  C  CG    . TRP A 1 28  ? -5.906  -3.940  3.087   1.00 9.67  ? 28  TRP A CG    1 
ATOM   225  C  CD1   . TRP A 1 28  ? -7.074  -4.159  3.770   1.00 10.69 ? 28  TRP A CD1   1 
ATOM   226  C  CD2   . TRP A 1 28  ? -5.918  -2.541  2.785   1.00 10.28 ? 28  TRP A CD2   1 
ATOM   227  N  NE1   . TRP A 1 28  ? -7.771  -3.016  3.905   1.00 10.51 ? 28  TRP A NE1   1 
ATOM   228  C  CE2   . TRP A 1 28  ? -7.082  -1.988  3.317   1.00 11.02 ? 28  TRP A CE2   1 
ATOM   229  C  CE3   . TRP A 1 28  ? -5.022  -1.693  2.115   1.00 11.11 ? 28  TRP A CE3   1 
ATOM   230  C  CZ2   . TRP A 1 28  ? -7.398  -0.638  3.183   1.00 12.25 ? 28  TRP A CZ2   1 
ATOM   231  C  CZ3   . TRP A 1 28  ? -5.325  -0.373  1.978   1.00 11.81 ? 28  TRP A CZ3   1 
ATOM   232  C  CH2   . TRP A 1 28  ? -6.493  0.155   2.530   1.00 12.72 ? 28  TRP A CH2   1 
ATOM   233  N  N     . VAL A 1 29  ? -3.839  -7.485  1.103   1.00 9.38  ? 29  VAL A N     1 
ATOM   234  C  CA    . VAL A 1 29  ? -2.797  -8.408  0.741   1.00 9.58  ? 29  VAL A CA    1 
ATOM   235  C  C     . VAL A 1 29  ? -2.702  -8.533  -0.752  1.00 9.87  ? 29  VAL A C     1 
ATOM   236  O  O     . VAL A 1 29  ? -1.568  -8.523  -1.330  1.00 9.86  ? 29  VAL A O     1 
ATOM   237  C  CB    . VAL A 1 29  ? -2.980  -9.790  1.446   1.00 10.87 ? 29  VAL A CB    1 
ATOM   238  C  CG1   . VAL A 1 29  ? -1.956  -10.770 1.016   1.00 10.64 ? 29  VAL A CG1   1 
ATOM   239  C  CG2   . VAL A 1 29  ? -2.925  -9.635  2.952   1.00 11.84 ? 29  VAL A CG2   1 
ATOM   240  N  N     . CYS A 1 30  ? -3.834  -8.660  -1.462  1.00 9.60  ? 30  CYS A N     1 
ATOM   241  C  CA    . CYS A 1 30  ? -3.858  -8.715  -2.909  1.00 9.39  ? 30  CYS A CA    1 
ATOM   242  C  C     . CYS A 1 30  ? -3.214  -7.448  -3.510  1.00 9.49  ? 30  CYS A C     1 
ATOM   243  O  O     . CYS A 1 30  ? -2.382  -7.512  -4.439  1.00 9.72  ? 30  CYS A O     1 
ATOM   244  C  CB    . CYS A 1 30  ? -5.315  -8.876  -3.370  1.00 10.81 ? 30  CYS A CB    1 
ATOM   245  S  SG    . CYS A 1 30  ? -5.491  -9.055  -5.157  1.00 11.66 ? 30  CYS A SG    1 
ATOM   246  N  N     . ALA A 1 31  ? -3.595  -6.300  -2.974  1.00 8.97  ? 31  ALA A N     1 
ATOM   247  C  CA    . ALA A 1 31  ? -3.025  -5.048  -3.516  1.00 9.31  ? 31  ALA A CA    1 
ATOM   248  C  C     . ALA A 1 31  ? -1.502  -5.071  -3.321  1.00 8.96  ? 31  ALA A C     1 
ATOM   249  O  O     . ALA A 1 31  ? -0.764  -4.705  -4.264  1.00 9.73  ? 31  ALA A O     1 
ATOM   250  C  CB    . ALA A 1 31  ? -3.641  -3.839  -2.842  1.00 11.03 ? 31  ALA A CB    1 
ATOM   251  N  N     . ALA A 1 32  ? -1.038  -5.431  -2.156  1.00 8.53  ? 32  ALA A N     1 
ATOM   252  C  CA    . ALA A 1 32  ? 0.419   -5.427  -1.929  1.00 8.44  ? 32  ALA A CA    1 
ATOM   253  C  C     . ALA A 1 32  ? 1.088   -6.413  -2.826  1.00 8.89  ? 32  ALA A C     1 
ATOM   254  O  O     . ALA A 1 32  ? 2.234   -6.162  -3.309  1.00 9.23  ? 32  ALA A O     1 
ATOM   255  C  CB    . ALA A 1 32  ? 0.688   -5.757  -0.489  1.00 9.93  ? 32  ALA A CB    1 
ATOM   256  N  N     . LYS A 1 33  ? 0.521   -7.582  -3.130  1.00 8.79  ? 33  LYS A N     1 
ATOM   257  C  CA    . LYS A 1 33  ? 1.153   -8.538  -3.975  1.00 9.29  ? 33  LYS A CA    1 
ATOM   258  C  C     . LYS A 1 33  ? 1.417   -7.887  -5.354  1.00 9.41  ? 33  LYS A C     1 
ATOM   259  O  O     . LYS A 1 33  ? 2.509   -8.027  -5.902  1.00 9.41  ? 33  LYS A O     1 
ATOM   260  C  CB    . LYS A 1 33  ? 0.246   -9.770  -4.180  1.00 10.58 ? 33  LYS A CB    1 
ATOM   261  C  CG    . LYS A 1 33  ? 0.766   -10.741 -5.214  1.00 15.32 ? 33  LYS A CG    1 
ATOM   262  C  CD    . LYS A 1 33  ? 1.895   -11.452 -4.766  1.00 16.53 ? 33  LYS A CD    1 
ATOM   263  C  CE    . LYS A 1 33  ? 2.183   -12.458 -5.852  1.00 22.92 ? 33  LYS A CE    1 
ATOM   264  N  NZ    . LYS A 1 33  ? 3.475   -13.010 -5.459  1.00 24.78 ? 33  LYS A NZ    1 
ATOM   265  N  N     . PHE A 1 34  ? 0.379   -7.298  -5.955  1.00 9.56  ? 34  PHE A N     1 
ATOM   266  C  CA    . PHE A 1 34  ? 0.505   -6.799  -7.292  1.00 9.35  ? 34  PHE A CA    1 
ATOM   267  C  C     . PHE A 1 34  ? 1.237   -5.455  -7.310  1.00 10.40 ? 34  PHE A C     1 
ATOM   268  O  O     . PHE A 1 34  ? 1.879   -5.145  -8.376  1.00 11.41 ? 34  PHE A O     1 
ATOM   269  C  CB    . PHE A 1 34  ? -0.803  -6.778  -8.002  1.00 10.22 ? 34  PHE A CB    1 
ATOM   270  C  CG    . PHE A 1 34  ? -1.333  -8.165  -8.205  1.00 10.59 ? 34  PHE A CG    1 
ATOM   271  C  CD1   . PHE A 1 34  ? -0.575  -9.169  -8.795  1.00 11.98 ? 34  PHE A CD1   1 
ATOM   272  C  CD2   . PHE A 1 34  ? -2.583  -8.519  -7.715  1.00 13.76 ? 34  PHE A CD2   1 
ATOM   273  C  CE1   . PHE A 1 34  ? -1.091  -10.438 -8.946  1.00 13.18 ? 34  PHE A CE1   1 
ATOM   274  C  CE2   . PHE A 1 34  ? -3.093  -9.788  -7.902  1.00 15.47 ? 34  PHE A CE2   1 
ATOM   275  C  CZ    . PHE A 1 34  ? -2.326  -10.742 -8.489  1.00 12.93 ? 34  PHE A CZ    1 
ATOM   276  N  N     . GLU A 1 35  ? 1.219   -4.671  -6.280  1.00 8.62  ? 35  GLU A N     1 
ATOM   277  C  CA    . GLU A 1 35  ? 1.975   -3.425  -6.243  1.00 8.41  ? 35  GLU A CA    1 
ATOM   278  C  C     . GLU A 1 35  ? 3.447   -3.665  -6.090  1.00 9.20  ? 35  GLU A C     1 
ATOM   279  O  O     . GLU A 1 35  ? 4.280   -2.986  -6.761  1.00 8.87  ? 35  GLU A O     1 
ATOM   280  C  CB    . GLU A 1 35  ? 1.466   -2.540  -5.115  1.00 9.12  ? 35  GLU A CB    1 
ATOM   281  C  CG    . GLU A 1 35  ? 0.092   -1.988  -5.315  1.00 10.13 ? 35  GLU A CG    1 
ATOM   282  C  CD    . GLU A 1 35  ? -0.061  -0.995  -6.423  1.00 11.03 ? 35  GLU A CD    1 
ATOM   283  O  OE1   . GLU A 1 35  ? 0.909   -0.675  -7.111  1.00 11.07 ? 35  GLU A OE1   1 
ATOM   284  O  OE2   . GLU A 1 35  ? -1.232  -0.528  -6.624  1.00 11.17 ? 35  GLU A OE2   1 
ATOM   285  N  N     . SER A 1 36  ? 3.869   -4.566  -5.193  1.00 9.14  ? 36  SER A N     1 
ATOM   286  C  CA    . SER A 1 36  ? 5.256   -4.638  -4.762  1.00 8.80  ? 36  SER A CA    1 
ATOM   287  C  C     . SER A 1 36  ? 5.800   -6.038  -4.699  1.00 9.48  ? 36  SER A C     1 
ATOM   288  O  O     . SER A 1 36  ? 6.970   -6.202  -4.310  1.00 9.91  ? 36  SER A O     1 
ATOM   289  C  CB    . SER A 1 36  ? 5.409   -4.020  -3.423  1.00 8.44  ? 36  SER A CB    1 
ATOM   290  O  OG    . SER A 1 36  ? 4.732   -4.813  -2.429  1.00 8.89  ? 36  SER A OG    1 
ATOM   291  N  N     . ASN A 1 37  ? 4.988   -7.065  -4.932  1.00 9.68  ? 37  ASN A N     1 
ATOM   292  C  CA    . ASN A 1 37  ? 5.414   -8.447  -4.660  1.00 10.27 ? 37  ASN A CA    1 
ATOM   293  C  C     . ASN A 1 37  ? 5.796   -8.634  -3.217  1.00 9.96  ? 37  ASN A C     1 
ATOM   294  O  O     . ASN A 1 37  ? 6.678   -9.465  -2.915  1.00 11.63 ? 37  ASN A O     1 
ATOM   295  C  CB    . ASN A 1 37  ? 6.505   -8.988  -5.591  1.00 13.08 ? 37  ASN A CB    1 
ATOM   296  C  CG    . ASN A 1 37  ? 6.382   -10.488 -5.840  1.00 14.96 ? 37  ASN A CG    1 
ATOM   297  O  OD1   . ASN A 1 37  ? 5.422   -11.118 -5.556  1.00 17.32 ? 37  ASN A OD1   1 
ATOM   298  N  ND2   . ASN A 1 37  ? 7.485   -11.076 -6.240  1.00 22.87 ? 37  ASN A ND2   1 
ATOM   299  N  N     . PHE A 1 38  ? 5.216   -7.862  -2.327  1.00 8.99  ? 38  PHE A N     1 
ATOM   300  C  CA    . PHE A 1 38  ? 5.447   -7.942  -0.889  1.00 9.07  ? 38  PHE A CA    1 
ATOM   301  C  C     . PHE A 1 38  ? 6.805   -7.405  -0.441  1.00 8.95  ? 38  PHE A C     1 
ATOM   302  O  O     . PHE A 1 38  ? 7.244   -7.645  0.676   1.00 9.36  ? 38  PHE A O     1 
ATOM   303  C  CB    . PHE A 1 38  ? 5.217   -9.336  -0.273  1.00 9.61  ? 38  PHE A CB    1 
ATOM   304  C  CG    . PHE A 1 38  ? 3.881   -9.980  -0.602  1.00 9.21  ? 38  PHE A CG    1 
ATOM   305  C  CD1   . PHE A 1 38  ? 2.704   -9.282  -0.640  1.00 9.75  ? 38  PHE A CD1   1 
ATOM   306  C  CD2   . PHE A 1 38  ? 3.794   -11.370 -0.721  1.00 11.81 ? 38  PHE A CD2   1 
ATOM   307  C  CE1   . PHE A 1 38  ? 1.468   -9.914  -0.781  1.00 10.72 ? 38  PHE A CE1   1 
ATOM   308  C  CE2   . PHE A 1 38  ? 2.555   -11.997 -0.871  1.00 13.19 ? 38  PHE A CE2   1 
ATOM   309  C  CZ    . PHE A 1 38  ? 1.430   -11.251 -0.958  1.00 11.80 ? 38  PHE A CZ    1 
ATOM   310  N  N     . ASN A 1 39  ? 7.458   -6.624  -1.316  1.00 8.67  ? 39  ASN A N     1 
ATOM   311  C  CA    . ASN A 1 39  ? 8.807   -6.083  -1.060  1.00 7.69  ? 39  ASN A CA    1 
ATOM   312  C  C     . ASN A 1 39  ? 8.682   -4.668  -0.542  1.00 8.12  ? 39  ASN A C     1 
ATOM   313  O  O     . ASN A 1 39  ? 8.251   -3.754  -1.284  1.00 9.00  ? 39  ASN A O     1 
ATOM   314  C  CB    . ASN A 1 39  ? 9.572   -6.102  -2.364  1.00 9.29  ? 39  ASN A CB    1 
ATOM   315  C  CG    . ASN A 1 39  ? 11.017  -5.708  -2.170  1.00 9.13  ? 39  ASN A CG    1 
ATOM   316  O  OD1   . ASN A 1 39  ? 11.456  -5.287  -1.150  1.00 9.34  ? 39  ASN A OD1   1 
ATOM   317  N  ND2   . ASN A 1 39  ? 11.772  -5.906  -3.260  1.00 15.32 ? 39  ASN A ND2   1 
ATOM   318  N  N     . THR A 1 40  ? 9.060   -4.403  0.710   1.00 7.97  ? 40  THR A N     1 
ATOM   319  C  CA    . THR A 1 40  ? 9.003   -3.091  1.223   1.00 9.02  ? 40  THR A CA    1 
ATOM   320  C  C     . THR A 1 40  ? 9.899   -2.088  0.496   1.00 8.43  ? 40  THR A C     1 
ATOM   321  O  O     . THR A 1 40  ? 9.628   -0.882  0.596   1.00 9.27  ? 40  THR A O     1 
ATOM   322  C  CB    . THR A 1 40  ? 9.353   -3.010  2.702   1.00 9.53  ? 40  THR A CB    1 
ATOM   323  O  OG1   . THR A 1 40  ? 10.728  -3.266  2.932   1.00 11.67 ? 40  THR A OG1   1 
ATOM   324  C  CG2   . THR A 1 40  ? 8.514   -3.913  3.578   1.00 10.03 ? 40  THR A CG2   1 
ATOM   325  N  N     . GLN A 1 41  ? 10.931  -2.590  -0.169  1.00 8.09  ? 41  GLN A N     1 
ATOM   326  C  CA    . GLN A 1 41  ? 11.863  -1.669  -0.860  1.00 7.84  ? 41  GLN A CA    1 
ATOM   327  C  C     . GLN A 1 41  ? 11.448  -1.321  -2.270  1.00 8.26  ? 41  GLN A C     1 
ATOM   328  O  O     . GLN A 1 41  ? 12.245  -0.610  -2.954  1.00 10.18 ? 41  GLN A O     1 
ATOM   329  C  CB    . GLN A 1 41  ? 13.300  -2.170  -0.797  1.00 8.60  ? 41  GLN A CB    1 
ATOM   330  C  CG    . GLN A 1 41  ? 13.772  -2.325  0.657   1.00 9.68  ? 41  GLN A CG    1 
ATOM   331  C  CD    . GLN A 1 41  ? 15.261  -2.503  0.711   1.00 10.01 ? 41  GLN A CD    1 
ATOM   332  O  OE1   . GLN A 1 41  ? 16.019  -1.539  0.604   1.00 12.17 ? 41  GLN A OE1   1 
ATOM   333  N  NE2   . GLN A 1 41  ? 15.701  -3.749  0.805   1.00 9.87  ? 41  GLN A NE2   1 
ATOM   334  N  N     . ALA A 1 42  ? 10.332  -1.789  -2.751  1.00 8.27  ? 42  ALA A N     1 
ATOM   335  C  CA    . ALA A 1 42  ? 9.894   -1.499  -4.113  1.00 8.83  ? 42  ALA A CA    1 
ATOM   336  C  C     . ALA A 1 42  ? 9.750   -0.014  -4.349  1.00 8.17  ? 42  ALA A C     1 
ATOM   337  O  O     . ALA A 1 42  ? 9.174   0.697   -3.583  1.00 8.31  ? 42  ALA A O     1 
ATOM   338  C  CB    . ALA A 1 42  ? 8.597   -2.159  -4.362  1.00 9.79  ? 42  ALA A CB    1 
ATOM   339  N  N     . THR A 1 43  ? 10.252  0.443   -5.524  1.00 9.04  ? 43  THR A N     1 
ATOM   340  C  CA    . THR A 1 43  ? 10.001  1.779   -6.037  1.00 9.73  ? 43  THR A CA    1 
ATOM   341  C  C     . THR A 1 43  ? 9.721   1.690   -7.520  1.00 10.59 ? 43  THR A C     1 
ATOM   342  O  O     . THR A 1 43  ? 10.263  0.805   -8.235  1.00 11.94 ? 43  THR A O     1 
ATOM   343  C  CB    . THR A 1 43  ? 11.204  2.680   -5.838  1.00 9.94  ? 43  THR A CB    1 
ATOM   344  O  OG1   . THR A 1 43  ? 12.362  2.222   -6.553  1.00 10.98 ? 43  THR A OG1   1 
ATOM   345  C  CG2   . THR A 1 43  ? 11.577  2.920   -4.406  1.00 10.88 ? 43  THR A CG2   1 
ATOM   346  N  N     . ASN A 1 44  ? 8.895   2.627   -8.001  1.00 9.32  ? 44  ASN A N     1 
ATOM   347  C  CA    . ASN A 1 44  ? 8.659   2.715   -9.447  1.00 10.36 ? 44  ASN A CA    1 
ATOM   348  C  C     . ASN A 1 44  ? 8.376   4.153   -9.772  1.00 10.02 ? 44  ASN A C     1 
ATOM   349  O  O     . ASN A 1 44  ? 7.597   4.801   -9.168  1.00 10.64 ? 44  ASN A O     1 
ATOM   350  C  CB    . ASN A 1 44  ? 7.530   1.777   -9.831  1.00 13.44 ? 44  ASN A CB    1 
ATOM   351  C  CG    . ASN A 1 44  ? 7.955   0.299   -9.801  1.00 16.11 ? 44  ASN A CG    1 
ATOM   352  O  OD1   . ASN A 1 44  ? 8.750   -0.245  -10.651 1.00 16.84 ? 44  ASN A OD1   1 
ATOM   353  N  ND2   . ASN A 1 44  ? 7.490   -0.401  -8.744  1.00 16.88 ? 44  ASN A ND2   1 
ATOM   354  N  N     . ARG A 1 45  ? 9.022   4.601   -10.818 1.00 10.98 ? 45  ARG A N     1 
ATOM   355  C  CA    . ARG A 1 45  ? 8.896   5.996   -11.293 1.00 11.93 ? 45  ARG A CA    1 
ATOM   356  C  C     . ARG A 1 45  ? 7.695   6.048   -12.225 1.00 12.57 ? 45  ARG A C     1 
ATOM   357  O  O     . ARG A 1 45  ? 7.520   5.226   -13.141 1.00 15.37 ? 45  ARG A O     1 
ATOM   358  C  CB    A ARG A 1 45  ? 10.092  6.487   -12.091 0.50 14.67 ? 45  ARG A CB    1 
ATOM   359  C  CB    B ARG A 1 45  ? 10.239  6.278   -11.989 0.50 12.03 ? 45  ARG A CB    1 
ATOM   360  C  CG    A ARG A 1 45  ? 10.130  8.009   -12.264 0.50 14.77 ? 45  ARG A CG    1 
ATOM   361  C  CG    B ARG A 1 45  ? 10.381  7.576   -12.775 0.50 11.50 ? 45  ARG A CG    1 
ATOM   362  C  CD    A ARG A 1 45  ? 10.797  8.621   -11.057 0.50 18.94 ? 45  ARG A CD    1 
ATOM   363  C  CD    B ARG A 1 45  ? 10.330  8.751   -11.836 0.50 10.71 ? 45  ARG A CD    1 
ATOM   364  N  NE    A ARG A 1 45  ? 10.793  10.088  -10.949 0.50 20.59 ? 45  ARG A NE    1 
ATOM   365  N  NE    B ARG A 1 45  ? 10.983  8.661   -10.526 0.50 10.96 ? 45  ARG A NE    1 
ATOM   366  C  CZ    A ARG A 1 45  ? 11.867  10.857  -11.082 0.50 21.45 ? 45  ARG A CZ    1 
ATOM   367  C  CZ    B ARG A 1 45  ? 12.273  8.658   -10.280 0.50 10.34 ? 45  ARG A CZ    1 
ATOM   368  N  NH1   A ARG A 1 45  ? 11.797  12.166  -10.870 0.50 22.64 ? 45  ARG A NH1   1 
ATOM   369  N  NH1   B ARG A 1 45  ? 12.637  8.564   -9.036  0.50 11.00 ? 45  ARG A NH1   1 
ATOM   370  N  NH2   A ARG A 1 45  ? 13.009  10.287  -11.423 0.50 23.27 ? 45  ARG A NH2   1 
ATOM   371  N  NH2   B ARG A 1 45  ? 13.226  8.763   -11.202 0.50 10.56 ? 45  ARG A NH2   1 
ATOM   372  N  N     . ASN A 1 46  ? 6.885   7.065   -12.035 1.00 12.26 ? 46  ASN A N     1 
ATOM   373  C  CA    . ASN A 1 46  ? 5.720   7.368   -12.873 1.00 15.25 ? 46  ASN A CA    1 
ATOM   374  C  C     . ASN A 1 46  ? 6.132   8.342   -13.980 1.00 14.84 ? 46  ASN A C     1 
ATOM   375  O  O     . ASN A 1 46  ? 7.109   9.027   -13.931 1.00 17.60 ? 46  ASN A O     1 
ATOM   376  C  CB    . ASN A 1 46  ? 4.596   7.974   -12.056 1.00 13.70 ? 46  ASN A CB    1 
ATOM   377  C  CG    . ASN A 1 46  ? 4.207   7.122   -10.872 1.00 12.99 ? 46  ASN A CG    1 
ATOM   378  O  OD1   . ASN A 1 46  ? 4.031   7.620   -9.740  1.00 15.35 ? 46  ASN A OD1   1 
ATOM   379  N  ND2   . ASN A 1 46  ? 4.015   5.833   -11.114 1.00 14.46 ? 46  ASN A ND2   1 
ATOM   380  N  N     . THR A 1 47  ? 5.231   8.378   -14.967 1.00 20.81 ? 47  THR A N     1 
ATOM   381  C  CA    . THR A 1 47  ? 5.469   9.168   -16.172 1.00 21.87 ? 47  THR A CA    1 
ATOM   382  C  C     . THR A 1 47  ? 5.662   10.651  -15.838 1.00 21.40 ? 47  THR A C     1 
ATOM   383  O  O     . THR A 1 47  ? 6.500   11.333  -16.503 1.00 28.72 ? 47  THR A O     1 
ATOM   384  C  CB    . THR A 1 47  ? 4.450   8.812   -17.272 1.00 23.01 ? 47  THR A CB    1 
ATOM   385  O  OG1   . THR A 1 47  ? 3.062   8.886   -16.902 1.00 27.30 ? 47  THR A OG1   1 
ATOM   386  C  CG2   . THR A 1 47  ? 4.664   7.396   -17.755 1.00 25.68 ? 47  THR A CG2   1 
ATOM   387  N  N     . ASP A 1 48  ? 4.857   11.154  -14.936 1.00 18.66 ? 48  ASP A N     1 
ATOM   388  C  CA    . ASP A 1 48  ? 4.903   12.530  -14.576 1.00 20.16 ? 48  ASP A CA    1 
ATOM   389  C  C     . ASP A 1 48  ? 6.168   12.851  -13.746 1.00 21.18 ? 48  ASP A C     1 
ATOM   390  O  O     . ASP A 1 48  ? 6.329   14.000  -13.446 1.00 22.34 ? 48  ASP A O     1 
ATOM   391  C  CB    . ASP A 1 48  ? 3.577   12.891  -13.887 1.00 21.37 ? 48  ASP A CB    1 
ATOM   392  C  CG    . ASP A 1 48  ? 3.453   12.302  -12.497 1.00 27.33 ? 48  ASP A CG    1 
ATOM   393  O  OD1   . ASP A 1 48  ? 4.254   11.421  -12.224 1.00 23.76 ? 48  ASP A OD1   1 
ATOM   394  O  OD2   . ASP A 1 48  ? 2.637   12.782  -11.685 1.00 33.18 ? 48  ASP A OD2   1 
ATOM   395  N  N     . GLY A 1 49  ? 7.060   11.898  -13.371 1.00 16.91 ? 49  GLY A N     1 
ATOM   396  C  CA    . GLY A 1 49  ? 8.243   12.203  -12.532 1.00 16.32 ? 49  GLY A CA    1 
ATOM   397  C  C     . GLY A 1 49  ? 7.972   11.975  -11.039 1.00 14.57 ? 49  GLY A C     1 
ATOM   398  O  O     . GLY A 1 49  ? 8.926   12.092  -10.215 1.00 15.93 ? 49  GLY A O     1 
ATOM   399  N  N     . SER A 1 50  ? 6.733   11.696  -10.651 1.00 11.74 ? 50  SER A N     1 
ATOM   400  C  CA    . SER A 1 50  ? 6.493   11.187  -9.313  1.00 10.97 ? 50  SER A CA    1 
ATOM   401  C  C     . SER A 1 50  ? 7.067   9.753   -9.198  1.00 9.30  ? 50  SER A C     1 
ATOM   402  O  O     . SER A 1 50  ? 7.351   9.129   -10.166 1.00 10.16 ? 50  SER A O     1 
ATOM   403  C  CB    . SER A 1 50  ? 5.044   11.259  -8.969  1.00 10.51 ? 50  SER A CB    1 
ATOM   404  O  OG    . SER A 1 50  ? 4.238   10.433  -9.792  1.00 11.58 ? 50  SER A OG    1 
ATOM   405  N  N     . THR A 1 51  ? 7.099   9.281   -7.949  1.00 7.98  ? 51  THR A N     1 
ATOM   406  C  CA    . THR A 1 51  ? 7.591   7.924   -7.640  1.00 7.54  ? 51  THR A CA    1 
ATOM   407  C  C     . THR A 1 51  ? 6.629   7.285   -6.670  1.00 7.70  ? 51  THR A C     1 
ATOM   408  O  O     . THR A 1 51  ? 6.119   7.909   -5.752  1.00 7.96  ? 51  THR A O     1 
ATOM   409  C  CB    . THR A 1 51  ? 9.015   7.987   -7.116  1.00 8.17  ? 51  THR A CB    1 
ATOM   410  O  OG1   . THR A 1 51  ? 9.868   8.658   -8.051  1.00 9.30  ? 51  THR A OG1   1 
ATOM   411  C  CG2   . THR A 1 51  ? 9.608   6.631   -6.878  1.00 8.85  ? 51  THR A CG2   1 
ATOM   412  N  N     . ASP A 1 52  ? 6.415   5.953   -6.873  1.00 7.91  ? 52  ASP A N     1 
ATOM   413  C  CA    . ASP A 1 52  ? 5.656   5.115   -5.949  1.00 8.07  ? 52  ASP A CA    1 
ATOM   414  C  C     . ASP A 1 52  ? 6.636   4.357   -5.056  1.00 7.77  ? 52  ASP A C     1 
ATOM   415  O  O     . ASP A 1 52  ? 7.610   3.775   -5.540  1.00 8.50  ? 52  ASP A O     1 
ATOM   416  C  CB    . ASP A 1 52  ? 4.777   4.147   -6.701  1.00 9.22  ? 52  ASP A CB    1 
ATOM   417  C  CG    . ASP A 1 52  ? 3.663   4.780   -7.484  1.00 11.26 ? 52  ASP A CG    1 
ATOM   418  O  OD1   . ASP A 1 52  ? 3.299   5.951   -7.324  1.00 11.39 ? 52  ASP A OD1   1 
ATOM   419  O  OD2   . ASP A 1 52  ? 2.961   3.987   -8.247  1.00 14.33 ? 52  ASP A OD2   1 
ATOM   420  N  N     . TYR A 1 53  ? 6.276   4.276   -3.771  1.00 7.75  ? 53  TYR A N     1 
ATOM   421  C  CA    . TYR A 1 53  ? 7.214   3.704   -2.754  1.00 8.05  ? 53  TYR A CA    1 
ATOM   422  C  C     . TYR A 1 53  ? 6.525   2.646   -1.911  1.00 7.98  ? 53  TYR A C     1 
ATOM   423  O  O     . TYR A 1 53  ? 5.442   2.843   -1.355  1.00 8.35  ? 53  TYR A O     1 
ATOM   424  C  CB    . TYR A 1 53  ? 7.631   4.820   -1.788  1.00 8.45  ? 53  TYR A CB    1 
ATOM   425  C  CG    . TYR A 1 53  ? 8.455   5.899   -2.447  1.00 7.90  ? 53  TYR A CG    1 
ATOM   426  C  CD1   . TYR A 1 53  ? 7.852   7.013   -3.043  1.00 8.19  ? 53  TYR A CD1   1 
ATOM   427  C  CD2   . TYR A 1 53  ? 9.842   5.830   -2.427  1.00 8.54  ? 53  TYR A CD2   1 
ATOM   428  C  CE1   . TYR A 1 53  ? 8.623   8.005   -3.635  1.00 7.75  ? 53  TYR A CE1   1 
ATOM   429  C  CE2   . TYR A 1 53  ? 10.616  6.827   -3.017  1.00 8.31  ? 53  TYR A CE2   1 
ATOM   430  C  CZ    . TYR A 1 53  ? 9.995   7.903   -3.629  1.00 7.80  ? 53  TYR A CZ    1 
ATOM   431  O  OH    . TYR A 1 53  ? 10.791  8.855   -4.214  1.00 8.69  ? 53  TYR A OH    1 
ATOM   432  N  N     . GLY A 1 54  ? 7.242   1.530   -1.690  1.00 7.76  ? 54  GLY A N     1 
ATOM   433  C  CA    . GLY A 1 54  ? 6.921   0.580   -0.651  1.00 8.24  ? 54  GLY A CA    1 
ATOM   434  C  C     . GLY A 1 54  ? 5.910   -0.421  -1.057  1.00 8.32  ? 54  GLY A C     1 
ATOM   435  O  O     . GLY A 1 54  ? 5.553   -0.616  -2.207  1.00 8.15  ? 54  GLY A O     1 
ATOM   436  N  N     . ILE A 1 55  ? 5.476   -1.196  -0.057  1.00 9.01  ? 55  ILE A N     1 
ATOM   437  C  CA    . ILE A 1 55  ? 4.635   -2.371  -0.241  1.00 10.62 ? 55  ILE A CA    1 
ATOM   438  C  C     . ILE A 1 55  ? 3.296   -2.092  -0.915  1.00 8.98  ? 55  ILE A C     1 
ATOM   439  O  O     . ILE A 1 55  ? 2.760   -2.909  -1.609  1.00 10.22 ? 55  ILE A O     1 
ATOM   440  C  CB    A ILE A 1 55  ? 4.181   -3.133  1.027   0.50 11.65 ? 55  ILE A CB    1 
ATOM   441  C  CB    B ILE A 1 55  ? 4.623   -3.081  1.114   0.50 13.00 ? 55  ILE A CB    1 
ATOM   442  C  CG1   A ILE A 1 55  ? 3.762   -2.246  2.215   0.50 11.96 ? 55  ILE A CG1   1 
ATOM   443  C  CG1   B ILE A 1 55  ? 4.624   -4.601  0.909   0.50 13.51 ? 55  ILE A CG1   1 
ATOM   444  C  CG2   A ILE A 1 55  ? 5.304   -3.999  1.505   0.50 10.73 ? 55  ILE A CG2   1 
ATOM   445  C  CG2   B ILE A 1 55  ? 3.449   -2.540  1.908   0.50 13.54 ? 55  ILE A CG2   1 
ATOM   446  C  CD1   A ILE A 1 55  ? 2.807   -3.012  3.195   0.50 11.91 ? 55  ILE A CD1   1 
ATOM   447  C  CD1   B ILE A 1 55  ? 4.915   -5.416  2.091   0.50 12.65 ? 55  ILE A CD1   1 
ATOM   448  N  N     . LEU A 1 56  ? 2.818   -0.837  -0.724  1.00 10.01 ? 56  LEU A N     1 
ATOM   449  C  CA    . LEU A 1 56  ? 1.594   -0.395  -1.339  1.00 10.08 ? 56  LEU A CA    1 
ATOM   450  C  C     . LEU A 1 56  ? 1.801   0.721   -2.366  1.00 9.55  ? 56  LEU A C     1 
ATOM   451  O  O     . LEU A 1 56  ? 0.852   1.335   -2.847  1.00 10.28 ? 56  LEU A O     1 
ATOM   452  C  CB    . LEU A 1 56  ? 0.545   0.034   -0.280  1.00 11.06 ? 56  LEU A CB    1 
ATOM   453  C  CG    . LEU A 1 56  ? -0.082  -1.165  0.466   1.00 11.50 ? 56  LEU A CG    1 
ATOM   454  C  CD1   . LEU A 1 56  ? -0.857  -0.690  1.658   1.00 12.98 ? 56  LEU A CD1   1 
ATOM   455  C  CD2   . LEU A 1 56  ? -0.986  -2.011  -0.435  1.00 12.89 ? 56  LEU A CD2   1 
ATOM   456  N  N     . GLN A 1 57  ? 3.050   0.941   -2.796  1.00 8.73  ? 57  GLN A N     1 
ATOM   457  C  CA    . GLN A 1 57  ? 3.360   1.811   -3.944  1.00 8.52  ? 57  GLN A CA    1 
ATOM   458  C  C     . GLN A 1 57  ? 2.671   3.177   -3.815  1.00 8.34  ? 57  GLN A C     1 
ATOM   459  O  O     . GLN A 1 57  ? 1.971   3.613   -4.733  1.00 9.56  ? 57  GLN A O     1 
ATOM   460  C  CB    . GLN A 1 57  ? 3.066   1.092   -5.214  1.00 8.48  ? 57  GLN A CB    1 
ATOM   461  C  CG    . GLN A 1 57  ? 4.060   -0.046  -5.527  1.00 8.26  ? 57  GLN A CG    1 
ATOM   462  C  CD    . GLN A 1 57  ? 5.424   0.521   -5.808  1.00 8.88  ? 57  GLN A CD    1 
ATOM   463  O  OE1   . GLN A 1 57  ? 5.687   0.963   -6.945  1.00 9.71  ? 57  GLN A OE1   1 
ATOM   464  N  NE2   . GLN A 1 57  ? 6.300   0.556   -4.818  1.00 9.09  ? 57  GLN A NE2   1 
ATOM   465  N  N     . ILE A 1 58  ? 2.886   3.795   -2.688  1.00 7.82  ? 58  ILE A N     1 
ATOM   466  C  CA    . ILE A 1 58  ? 2.302   5.094   -2.388  1.00 8.52  ? 58  ILE A CA    1 
ATOM   467  C  C     . ILE A 1 58  ? 3.033   6.181   -3.135  1.00 8.12  ? 58  ILE A C     1 
ATOM   468  O  O     . ILE A 1 58  ? 4.258   6.256   -3.141  1.00 8.47  ? 58  ILE A O     1 
ATOM   469  C  CB    . ILE A 1 58  ? 2.281   5.278   -0.897  1.00 9.57  ? 58  ILE A CB    1 
ATOM   470  C  CG1   . ILE A 1 58  ? 1.253   4.304   -0.311  1.00 10.62 ? 58  ILE A CG1   1 
ATOM   471  C  CG2   . ILE A 1 58  ? 2.038   6.733   -0.534  1.00 10.05 ? 58  ILE A CG2   1 
ATOM   472  C  CD1   . ILE A 1 58  ? 1.206   4.247   1.161   1.00 12.58 ? 58  ILE A CD1   1 
ATOM   473  N  N     . ASN A 1 59  ? 2.267   7.091   -3.774  1.00 8.41  ? 59  ASN A N     1 
ATOM   474  C  CA    . ASN A 1 59  ? 2.765   8.037   -4.742  1.00 8.86  ? 59  ASN A CA    1 
ATOM   475  C  C     . ASN A 1 59  ? 3.175   9.374   -4.120  1.00 8.68  ? 59  ASN A C     1 
ATOM   476  O  O     . ASN A 1 59  ? 2.378   10.035  -3.448  1.00 9.87  ? 59  ASN A O     1 
ATOM   477  C  CB    . ASN A 1 59  ? 1.670   8.261   -5.817  1.00 10.39 ? 59  ASN A CB    1 
ATOM   478  C  CG    . ASN A 1 59  ? 2.122   8.954   -7.051  1.00 11.11 ? 59  ASN A CG    1 
ATOM   479  O  OD1   . ASN A 1 59  ? 3.142   9.595   -7.087  1.00 13.63 ? 59  ASN A OD1   1 
ATOM   480  N  ND2   . ASN A 1 59  ? 1.310   8.862   -8.097  1.00 14.11 ? 59  ASN A ND2   1 
ATOM   481  N  N     . SER A 1 60  ? 4.395   9.782   -4.445  1.00 8.27  ? 60  SER A N     1 
ATOM   482  C  CA    . SER A 1 60  ? 4.945   11.099  -4.015  1.00 8.70  ? 60  SER A CA    1 
ATOM   483  C  C     . SER A 1 60  ? 4.183   12.290  -4.579  1.00 9.51  ? 60  SER A C     1 
ATOM   484  O  O     . SER A 1 60  ? 4.370   13.425  -4.063  1.00 9.93  ? 60  SER A O     1 
ATOM   485  C  CB    . SER A 1 60  ? 6.393   11.237  -4.392  1.00 8.24  ? 60  SER A CB    1 
ATOM   486  O  OG    . SER A 1 60  ? 6.536   11.275  -5.790  1.00 8.92  ? 60  SER A OG    1 
ATOM   487  N  N     . ARG A 1 61  ? 3.333   12.099  -5.584  1.00 9.60  ? 61  ARG A N     1 
ATOM   488  C  CA    . ARG A 1 61  ? 2.543   13.174  -6.161  1.00 10.11 ? 61  ARG A CA    1 
ATOM   489  C  C     . ARG A 1 61  ? 1.684   13.743  -5.074  1.00 10.77 ? 61  ARG A C     1 
ATOM   490  O  O     . ARG A 1 61  ? 1.436   14.992  -5.093  1.00 12.66 ? 61  ARG A O     1 
ATOM   491  C  CB    . ARG A 1 61  ? 1.674   12.615  -7.286  1.00 13.05 ? 61  ARG A CB    1 
ATOM   492  C  CG    . ARG A 1 61  ? 0.631   13.543  -7.901  1.00 15.44 ? 61  ARG A CG    1 
ATOM   493  C  CD    . ARG A 1 61  ? 1.320   14.667  -8.625  1.00 18.39 ? 61  ARG A CD    1 
ATOM   494  N  NE    . ARG A 1 61  ? 0.311   15.623  -9.108  1.00 24.63 ? 61  ARG A NE    1 
ATOM   495  C  CZ    . ARG A 1 61  ? -0.298  16.584  -8.360  1.00 27.10 ? 61  ARG A CZ    1 
ATOM   496  N  NH1   . ARG A 1 61  ? -1.165  17.395  -8.952  1.00 27.96 ? 61  ARG A NH1   1 
ATOM   497  N  NH2   . ARG A 1 61  ? -0.056  16.779  -7.060  1.00 23.72 ? 61  ARG A NH2   1 
ATOM   498  N  N     . TRP A 1 62  ? 1.165   12.964  -4.140  1.00 10.66 ? 62  TRP A N     1 
ATOM   499  C  CA    . TRP A 1 62  ? 0.242   13.437  -3.164  1.00 10.44 ? 62  TRP A CA    1 
ATOM   500  C  C     . TRP A 1 62  ? 0.631   13.188  -1.730  1.00 10.08 ? 62  TRP A C     1 
ATOM   501  O  O     . TRP A 1 62  ? 0.262   13.938  -0.824  1.00 12.26 ? 62  TRP A O     1 
ATOM   502  C  CB    . TRP A 1 62  ? -1.144  12.823  -3.303  1.00 13.58 ? 62  TRP A CB    1 
ATOM   503  C  CG    . TRP A 1 62  ? -1.805  13.138  -4.617  1.00 14.58 ? 62  TRP A CG    1 
ATOM   504  C  CD1   . TRP A 1 62  ? -1.977  12.342  -5.679  1.00 17.16 ? 62  TRP A CD1   1 
ATOM   505  C  CD2   . TRP A 1 62  ? -2.370  14.406  -4.982  1.00 18.23 ? 62  TRP A CD2   1 
ATOM   506  N  NE1   . TRP A 1 62  ? -2.612  13.022  -6.710  1.00 19.34 ? 62  TRP A NE1   1 
ATOM   507  C  CE2   . TRP A 1 62  ? -2.827  14.309  -6.306  1.00 19.18 ? 62  TRP A CE2   1 
ATOM   508  C  CE3   . TRP A 1 62  ? -2.396  15.635  -4.313  1.00 20.42 ? 62  TRP A CE3   1 
ATOM   509  C  CZ2   . TRP A 1 62  ? -3.468  15.381  -6.935  1.00 23.65 ? 62  TRP A CZ2   1 
ATOM   510  C  CZ3   . TRP A 1 62  ? -3.020  16.699  -4.939  1.00 23.49 ? 62  TRP A CZ3   1 
ATOM   511  C  CH2   . TRP A 1 62  ? -3.551  16.556  -6.219  1.00 25.65 ? 62  TRP A CH2   1 
ATOM   512  N  N     . TRP A 1 63  ? 1.323   12.053  -1.428  1.00 9.69  ? 63  TRP A N     1 
ATOM   513  C  CA    . TRP A 1 63  ? 1.245   11.451  -0.127  1.00 9.49  ? 63  TRP A CA    1 
ATOM   514  C  C     . TRP A 1 63  ? 2.476   11.568  0.742   1.00 10.25 ? 63  TRP A C     1 
ATOM   515  O  O     . TRP A 1 63  ? 2.417   11.419  1.948   1.00 11.03 ? 63  TRP A O     1 
ATOM   516  C  CB    . TRP A 1 63  ? 0.807   9.988   -0.161  1.00 9.60  ? 63  TRP A CB    1 
ATOM   517  C  CG    . TRP A 1 63  ? -0.474  9.855   -0.929  1.00 10.72 ? 63  TRP A CG    1 
ATOM   518  C  CD1   . TRP A 1 63  ? -0.650  9.379   -2.150  1.00 11.15 ? 63  TRP A CD1   1 
ATOM   519  C  CD2   . TRP A 1 63  ? -1.781  10.310  -0.490  1.00 11.59 ? 63  TRP A CD2   1 
ATOM   520  N  NE1   . TRP A 1 63  ? -1.993  9.479   -2.517  1.00 12.71 ? 63  TRP A NE1   1 
ATOM   521  C  CE2   . TRP A 1 63  ? -2.687  10.054  -1.524  1.00 11.54 ? 63  TRP A CE2   1 
ATOM   522  C  CE3   . TRP A 1 63  ? -2.252  10.849  0.699   1.00 12.64 ? 63  TRP A CE3   1 
ATOM   523  C  CZ2   . TRP A 1 63  ? -4.048  10.374  -1.411  1.00 12.64 ? 63  TRP A CZ2   1 
ATOM   524  C  CZ3   . TRP A 1 63  ? -3.606  11.115  0.799   1.00 13.33 ? 63  TRP A CZ3   1 
ATOM   525  C  CH2   . TRP A 1 63  ? -4.453  10.922  -0.260  1.00 14.61 ? 63  TRP A CH2   1 
ATOM   526  N  N     . CYS A 1 64  ? 3.652   11.727  0.101   1.00 9.57  ? 64  CYS A N     1 
ATOM   527  C  CA    . CYS A 1 64  ? 4.907   11.742  0.816   1.00 9.72  ? 64  CYS A CA    1 
ATOM   528  C  C     . CYS A 1 64  ? 5.861   12.710  0.117   1.00 8.85  ? 64  CYS A C     1 
ATOM   529  O  O     . CYS A 1 64  ? 5.673   13.021  -1.029  1.00 9.48  ? 64  CYS A O     1 
ATOM   530  C  CB    . CYS A 1 64  ? 5.535   10.348  0.926   1.00 9.74  ? 64  CYS A CB    1 
ATOM   531  S  SG    . CYS A 1 64  ? 5.973   9.537   -0.625  1.00 9.86  ? 64  CYS A SG    1 
ATOM   532  N  N     . ASN A 1 65  ? 6.893   13.133  0.880   1.00 9.58  ? 65  ASN A N     1 
ATOM   533  C  CA    . ASN A 1 65  ? 7.918   14.020  0.291   1.00 10.12 ? 65  ASN A CA    1 
ATOM   534  C  C     . ASN A 1 65  ? 9.211   13.267  -0.094  1.00 8.87  ? 65  ASN A C     1 
ATOM   535  O  O     . ASN A 1 65  ? 9.790   12.621  0.756   1.00 9.20  ? 65  ASN A O     1 
ATOM   536  C  CB    . ASN A 1 65  ? 8.298   15.133  1.273   1.00 10.84 ? 65  ASN A CB    1 
ATOM   537  C  CG    . ASN A 1 65  ? 9.373   15.983  0.650   1.00 11.39 ? 65  ASN A CG    1 
ATOM   538  O  OD1   . ASN A 1 65  ? 9.192   16.492  -0.419  1.00 13.07 ? 65  ASN A OD1   1 
ATOM   539  N  ND2   . ASN A 1 65  ? 10.498  16.021  1.330   1.00 13.46 ? 65  ASN A ND2   1 
ATOM   540  N  N     . ASP A 1 66  ? 9.585   13.421  -1.344  1.00 9.06  ? 66  ASP A N     1 
ATOM   541  C  CA    . ASP A 1 66  ? 10.882  12.919  -1.789  1.00 9.38  ? 66  ASP A CA    1 
ATOM   542  C  C     . ASP A 1 66  ? 11.764  14.036  -2.322  1.00 9.77  ? 66  ASP A C     1 
ATOM   543  O  O     . ASP A 1 66  ? 12.867  13.710  -2.798  1.00 11.45 ? 66  ASP A O     1 
ATOM   544  C  CB    . ASP A 1 66  ? 10.714  11.813  -2.846  1.00 9.09  ? 66  ASP A CB    1 
ATOM   545  C  CG    . ASP A 1 66  ? 10.060  12.159  -4.146  1.00 8.87  ? 66  ASP A CG    1 
ATOM   546  O  OD1   . ASP A 1 66  ? 9.810   13.359  -4.431  1.00 9.30  ? 66  ASP A OD1   1 
ATOM   547  O  OD2   . ASP A 1 66  ? 9.755   11.191  -4.897  1.00 9.13  ? 66  ASP A OD2   1 
ATOM   548  N  N     . GLY A 1 67  ? 11.342  15.279  -2.262  1.00 10.51 ? 67  GLY A N     1 
ATOM   549  C  CA    . GLY A 1 67  ? 12.168  16.435  -2.725  1.00 12.49 ? 67  GLY A CA    1 
ATOM   550  C  C     . GLY A 1 67  ? 12.317  16.512  -4.203  1.00 12.56 ? 67  GLY A C     1 
ATOM   551  O  O     . GLY A 1 67  ? 13.085  17.440  -4.675  1.00 14.17 ? 67  GLY A O     1 
ATOM   552  N  N     . ARG A 1 68  ? 11.730  15.657  -5.039  1.00 11.58 ? 68  ARG A N     1 
ATOM   553  C  CA    . ARG A 1 68  ? 11.997  15.597  -6.457  1.00 12.43 ? 68  ARG A CA    1 
ATOM   554  C  C     . ARG A 1 68  ? 10.712  15.394  -7.246  1.00 12.31 ? 68  ARG A C     1 
ATOM   555  O  O     . ARG A 1 68  ? 10.739  14.877  -8.367  1.00 14.86 ? 68  ARG A O     1 
ATOM   556  C  CB    . ARG A 1 68  ? 13.080  14.581  -6.802  1.00 12.69 ? 68  ARG A CB    1 
ATOM   557  C  CG    . ARG A 1 68  ? 12.715  13.161  -6.432  1.00 13.18 ? 68  ARG A CG    1 
ATOM   558  C  CD    . ARG A 1 68  ? 13.370  12.240  -7.329  1.00 15.26 ? 68  ARG A CD    1 
ATOM   559  N  NE    A ARG A 1 68  ? 12.728  11.099  -7.763  0.50 13.71 ? 68  ARG A NE    1 
ATOM   560  N  NE    B ARG A 1 68  ? 12.486  11.815  -8.465  0.50 10.90 ? 68  ARG A NE    1 
ATOM   561  C  CZ    A ARG A 1 68  ? 13.407  10.030  -8.128  0.50 11.55 ? 68  ARG A CZ    1 
ATOM   562  C  CZ    B ARG A 1 68  ? 12.836  12.028  -9.750  0.50 10.46 ? 68  ARG A CZ    1 
ATOM   563  N  NH1   A ARG A 1 68  ? 14.713  10.104  -8.299  0.50 12.65 ? 68  ARG A NH1   1 
ATOM   564  N  NH1   B ARG A 1 68  ? 11.932  12.061  -10.710 0.50 11.76 ? 68  ARG A NH1   1 
ATOM   565  N  NH2   A ARG A 1 68  ? 12.754  8.904   -8.350  0.50 12.08 ? 68  ARG A NH2   1 
ATOM   566  N  NH2   B ARG A 1 68  ? 14.115  12.122  -10.122 0.50 13.66 ? 68  ARG A NH2   1 
ATOM   567  N  N     . THR A 1 69  ? 9.600   15.841  -6.695  1.00 10.73 ? 69  THR A N     1 
ATOM   568  C  CA    . THR A 1 69  ? 8.307   15.769  -7.409  1.00 10.78 ? 69  THR A CA    1 
ATOM   569  C  C     . THR A 1 69  ? 7.663   17.174  -7.439  1.00 11.27 ? 69  THR A C     1 
ATOM   570  O  O     . THR A 1 69  ? 6.823   17.517  -6.611  1.00 11.67 ? 69  THR A O     1 
ATOM   571  C  CB    . THR A 1 69  ? 7.366   14.757  -6.787  1.00 10.41 ? 69  THR A CB    1 
ATOM   572  O  OG1   . THR A 1 69  ? 8.062   13.499  -6.570  1.00 10.12 ? 69  THR A OG1   1 
ATOM   573  C  CG2   . THR A 1 69  ? 6.202   14.481  -7.695  1.00 11.35 ? 69  THR A CG2   1 
ATOM   574  N  N     . PRO A 1 70  ? 8.045   18.019  -8.412  1.00 12.91 ? 70  PRO A N     1 
ATOM   575  C  CA    . PRO A 1 70  ? 7.582   19.427  -8.397  1.00 12.07 ? 70  PRO A CA    1 
ATOM   576  C  C     . PRO A 1 70  ? 6.082   19.545  -8.350  1.00 14.19 ? 70  PRO A C     1 
ATOM   577  O  O     . PRO A 1 70  ? 5.364   18.876  -9.110  1.00 15.79 ? 70  PRO A O     1 
ATOM   578  C  CB    . PRO A 1 70  ? 8.149   19.961  -9.710  1.00 14.70 ? 70  PRO A CB    1 
ATOM   579  C  CG    . PRO A 1 70  ? 9.424   19.189  -9.909  1.00 15.93 ? 70  PRO A CG    1 
ATOM   580  C  CD    . PRO A 1 70  ? 9.061   17.776  -9.442  1.00 15.26 ? 70  PRO A CD    1 
ATOM   581  N  N     . GLY A 1 71  ? 5.577   20.426  -7.486  1.00 13.05 ? 71  GLY A N     1 
ATOM   582  C  CA    . GLY A 1 71  ? 4.193   20.734  -7.395  1.00 15.30 ? 71  GLY A CA    1 
ATOM   583  C  C     . GLY A 1 71  ? 3.454   19.781  -6.469  1.00 16.72 ? 71  GLY A C     1 
ATOM   584  O  O     . GLY A 1 71  ? 2.266   19.895  -6.281  1.00 17.06 ? 71  GLY A O     1 
ATOM   585  N  N     . SER A 1 72  ? 4.097   18.712  -6.002  1.00 13.86 ? 72  SER A N     1 
ATOM   586  C  CA    . SER A 1 72  ? 3.414   17.645  -5.267  1.00 12.55 ? 72  SER A CA    1 
ATOM   587  C  C     . SER A 1 72  ? 3.075   18.052  -3.861  1.00 12.88 ? 72  SER A C     1 
ATOM   588  O  O     . SER A 1 72  ? 3.527   19.057  -3.296  1.00 14.76 ? 72  SER A O     1 
ATOM   589  C  CB    . SER A 1 72  ? 4.336   16.419  -5.232  1.00 12.20 ? 72  SER A CB    1 
ATOM   590  O  OG    . SER A 1 72  ? 5.416   16.589  -4.366  1.00 12.22 ? 72  SER A OG    1 
ATOM   591  N  N     . ARG A 1 73  ? 2.243   17.247  -3.213  1.00 12.58 ? 73  ARG A N     1 
ATOM   592  C  CA    . ARG A 1 73  ? 1.913   17.391  -1.854  1.00 12.11 ? 73  ARG A CA    1 
ATOM   593  C  C     . ARG A 1 73  ? 2.543   16.291  -0.995  1.00 11.52 ? 73  ARG A C     1 
ATOM   594  O  O     . ARG A 1 73  ? 3.167   15.328  -1.568  1.00 12.27 ? 73  ARG A O     1 
ATOM   595  C  CB    . ARG A 1 73  ? 0.386   17.324  -1.658  1.00 14.54 ? 73  ARG A CB    1 
ATOM   596  C  CG    . ARG A 1 73  ? -0.380  18.448  -2.356  1.00 16.18 ? 73  ARG A CG    1 
ATOM   597  C  CD    . ARG A 1 73  ? 0.007   19.837  -1.846  1.00 19.84 ? 73  ARG A CD    1 
ATOM   598  N  NE    . ARG A 1 73  ? -0.616  20.088  -0.571  1.00 20.69 ? 73  ARG A NE    1 
ATOM   599  C  CZ    . ARG A 1 73  ? -1.904  20.444  -0.394  1.00 18.31 ? 73  ARG A CZ    1 
ATOM   600  N  NH1   . ARG A 1 73  ? -2.655  20.744  -1.429  1.00 20.11 ? 73  ARG A NH1   1 
ATOM   601  N  NH2   . ARG A 1 73  ? -2.396  20.441  0.813   1.00 21.02 ? 73  ARG A NH2   1 
ATOM   602  N  N     . ASN A 1 74  ? 2.445   16.383  0.311   1.00 12.49 ? 74  ASN A N     1 
ATOM   603  C  CA    . ASN A 1 74  ? 2.952   15.410  1.279   1.00 12.35 ? 74  ASN A CA    1 
ATOM   604  C  C     . ASN A 1 74  ? 1.860   15.227  2.373   1.00 11.34 ? 74  ASN A C     1 
ATOM   605  O  O     . ASN A 1 74  ? 2.020   15.564  3.527   1.00 12.80 ? 74  ASN A O     1 
ATOM   606  C  CB    . ASN A 1 74  ? 4.245   15.904  1.908   1.00 12.36 ? 74  ASN A CB    1 
ATOM   607  C  CG    . ASN A 1 74  ? 4.770   15.012  2.987   1.00 12.20 ? 74  ASN A CG    1 
ATOM   608  O  OD1   . ASN A 1 74  ? 4.360   13.887  3.157   1.00 12.31 ? 74  ASN A OD1   1 
ATOM   609  N  ND2   . ASN A 1 74  ? 5.797   15.474  3.697   1.00 13.83 ? 74  ASN A ND2   1 
ATOM   610  N  N     . LEU A 1 75  ? 0.755   14.634  1.958   1.00 12.16 ? 75  LEU A N     1 
ATOM   611  C  CA    . LEU A 1 75  ? -0.472  14.613  2.801   1.00 12.56 ? 75  LEU A CA    1 
ATOM   612  C  C     . LEU A 1 75  ? -0.266  13.695  3.959   1.00 12.85 ? 75  LEU A C     1 
ATOM   613  O  O     . LEU A 1 75  ? -0.969  13.760  4.989   1.00 16.08 ? 75  LEU A O     1 
ATOM   614  C  CB    . LEU A 1 75  ? -1.705  14.316  1.953   1.00 14.52 ? 75  LEU A CB    1 
ATOM   615  C  CG    . LEU A 1 75  ? -2.063  15.396  0.954   1.00 15.17 ? 75  LEU A CG    1 
ATOM   616  C  CD1   . LEU A 1 75  ? -3.211  14.929  0.075   1.00 17.68 ? 75  LEU A CD1   1 
ATOM   617  C  CD2   . LEU A 1 75  ? -2.438  16.713  1.633   1.00 18.82 ? 75  LEU A CD2   1 
ATOM   618  N  N     . CYS A 1 76  ? 0.615   12.647  3.897   1.00 12.07 ? 76  CYS A N     1 
ATOM   619  C  CA    . CYS A 1 76  ? 0.849   11.759  5.009   1.00 12.93 ? 76  CYS A CA    1 
ATOM   620  C  C     . CYS A 1 76  ? 1.898   12.349  5.958   1.00 13.14 ? 76  CYS A C     1 
ATOM   621  O  O     . CYS A 1 76  ? 2.234   11.729  6.963   1.00 13.74 ? 76  CYS A O     1 
ATOM   622  C  CB    . CYS A 1 76  ? 1.240   10.339  4.566   1.00 12.05 ? 76  CYS A CB    1 
ATOM   623  S  SG    . CYS A 1 76  ? -0.201  9.567   3.788   1.00 12.94 ? 76  CYS A SG    1 
ATOM   624  N  N     . ASN A 1 77  ? 2.505   13.459  5.549   1.00 13.03 ? 77  ASN A N     1 
ATOM   625  C  CA    . ASN A 1 77  ? 3.520   14.153  6.369   1.00 14.68 ? 77  ASN A CA    1 
ATOM   626  C  C     . ASN A 1 77  ? 4.691   13.274  6.729   1.00 14.92 ? 77  ASN A C     1 
ATOM   627  O  O     . ASN A 1 77  ? 5.099   13.180  7.902   1.00 15.03 ? 77  ASN A O     1 
ATOM   628  C  CB    . ASN A 1 77  ? 2.895   14.733  7.657   1.00 16.70 ? 77  ASN A CB    1 
ATOM   629  C  CG    . ASN A 1 77  ? 1.750   15.670  7.355   1.00 21.58 ? 77  ASN A CG    1 
ATOM   630  O  OD1   . ASN A 1 77  ? 1.899   16.651  6.644   1.00 27.98 ? 77  ASN A OD1   1 
ATOM   631  N  ND2   . ASN A 1 77  ? 0.563   15.301  7.827   1.00 24.80 ? 77  ASN A ND2   1 
ATOM   632  N  N     . ILE A 1 78  ? 5.261   12.643  5.702   1.00 12.67 ? 78  ILE A N     1 
ATOM   633  C  CA    . ILE A 1 78  ? 6.390   11.725  5.912   1.00 12.61 ? 78  ILE A CA    1 
ATOM   634  C  C     . ILE A 1 78  ? 7.346   11.849  4.738   1.00 10.98 ? 78  ILE A C     1 
ATOM   635  O  O     . ILE A 1 78  ? 6.929   12.102  3.609   1.00 10.81 ? 78  ILE A O     1 
ATOM   636  C  CB    . ILE A 1 78  ? 5.942   10.238  5.991   1.00 14.16 ? 78  ILE A CB    1 
ATOM   637  C  CG1   . ILE A 1 78  ? 5.020   9.893   4.821   1.00 13.55 ? 78  ILE A CG1   1 
ATOM   638  C  CG2   . ILE A 1 78  ? 5.344   9.839   7.338   1.00 17.08 ? 78  ILE A CG2   1 
ATOM   639  C  CD1   . ILE A 1 78  ? 4.802   8.405   4.574   1.00 15.96 ? 78  ILE A CD1   1 
ATOM   640  N  N     . PRO A 1 79  ? 8.638   11.525  4.975   1.00 11.88 ? 79  PRO A N     1 
ATOM   641  C  CA    . PRO A 1 79  ? 9.548   11.310  3.832   1.00 11.07 ? 79  PRO A CA    1 
ATOM   642  C  C     . PRO A 1 79  ? 9.130   10.005  3.167   1.00 9.62  ? 79  PRO A C     1 
ATOM   643  O  O     . PRO A 1 79  ? 8.824   9.031   3.818   1.00 10.12 ? 79  PRO A O     1 
ATOM   644  C  CB    . PRO A 1 79  ? 10.923  11.187  4.469   1.00 11.01 ? 79  PRO A CB    1 
ATOM   645  C  CG    . PRO A 1 79  ? 10.616  10.615  5.862   1.00 14.31 ? 79  PRO A CG    1 
ATOM   646  C  CD    . PRO A 1 79  ? 9.266   11.248  6.278   1.00 12.80 ? 79  PRO A CD    1 
ATOM   647  N  N     . CYS A 1 80  ? 9.233   10.011  1.834   1.00 9.02  ? 80  CYS A N     1 
ATOM   648  C  CA    . CYS A 1 80  ? 8.886   8.796   1.089   1.00 9.01  ? 80  CYS A CA    1 
ATOM   649  C  C     . CYS A 1 80  ? 9.744   7.631   1.524   1.00 9.09  ? 80  CYS A C     1 
ATOM   650  O  O     . CYS A 1 80  ? 9.325   6.467   1.473   1.00 9.82  ? 80  CYS A O     1 
ATOM   651  C  CB    . CYS A 1 80  ? 9.004   9.028   -0.411  1.00 9.03  ? 80  CYS A CB    1 
ATOM   652  S  SG    . CYS A 1 80  ? 7.839   10.291  -1.045  1.00 9.45  ? 80  CYS A SG    1 
ATOM   653  N  N     . SER A 1 81  ? 11.001  7.895   1.918   1.00 9.62  ? 81  SER A N     1 
ATOM   654  C  CA    . SER A 1 81  ? 11.864  6.832   2.423   1.00 11.12 ? 81  SER A CA    1 
ATOM   655  C  C     . SER A 1 81  ? 11.285  6.033   3.577   1.00 11.37 ? 81  SER A C     1 
ATOM   656  O  O     . SER A 1 81  ? 11.587  4.819   3.742   1.00 12.15 ? 81  SER A O     1 
ATOM   657  C  CB    . SER A 1 81  ? 13.246  7.350   2.819   1.00 13.42 ? 81  SER A CB    1 
ATOM   658  O  OG    . SER A 1 81  ? 13.106  8.270   3.895   1.00 14.23 ? 81  SER A OG    1 
ATOM   659  N  N     . ALA A 1 82  ? 10.449  6.643   4.390   1.00 11.13 ? 82  ALA A N     1 
ATOM   660  C  CA    . ALA A 1 82  ? 9.762   5.908   5.480   1.00 12.07 ? 82  ALA A CA    1 
ATOM   661  C  C     . ALA A 1 82  ? 8.914   4.782   5.008   1.00 12.90 ? 82  ALA A C     1 
ATOM   662  O  O     . ALA A 1 82  ? 8.587   3.819   5.756   1.00 13.26 ? 82  ALA A O     1 
ATOM   663  C  CB    . ALA A 1 82  ? 8.968   6.823   6.373   1.00 13.65 ? 82  ALA A CB    1 
ATOM   664  N  N     . LEU A 1 83  ? 8.467   4.881   3.759   1.00 11.01 ? 83  LEU A N     1 
ATOM   665  C  CA    . LEU A 1 83  ? 7.610   3.854   3.168   1.00 10.61 ? 83  LEU A CA    1 
ATOM   666  C  C     . LEU A 1 83  ? 8.390   2.660   2.715   1.00 11.24 ? 83  LEU A C     1 
ATOM   667  O  O     . LEU A 1 83  ? 7.816   1.748   2.154   1.00 12.42 ? 83  LEU A O     1 
ATOM   668  C  CB    . LEU A 1 83  ? 6.818   4.466   2.037   1.00 11.32 ? 83  LEU A CB    1 
ATOM   669  C  CG    . LEU A 1 83  ? 5.921   5.619   2.413   1.00 11.70 ? 83  LEU A CG    1 
ATOM   670  C  CD1   . LEU A 1 83  ? 5.387   6.359   1.192   1.00 13.93 ? 83  LEU A CD1   1 
ATOM   671  C  CD2   . LEU A 1 83  ? 4.764   5.072   3.199   1.00 13.05 ? 83  LEU A CD2   1 
ATOM   672  N  N     . LEU A 1 84  ? 9.742   2.702   2.829   1.00 10.73 ? 84  LEU A N     1 
ATOM   673  C  CA    . LEU A 1 84  ? 10.592  1.564   2.407   1.00 11.26 ? 84  LEU A CA    1 
ATOM   674  C  C     . LEU A 1 84  ? 11.129  0.719   3.563   1.00 10.68 ? 84  LEU A C     1 
ATOM   675  O  O     . LEU A 1 84  ? 11.747  -0.338  3.325   1.00 12.38 ? 84  LEU A O     1 
ATOM   676  C  CB    . LEU A 1 84  ? 11.793  2.024   1.555   1.00 11.12 ? 84  LEU A CB    1 
ATOM   677  C  CG    . LEU A 1 84  ? 11.386  2.918   0.376   1.00 10.93 ? 84  LEU A CG    1 
ATOM   678  C  CD1   . LEU A 1 84  ? 12.644  3.280   -0.388  1.00 14.54 ? 84  LEU A CD1   1 
ATOM   679  C  CD2   . LEU A 1 84  ? 10.463  2.197   -0.582  1.00 10.17 ? 84  LEU A CD2   1 
ATOM   680  N  N     . SER A 1 85  ? 10.736  1.088   4.769   1.00 11.72 ? 85  SER A N     1 
ATOM   681  C  CA    . SER A 1 85  ? 11.180  0.420   5.964   1.00 12.77 ? 85  SER A CA    1 
ATOM   682  C  C     . SER A 1 85  ? 10.723  -1.033  6.042   1.00 12.71 ? 85  SER A C     1 
ATOM   683  O  O     . SER A 1 85  ? 9.673   -1.396  5.566   1.00 12.04 ? 85  SER A O     1 
ATOM   684  C  CB    A SER A 1 85  ? 10.583  1.113   7.163   0.50 10.60 ? 85  SER A CB    1 
ATOM   685  C  CB    B SER A 1 85  ? 10.728  1.214   7.155   0.50 13.77 ? 85  SER A CB    1 
ATOM   686  O  OG    A SER A 1 85  ? 11.032  0.514   8.390   0.50 10.89 ? 85  SER A OG    1 
ATOM   687  O  OG    B SER A 1 85  ? 9.341   1.522   7.121   0.50 19.78 ? 85  SER A OG    1 
ATOM   688  N  N     . SER A 1 86  ? 11.464  -1.865  6.782   1.00 13.14 ? 86  SER A N     1 
ATOM   689  C  CA    . SER A 1 86  ? 10.994  -3.225  7.061   1.00 13.43 ? 86  SER A CA    1 
ATOM   690  C  C     . SER A 1 86  ? 9.745   -3.222  7.934   1.00 12.92 ? 86  SER A C     1 
ATOM   691  O  O     . SER A 1 86  ? 9.007   -4.182  7.899   1.00 15.89 ? 86  SER A O     1 
ATOM   692  C  CB    . SER A 1 86  ? 12.119  -4.062  7.674   1.00 15.69 ? 86  SER A CB    1 
ATOM   693  O  OG    . SER A 1 86  ? 12.597  -3.417  8.818   1.00 18.09 ? 86  SER A OG    1 
ATOM   694  N  N     . ASP A 1 87  ? 9.574   -2.191  8.714   1.00 12.30 ? 87  ASP A N     1 
ATOM   695  C  CA    . ASP A 1 87  ? 8.408   -1.969  9.570   1.00 13.90 ? 87  ASP A CA    1 
ATOM   696  C  C     . ASP A 1 87  ? 7.325   -1.303  8.704   1.00 12.37 ? 87  ASP A C     1 
ATOM   697  O  O     . ASP A 1 87  ? 7.588   -0.169  8.274   1.00 13.11 ? 87  ASP A O     1 
ATOM   698  C  CB    . ASP A 1 87  ? 8.855   -1.068  10.743  1.00 16.15 ? 87  ASP A CB    1 
ATOM   699  C  CG    . ASP A 1 87  ? 7.786   -0.680  11.736  1.00 22.12 ? 87  ASP A CG    1 
ATOM   700  O  OD1   . ASP A 1 87  ? 6.606   -0.640  11.377  1.00 18.02 ? 87  ASP A OD1   1 
ATOM   701  O  OD2   . ASP A 1 87  ? 8.162   -0.391  12.904  1.00 31.15 ? 87  ASP A OD2   1 
ATOM   702  N  N     . ILE A 1 88  ? 6.153   -1.901  8.600   1.00 12.18 ? 88  ILE A N     1 
ATOM   703  C  CA    . ILE A 1 88  ? 5.131   -1.346  7.645   1.00 11.53 ? 88  ILE A CA    1 
ATOM   704  C  C     . ILE A 1 88  ? 4.274   -0.250  8.240   1.00 10.72 ? 88  ILE A C     1 
ATOM   705  O  O     . ILE A 1 88  ? 3.357   0.212   7.588   1.00 11.02 ? 88  ILE A O     1 
ATOM   706  C  CB    . ILE A 1 88  ? 4.228   -2.434  7.086   1.00 12.73 ? 88  ILE A CB    1 
ATOM   707  C  CG1   . ILE A 1 88  ? 3.289   -3.088  8.132   1.00 13.04 ? 88  ILE A CG1   1 
ATOM   708  C  CG2   . ILE A 1 88  ? 5.091   -3.459  6.345   1.00 13.38 ? 88  ILE A CG2   1 
ATOM   709  C  CD1   . ILE A 1 88  ? 2.260   -3.968  7.529   1.00 14.52 ? 88  ILE A CD1   1 
ATOM   710  N  N     . THR A 1 89  ? 4.565   0.205   9.470   1.00 11.26 ? 89  THR A N     1 
ATOM   711  C  CA    . THR A 1 89  ? 3.709   1.151   10.168  1.00 12.92 ? 89  THR A CA    1 
ATOM   712  C  C     . THR A 1 89  ? 3.424   2.391   9.295   1.00 12.49 ? 89  THR A C     1 
ATOM   713  O  O     . THR A 1 89  ? 2.286   2.814   9.158   1.00 12.53 ? 89  THR A O     1 
ATOM   714  C  CB    . THR A 1 89  ? 4.306   1.628   11.519  1.00 14.14 ? 89  THR A CB    1 
ATOM   715  O  OG1   . THR A 1 89  ? 4.500   0.505   12.346  1.00 16.50 ? 89  THR A OG1   1 
ATOM   716  C  CG2   . THR A 1 89  ? 3.372   2.603   12.181  1.00 17.58 ? 89  THR A CG2   1 
ATOM   717  N  N     . ALA A 1 90  ? 4.447   3.030   8.738   1.00 11.45 ? 90  ALA A N     1 
ATOM   718  C  CA    . ALA A 1 90  ? 4.241   4.263   8.005   1.00 11.22 ? 90  ALA A CA    1 
ATOM   719  C  C     . ALA A 1 90  ? 3.397   4.002   6.752   1.00 10.66 ? 90  ALA A C     1 
ATOM   720  O  O     . ALA A 1 90  ? 2.502   4.791   6.404   1.00 11.45 ? 90  ALA A O     1 
ATOM   721  C  CB    . ALA A 1 90  ? 5.570   4.932   7.654   1.00 13.19 ? 90  ALA A CB    1 
ATOM   722  N  N     . SER A 1 91  ? 3.655   2.922   6.049   1.00 10.34 ? 91  SER A N     1 
ATOM   723  C  CA    . SER A 1 91  ? 2.878   2.568   4.895   1.00 10.47 ? 91  SER A CA    1 
ATOM   724  C  C     . SER A 1 91  ? 1.417   2.365   5.273   1.00 9.81  ? 91  SER A C     1 
ATOM   725  O  O     . SER A 1 91  ? 0.506   2.808   4.537   1.00 10.95 ? 91  SER A O     1 
ATOM   726  C  CB    . SER A 1 91  ? 3.367   1.360   4.173   1.00 10.32 ? 91  SER A CB    1 
ATOM   727  O  OG    . SER A 1 91  ? 4.516   1.708   3.360   1.00 10.71 ? 91  SER A OG    1 
ATOM   728  N  N     . VAL A 1 92  ? 1.163   1.630   6.349   1.00 10.45 ? 92  VAL A N     1 
ATOM   729  C  CA    . VAL A 1 92  ? -0.227  1.383   6.785   1.00 11.03 ? 92  VAL A CA    1 
ATOM   730  C  C     . VAL A 1 92  ? -0.913  2.652   7.170   1.00 11.27 ? 92  VAL A C     1 
ATOM   731  O  O     . VAL A 1 92  ? -2.066  2.914   6.758   1.00 12.29 ? 92  VAL A O     1 
ATOM   732  C  CB    . VAL A 1 92  ? -0.284  0.338   7.903   1.00 12.27 ? 92  VAL A CB    1 
ATOM   733  C  CG1   . VAL A 1 92  ? -1.712  0.274   8.476   1.00 13.62 ? 92  VAL A CG1   1 
ATOM   734  C  CG2   . VAL A 1 92  ? 0.171   -0.995  7.428   1.00 12.96 ? 92  VAL A CG2   1 
ATOM   735  N  N     . ASN A 1 93  ? -0.266  3.500   7.973   1.00 11.81 ? 93  ASN A N     1 
ATOM   736  C  CA    . ASN A 1 93  ? -0.884  4.725   8.423   1.00 12.99 ? 93  ASN A CA    1 
ATOM   737  C  C     . ASN A 1 93  ? -1.243  5.598   7.231   1.00 11.92 ? 93  ASN A C     1 
ATOM   738  O  O     . ASN A 1 93  ? -2.291  6.264   7.193   1.00 12.68 ? 93  ASN A O     1 
ATOM   739  C  CB    . ASN A 1 93  ? -0.025  5.482   9.412   1.00 17.27 ? 93  ASN A CB    1 
ATOM   740  C  CG    . ASN A 1 93  ? 0.115   4.820   10.758  1.00 24.78 ? 93  ASN A CG    1 
ATOM   741  O  OD1   . ASN A 1 93  ? 1.080   5.101   11.487  1.00 27.86 ? 93  ASN A OD1   1 
ATOM   742  N  ND2   . ASN A 1 93  ? -0.733  3.844   11.012  1.00 22.96 ? 93  ASN A ND2   1 
ATOM   743  N  N     . CYS A 1 94  ? -0.344  5.687   6.242   1.00 10.85 ? 94  CYS A N     1 
ATOM   744  C  CA    . CYS A 1 94  ? -0.622  6.471   5.088   1.00 10.78 ? 94  CYS A CA    1 
ATOM   745  C  C     . CYS A 1 94  ? -1.728  5.867   4.205   1.00 10.17 ? 94  CYS A C     1 
ATOM   746  O  O     . CYS A 1 94  ? -2.618  6.591   3.735   1.00 11.11 ? 94  CYS A O     1 
ATOM   747  C  CB    . CYS A 1 94  ? 0.676   6.710   4.324   1.00 11.91 ? 94  CYS A CB    1 
ATOM   748  S  SG    . CYS A 1 94  ? 0.560   7.876   2.948   1.00 12.39 ? 94  CYS A SG    1 
ATOM   749  N  N     . ALA A 1 95  ? -1.707  4.551   4.045   1.00 10.00 ? 95  ALA A N     1 
ATOM   750  C  CA    . ALA A 1 95  ? -2.782  3.856   3.311   1.00 9.80  ? 95  ALA A CA    1 
ATOM   751  C  C     . ALA A 1 95  ? -4.162  4.171   3.928   1.00 10.43 ? 95  ALA A C     1 
ATOM   752  O  O     . ALA A 1 95  ? -5.149  4.271   3.181   1.00 10.75 ? 95  ALA A O     1 
ATOM   753  C  CB    . ALA A 1 95  ? -2.542  2.403   3.246   1.00 10.40 ? 95  ALA A CB    1 
ATOM   754  N  N     . LYS A 1 96  ? -4.233  4.237   5.268   1.00 10.58 ? 96  LYS A N     1 
ATOM   755  C  CA    . LYS A 1 96  ? -5.537  4.578   5.889   1.00 10.48 ? 96  LYS A CA    1 
ATOM   756  C  C     . LYS A 1 96  ? -6.003  5.923   5.463   1.00 10.67 ? 96  LYS A C     1 
ATOM   757  O  O     . LYS A 1 96  ? -7.204  6.108   5.226   1.00 12.67 ? 96  LYS A O     1 
ATOM   758  C  CB    . LYS A 1 96  ? -5.383  4.536   7.413   1.00 11.07 ? 96  LYS A CB    1 
ATOM   759  C  CG    . LYS A 1 96  ? -5.216  3.126   7.931   1.00 12.16 ? 96  LYS A CG    1 
ATOM   760  C  CD    . LYS A 1 96  ? -5.002  3.116   9.453   1.00 14.47 ? 96  LYS A CD    1 
ATOM   761  C  CE    . LYS A 1 96  ? -4.895  1.766   10.038  1.00 15.55 ? 96  LYS A CE    1 
ATOM   762  N  NZ    . LYS A 1 96  ? -4.517  1.777   11.471  1.00 18.76 ? 96  LYS A NZ    1 
ATOM   763  N  N     . LYS A 1 97  ? -5.119  6.899   5.320   1.00 11.93 ? 97  LYS A N     1 
ATOM   764  C  CA    . LYS A 1 97  ? -5.528  8.182   4.805   1.00 12.36 ? 97  LYS A CA    1 
ATOM   765  C  C     . LYS A 1 97  ? -5.951  8.131   3.345   1.00 12.96 ? 97  LYS A C     1 
ATOM   766  O  O     . LYS A 1 97  ? -6.977  8.699   2.964   1.00 13.48 ? 97  LYS A O     1 
ATOM   767  C  CB    . LYS A 1 97  ? -4.373  9.101   4.957   1.00 14.60 ? 97  LYS A CB    1 
ATOM   768  C  CG    A LYS A 1 97  ? -4.747  10.575  4.832   0.50 15.62 ? 97  LYS A CG    1 
ATOM   769  C  CG    B LYS A 1 97  ? -4.087  9.774   6.290   0.50 15.53 ? 97  LYS A CG    1 
ATOM   770  C  CD    A LYS A 1 97  ? -3.615  11.511  5.038   0.50 17.37 ? 97  LYS A CD    1 
ATOM   771  C  CD    B LYS A 1 97  ? -2.923  10.660  6.256   0.50 18.34 ? 97  LYS A CD    1 
ATOM   772  C  CE    A LYS A 1 97  ? -3.296  11.637  6.499   0.50 20.38 ? 97  LYS A CE    1 
ATOM   773  C  CE    B LYS A 1 97  ? -2.690  11.204  7.648   0.50 20.76 ? 97  LYS A CE    1 
ATOM   774  N  NZ    A LYS A 1 97  ? -4.365  12.385  7.191   0.50 22.75 ? 97  LYS A NZ    1 
ATOM   775  N  NZ    B LYS A 1 97  ? -1.960  10.250  8.518   0.50 22.19 ? 97  LYS A NZ    1 
ATOM   776  N  N     . ILE A 1 98  ? -5.201  7.421   2.532   1.00 10.86 ? 98  ILE A N     1 
ATOM   777  C  CA    . ILE A 1 98  ? -5.504  7.333   1.120   1.00 10.90 ? 98  ILE A CA    1 
ATOM   778  C  C     . ILE A 1 98  ? -6.904  6.706   0.922   1.00 11.41 ? 98  ILE A C     1 
ATOM   779  O  O     . ILE A 1 98  ? -7.700  7.199   0.124   1.00 12.22 ? 98  ILE A O     1 
ATOM   780  C  CB    . ILE A 1 98  ? -4.420  6.529   0.385   1.00 10.05 ? 98  ILE A CB    1 
ATOM   781  C  CG1   . ILE A 1 98  ? -3.060  7.213   0.496   1.00 11.39 ? 98  ILE A CG1   1 
ATOM   782  C  CG2   . ILE A 1 98  ? -4.795  6.276   -1.042  1.00 11.55 ? 98  ILE A CG2   1 
ATOM   783  C  CD1   . ILE A 1 98  ? -1.880  6.347   0.095   1.00 11.20 ? 98  ILE A CD1   1 
ATOM   784  N  N     . VAL A 1 99  ? -7.131  5.559   1.554   1.00 10.52 ? 99  VAL A N     1 
ATOM   785  C  CA    . VAL A 1 99  ? -8.378  4.810   1.331   1.00 9.99  ? 99  VAL A CA    1 
ATOM   786  C  C     . VAL A 1 99  ? -9.592  5.573   1.878   1.00 12.82 ? 99  VAL A C     1 
ATOM   787  O  O     . VAL A 1 99  ? -10.747 5.194   1.498   1.00 13.63 ? 99  VAL A O     1 
ATOM   788  C  CB    . VAL A 1 99  ? -8.300  3.411   1.905   1.00 10.88 ? 99  VAL A CB    1 
ATOM   789  C  CG1   . VAL A 1 99  ? -8.437  3.440   3.419   1.00 11.24 ? 99  VAL A CG1   1 
ATOM   790  C  CG2   . VAL A 1 99  ? -9.318  2.511   1.265   1.00 10.59 ? 99  VAL A CG2   1 
ATOM   791  N  N     . SER A 1 100 ? -9.358  6.567   2.740   1.00 12.96 ? 100 SER A N     1 
ATOM   792  C  CA    . SER A 1 100 ? -10.395 7.420   3.338   1.00 14.27 ? 100 SER A CA    1 
ATOM   793  C  C     . SER A 1 100 ? -10.680 8.617   2.475   1.00 15.31 ? 100 SER A C     1 
ATOM   794  O  O     . SER A 1 100 ? -11.554 9.429   2.867   1.00 19.60 ? 100 SER A O     1 
ATOM   795  C  CB    . SER A 1 100 ? -9.951  7.817   4.718   1.00 14.88 ? 100 SER A CB    1 
ATOM   796  O  OG    . SER A 1 100 ? -9.883  6.716   5.528   1.00 16.94 ? 100 SER A OG    1 
ATOM   797  N  N     . ASP A 1 101 ? -10.044 8.810   1.347   1.00 16.39 ? 101 ASP A N     1 
ATOM   798  C  CA    . ASP A 1 101 ? -10.107 10.102  0.651   1.00 19.23 ? 101 ASP A CA    1 
ATOM   799  C  C     . ASP A 1 101 ? -11.257 10.189  -0.369  1.00 20.51 ? 101 ASP A C     1 
ATOM   800  O  O     . ASP A 1 101 ? -11.323 11.193  -1.061  1.00 22.95 ? 101 ASP A O     1 
ATOM   801  C  CB    . ASP A 1 101 ? -8.780  10.451  -0.008  1.00 20.61 ? 101 ASP A CB    1 
ATOM   802  C  CG    . ASP A 1 101 ? -8.524  9.768   -1.325  1.00 25.13 ? 101 ASP A CG    1 
ATOM   803  O  OD1   . ASP A 1 101 ? -9.436  9.028   -1.847  1.00 28.41 ? 101 ASP A OD1   1 
ATOM   804  O  OD2   . ASP A 1 101 ? -7.417  9.950   -1.842  1.00 33.34 ? 101 ASP A OD2   1 
ATOM   805  N  N     . GLY A 1 102 ? -12.150 9.192   -0.438  1.00 17.03 ? 102 GLY A N     1 
ATOM   806  C  CA    . GLY A 1 102 ? -13.399 9.262   -1.284  1.00 18.01 ? 102 GLY A CA    1 
ATOM   807  C  C     . GLY A 1 102 ? -13.463 8.097   -2.255  1.00 17.26 ? 102 GLY A C     1 
ATOM   808  O  O     . GLY A 1 102 ? -14.567 7.685   -2.606  1.00 18.35 ? 102 GLY A O     1 
ATOM   809  N  N     . ASN A 1 103 ? -12.327 7.595   -2.821  1.00 15.64 ? 103 ASN A N     1 
ATOM   810  C  CA    . ASN A 1 103 ? -12.392 6.595   -3.877  1.00 15.31 ? 103 ASN A CA    1 
ATOM   811  C  C     . ASN A 1 103 ? -12.083 5.215   -3.327  1.00 12.11 ? 103 ASN A C     1 
ATOM   812  O  O     . ASN A 1 103 ? -11.996 4.260   -4.140  1.00 12.50 ? 103 ASN A O     1 
ATOM   813  C  CB    . ASN A 1 103 ? -11.530 6.947   -5.089  1.00 21.79 ? 103 ASN A CB    1 
ATOM   814  C  CG    . ASN A 1 103 ? -12.038 8.216   -5.744  1.00 26.39 ? 103 ASN A CG    1 
ATOM   815  O  OD1   . ASN A 1 103 ? -13.240 8.376   -5.976  1.00 30.20 ? 103 ASN A OD1   1 
ATOM   816  N  ND2   . ASN A 1 103 ? -11.143 9.178   -5.847  1.00 32.20 ? 103 ASN A ND2   1 
ATOM   817  N  N     . GLY A 1 104 ? -11.994 5.075   -2.011  1.00 11.81 ? 104 GLY A N     1 
ATOM   818  C  CA    . GLY A 1 104 ? -11.704 3.782   -1.507  1.00 11.27 ? 104 GLY A CA    1 
ATOM   819  C  C     . GLY A 1 104 ? -10.455 3.184   -2.095  1.00 10.12 ? 104 GLY A C     1 
ATOM   820  O  O     . GLY A 1 104 ? -9.468  3.919   -2.318  1.00 11.32 ? 104 GLY A O     1 
ATOM   821  N  N     . MET A 1 105 ? -10.435 1.899   -2.297  1.00 9.16  ? 105 MET A N     1 
ATOM   822  C  CA    . MET A 1 105 ? -9.197  1.268   -2.773  1.00 9.00  ? 105 MET A CA    1 
ATOM   823  C  C     . MET A 1 105 ? -8.999  1.461   -4.243  1.00 9.17  ? 105 MET A C     1 
ATOM   824  O  O     . MET A 1 105 ? -7.928  1.087   -4.792  1.00 9.28  ? 105 MET A O     1 
ATOM   825  C  CB    . MET A 1 105 ? -9.137  -0.199  -2.406  1.00 9.40  ? 105 MET A CB    1 
ATOM   826  C  CG    . MET A 1 105 ? -8.847  -0.435  -0.893  1.00 9.46  ? 105 MET A CG    1 
ATOM   827  S  SD    . MET A 1 105 ? -8.366  -2.127  -0.502  1.00 10.46 ? 105 MET A SD    1 
ATOM   828  C  CE    . MET A 1 105 ? -6.679  -2.166  -1.129  1.00 10.77 ? 105 MET A CE    1 
ATOM   829  N  N     . ASN A 1 106 ? -9.947  2.110   -4.964  1.00 10.01 ? 106 ASN A N     1 
ATOM   830  C  CA    . ASN A 1 106 ? -9.724  2.457   -6.354  1.00 10.26 ? 106 ASN A CA    1 
ATOM   831  C  C     . ASN A 1 106 ? -8.546  3.421   -6.501  1.00 10.67 ? 106 ASN A C     1 
ATOM   832  O  O     . ASN A 1 106 ? -7.997  3.572   -7.611  1.00 12.13 ? 106 ASN A O     1 
ATOM   833  C  CB    . ASN A 1 106 ? -10.956 3.042   -7.016  1.00 11.26 ? 106 ASN A CB    1 
ATOM   834  C  CG    . ASN A 1 106 ? -12.072 2.087   -7.061  1.00 10.96 ? 106 ASN A CG    1 
ATOM   835  O  OD1   . ASN A 1 106 ? -12.070 1.092   -7.780  1.00 12.57 ? 106 ASN A OD1   1 
ATOM   836  N  ND2   . ASN A 1 106 ? -13.050 2.309   -6.195  1.00 12.81 ? 106 ASN A ND2   1 
ATOM   837  N  N     . ALA A 1 107 ? -8.105  4.051   -5.404  1.00 11.14 ? 107 ALA A N     1 
ATOM   838  C  CA    . ALA A 1 107 ? -6.926  4.846   -5.407  1.00 12.17 ? 107 ALA A CA    1 
ATOM   839  C  C     . ALA A 1 107 ? -5.752  4.048   -5.965  1.00 11.29 ? 107 ALA A C     1 
ATOM   840  O  O     . ALA A 1 107 ? -4.833  4.614   -6.573  1.00 13.82 ? 107 ALA A O     1 
ATOM   841  C  CB    . ALA A 1 107 ? -6.603  5.365   -4.028  1.00 13.98 ? 107 ALA A CB    1 
ATOM   842  N  N     . TRP A 1 108 ? -5.687  2.744   -5.703  1.00 9.98  ? 108 TRP A N     1 
ATOM   843  C  CA    . TRP A 1 108 ? -4.662  1.857   -6.194  1.00 10.29 ? 108 TRP A CA    1 
ATOM   844  C  C     . TRP A 1 108 ? -5.238  1.311   -7.503  1.00 11.08 ? 108 TRP A C     1 
ATOM   845  O  O     . TRP A 1 108 ? -6.060  0.356   -7.494  1.00 11.20 ? 108 TRP A O     1 
ATOM   846  C  CB    . TRP A 1 108 ? -4.350  0.770   -5.151  1.00 9.55  ? 108 TRP A CB    1 
ATOM   847  C  CG    . TRP A 1 108 ? -3.626  1.224   -3.972  1.00 9.39  ? 108 TRP A CG    1 
ATOM   848  C  CD1   . TRP A 1 108 ? -2.254  1.294   -3.828  1.00 10.62 ? 108 TRP A CD1   1 
ATOM   849  C  CD2   . TRP A 1 108 ? -4.148  1.731   -2.758  1.00 8.96  ? 108 TRP A CD2   1 
ATOM   850  N  NE1   . TRP A 1 108 ? -1.955  1.816   -2.604  1.00 10.37 ? 108 TRP A NE1   1 
ATOM   851  C  CE2   . TRP A 1 108 ? -3.094  2.050   -1.883  1.00 8.74  ? 108 TRP A CE2   1 
ATOM   852  C  CE3   . TRP A 1 108 ? -5.459  1.863   -2.229  1.00 9.32  ? 108 TRP A CE3   1 
ATOM   853  C  CZ2   . TRP A 1 108 ? -3.250  2.583   -0.622  1.00 9.46  ? 108 TRP A CZ2   1 
ATOM   854  C  CZ3   . TRP A 1 108 ? -5.634  2.405   -0.976  1.00 9.47  ? 108 TRP A CZ3   1 
ATOM   855  C  CH2   . TRP A 1 108 ? -4.549  2.733   -0.171  1.00 9.18  ? 108 TRP A CH2   1 
ATOM   856  N  N     . VAL A 1 109 ? -4.759  1.805   -8.655  1.00 11.67 ? 109 VAL A N     1 
ATOM   857  C  CA    . VAL A 1 109 ? -5.191  1.276   -9.948  1.00 12.45 ? 109 VAL A CA    1 
ATOM   858  C  C     . VAL A 1 109 ? -4.948  -0.250  -10.046 1.00 12.73 ? 109 VAL A C     1 
ATOM   859  O  O     . VAL A 1 109 ? -5.801  -0.949  -10.575 1.00 12.18 ? 109 VAL A O     1 
ATOM   860  C  CB    A VAL A 1 109 ? -4.585  2.006   -11.151 0.50 14.84 ? 109 VAL A CB    1 
ATOM   861  C  CB    B VAL A 1 109 ? -4.380  2.096   -10.996 0.50 11.90 ? 109 VAL A CB    1 
ATOM   862  C  CG1   A VAL A 1 109 ? -3.120  1.771   -11.211 0.50 15.66 ? 109 VAL A CG1   1 
ATOM   863  C  CG1   B VAL A 1 109 ? -4.292  1.367   -12.339 0.50 12.72 ? 109 VAL A CG1   1 
ATOM   864  C  CG2   A VAL A 1 109 ? -5.172  1.548   -12.461 0.50 15.87 ? 109 VAL A CG2   1 
ATOM   865  C  CG2   B VAL A 1 109 ? -4.968  3.525   -11.079 0.50 11.45 ? 109 VAL A CG2   1 
ATOM   866  N  N     . ALA A 1 110 ? -3.864  -0.752  -9.529  1.00 11.39 ? 110 ALA A N     1 
ATOM   867  C  CA    . ALA A 1 110 ? -3.605  -2.225  -9.550  1.00 12.87 ? 110 ALA A CA    1 
ATOM   868  C  C     . ALA A 1 110 ? -4.644  -2.987  -8.737  1.00 12.11 ? 110 ALA A C     1 
ATOM   869  O  O     . ALA A 1 110 ? -5.030  -4.115  -9.118  1.00 11.97 ? 110 ALA A O     1 
ATOM   870  C  CB    . ALA A 1 110 ? -2.267  -2.605  -9.084  1.00 15.32 ? 110 ALA A CB    1 
ATOM   871  N  N     . TRP A 1 111 ? -5.148  -2.427  -7.629  1.00 11.10 ? 111 TRP A N     1 
ATOM   872  C  CA    . TRP A 1 111 ? -6.258  -3.069  -6.921  1.00 10.01 ? 111 TRP A CA    1 
ATOM   873  C  C     . TRP A 1 111 ? -7.482  -3.099  -7.807  1.00 9.96  ? 111 TRP A C     1 
ATOM   874  O  O     . TRP A 1 111 ? -8.133  -4.162  -7.957  1.00 10.34 ? 111 TRP A O     1 
ATOM   875  C  CB    . TRP A 1 111 ? -6.550  -2.379  -5.560  1.00 10.78 ? 111 TRP A CB    1 
ATOM   876  C  CG    . TRP A 1 111 ? -7.729  -2.966  -4.871  1.00 9.76  ? 111 TRP A CG    1 
ATOM   877  C  CD1   . TRP A 1 111 ? -7.725  -4.065  -4.067  1.00 9.90  ? 111 TRP A CD1   1 
ATOM   878  C  CD2   . TRP A 1 111 ? -9.083  -2.574  -5.030  1.00 10.16 ? 111 TRP A CD2   1 
ATOM   879  N  NE1   . TRP A 1 111 ? -9.024  -4.346  -3.673  1.00 9.67  ? 111 TRP A NE1   1 
ATOM   880  C  CE2   . TRP A 1 111 ? -9.862  -3.455  -4.239  1.00 9.62  ? 111 TRP A CE2   1 
ATOM   881  C  CE3   . TRP A 1 111 ? -9.730  -1.531  -5.688  1.00 10.01 ? 111 TRP A CE3   1 
ATOM   882  C  CZ2   . TRP A 1 111 ? -11.251 -3.306  -4.105  1.00 10.39 ? 111 TRP A CZ2   1 
ATOM   883  C  CZ3   . TRP A 1 111 ? -11.065 -1.379  -5.551  1.00 11.28 ? 111 TRP A CZ3   1 
ATOM   884  C  CH2   . TRP A 1 111 ? -11.824 -2.245  -4.764  1.00 11.55 ? 111 TRP A CH2   1 
ATOM   885  N  N     . ARG A 1 112 ? -7.834  -1.958  -8.416  1.00 10.55 ? 112 ARG A N     1 
ATOM   886  C  CA    . ARG A 1 112 ? -8.953  -1.954  -9.280  1.00 11.50 ? 112 ARG A CA    1 
ATOM   887  C  C     . ARG A 1 112 ? -8.833  -2.986  -10.382 1.00 10.10 ? 112 ARG A C     1 
ATOM   888  O  O     . ARG A 1 112 ? -9.799  -3.662  -10.700 1.00 12.23 ? 112 ARG A O     1 
ATOM   889  C  CB    . ARG A 1 112 ? -9.198  -0.541  -9.841  1.00 13.50 ? 112 ARG A CB    1 
ATOM   890  C  CG    . ARG A 1 112 ? -10.476 -0.414  -10.657 1.00 16.20 ? 112 ARG A CG    1 
ATOM   891  C  CD    . ARG A 1 112 ? -10.833 0.996   -11.138 1.00 19.69 ? 112 ARG A CD    1 
ATOM   892  N  NE    . ARG A 1 112 ? -9.709  1.675   -11.722 1.00 22.00 ? 112 ARG A NE    1 
ATOM   893  C  CZ    . ARG A 1 112 ? -9.214  1.584   -12.976 1.00 26.81 ? 112 ARG A CZ    1 
ATOM   894  N  NH1   . ARG A 1 112 ? -9.580  0.643   -13.858 1.00 27.57 ? 112 ARG A NH1   1 
ATOM   895  N  NH2   . ARG A 1 112 ? -8.236  2.435   -13.288 1.00 25.03 ? 112 ARG A NH2   1 
ATOM   896  N  N     . ASN A 1 113 ? -7.671  -3.056  -10.973 1.00 10.62 ? 113 ASN A N     1 
ATOM   897  C  CA    . ASN A 1 113 ? -7.515  -3.898  -12.195 1.00 11.29 ? 113 ASN A CA    1 
ATOM   898  C  C     . ASN A 1 113 ? -7.234  -5.334  -11.887 1.00 11.51 ? 113 ASN A C     1 
ATOM   899  O  O     . ASN A 1 113 ? -7.530  -6.173  -12.765 1.00 12.68 ? 113 ASN A O     1 
ATOM   900  C  CB    . ASN A 1 113 ? -6.430  -3.323  -13.087 1.00 11.21 ? 113 ASN A CB    1 
ATOM   901  C  CG    . ASN A 1 113 ? -6.821  -2.029  -13.732 1.00 11.40 ? 113 ASN A CG    1 
ATOM   902  O  OD1   . ASN A 1 113 ? -7.960  -1.847  -14.048 1.00 14.11 ? 113 ASN A OD1   1 
ATOM   903  N  ND2   . ASN A 1 113 ? -5.865  -1.169  -14.017 1.00 12.12 ? 113 ASN A ND2   1 
ATOM   904  N  N     . ARG A 1 114 ? -6.783  -5.715  -10.705 1.00 11.37 ? 114 ARG A N     1 
ATOM   905  C  CA    . ARG A 1 114 ? -6.369  -7.078  -10.463 1.00 11.25 ? 114 ARG A CA    1 
ATOM   906  C  C     . ARG A 1 114 ? -6.956  -7.699  -9.222  1.00 11.56 ? 114 ARG A C     1 
ATOM   907  O  O     . ARG A 1 114 ? -6.874  -8.951  -9.102  1.00 13.88 ? 114 ARG A O     1 
ATOM   908  C  CB    . ARG A 1 114 ? -4.865  -7.087  -10.374 1.00 11.88 ? 114 ARG A CB    1 
ATOM   909  C  CG    . ARG A 1 114 ? -4.267  -6.515  -11.651 1.00 13.02 ? 114 ARG A CG    1 
ATOM   910  C  CD    . ARG A 1 114 ? -2.779  -6.560  -11.676 1.00 13.42 ? 114 ARG A CD    1 
ATOM   911  N  NE    . ARG A 1 114 ? -2.266  -7.875  -11.860 1.00 12.13 ? 114 ARG A NE    1 
ATOM   912  C  CZ    . ARG A 1 114 ? -0.979  -8.099  -11.997 1.00 11.80 ? 114 ARG A CZ    1 
ATOM   913  N  NH1   . ARG A 1 114 ? -0.104  -7.127  -11.886 1.00 12.30 ? 114 ARG A NH1   1 
ATOM   914  N  NH2   . ARG A 1 114 ? -0.506  -9.315  -12.189 1.00 13.37 ? 114 ARG A NH2   1 
ATOM   915  N  N     . CYS A 1 115 ? -7.575  -6.932  -8.327  1.00 10.58 ? 115 CYS A N     1 
ATOM   916  C  CA    . CYS A 1 115 ? -8.109  -7.476  -7.070  1.00 10.59 ? 115 CYS A CA    1 
ATOM   917  C  C     . CYS A 1 115 ? -9.600  -7.293  -6.976  1.00 10.60 ? 115 CYS A C     1 
ATOM   918  O  O     . CYS A 1 115 ? -10.324 -8.188  -6.485  1.00 10.84 ? 115 CYS A O     1 
ATOM   919  C  CB    . CYS A 1 115 ? -7.428  -6.832  -5.866  1.00 9.78  ? 115 CYS A CB    1 
ATOM   920  S  SG    . CYS A 1 115 ? -5.638  -7.101  -5.829  1.00 11.50 ? 115 CYS A SG    1 
ATOM   921  N  N     . LYS A 1 116 ? -10.075 -6.113  -7.312  1.00 10.73 ? 116 LYS A N     1 
ATOM   922  C  CA    . LYS A 1 116 ? -11.454 -5.761  -7.171  1.00 11.56 ? 116 LYS A CA    1 
ATOM   923  C  C     . LYS A 1 116 ? -12.337 -6.792  -7.849  1.00 12.59 ? 116 LYS A C     1 
ATOM   924  O  O     . LYS A 1 116 ? -12.133 -7.156  -8.984  1.00 12.63 ? 116 LYS A O     1 
ATOM   925  C  CB    . LYS A 1 116 ? -11.677 -4.403  -7.807  1.00 11.07 ? 116 LYS A CB    1 
ATOM   926  C  CG    . LYS A 1 116 ? -13.078 -3.825  -7.729  1.00 11.74 ? 116 LYS A CG    1 
ATOM   927  C  CD    . LYS A 1 116 ? -13.183 -2.479  -8.394  1.00 11.45 ? 116 LYS A CD    1 
ATOM   928  C  CE    . LYS A 1 116 ? -14.456 -1.742  -8.055  1.00 12.38 ? 116 LYS A CE    1 
ATOM   929  N  NZ    . LYS A 1 116 ? -14.469 -0.421  -8.709  1.00 12.72 ? 116 LYS A NZ    1 
ATOM   930  N  N     . GLY A 1 117 ? -13.304 -7.280  -7.079  1.00 14.84 ? 117 GLY A N     1 
ATOM   931  C  CA    . GLY A 1 117 ? -14.261 -8.248  -7.628  1.00 15.57 ? 117 GLY A CA    1 
ATOM   932  C  C     . GLY A 1 117 ? -13.773 -9.669  -7.765  1.00 17.21 ? 117 GLY A C     1 
ATOM   933  O  O     . GLY A 1 117 ? -14.573 -10.523 -8.213  1.00 21.15 ? 117 GLY A O     1 
ATOM   934  N  N     . THR A 1 118 ? -12.564 -9.958  -7.322  1.00 13.92 ? 118 THR A N     1 
ATOM   935  C  CA    . THR A 1 118 ? -12.058 -11.307 -7.292  1.00 13.89 ? 118 THR A CA    1 
ATOM   936  C  C     . THR A 1 118 ? -12.212 -11.932 -5.920  1.00 13.78 ? 118 THR A C     1 
ATOM   937  O  O     . THR A 1 118 ? -12.598 -11.293 -4.999  1.00 14.28 ? 118 THR A O     1 
ATOM   938  C  CB    . THR A 1 118 ? -10.576 -11.298 -7.690  1.00 14.97 ? 118 THR A CB    1 
ATOM   939  O  OG1   . THR A 1 118 ? -9.757  -10.771 -6.652  1.00 13.41 ? 118 THR A OG1   1 
ATOM   940  C  CG2   . THR A 1 118 ? -10.300 -10.535 -8.957  1.00 15.40 ? 118 THR A CG2   1 
ATOM   941  N  N     . ASP A 1 119 ? -11.834 -13.221 -5.802  1.00 15.81 ? 119 ASP A N     1 
ATOM   942  C  CA    . ASP A 1 119 ? -11.888 -13.919 -4.502  1.00 16.40 ? 119 ASP A CA    1 
ATOM   943  C  C     . ASP A 1 119 ? -10.695 -13.529 -3.628  1.00 16.71 ? 119 ASP A C     1 
ATOM   944  O  O     . ASP A 1 119 ? -9.749  -14.296 -3.480  1.00 18.47 ? 119 ASP A O     1 
ATOM   945  C  CB    . ASP A 1 119 ? -11.866 -15.437 -4.718  1.00 21.46 ? 119 ASP A CB    1 
ATOM   946  C  CG    . ASP A 1 119 ? -11.899 -16.249 -3.431  1.00 25.50 ? 119 ASP A CG    1 
ATOM   947  O  OD1   . ASP A 1 119 ? -12.329 -15.720 -2.342  1.00 27.12 ? 119 ASP A OD1   1 
ATOM   948  O  OD2   . ASP A 1 119 ? -11.556 -17.460 -3.534  1.00 33.95 ? 119 ASP A OD2   1 
ATOM   949  N  N     . VAL A 1 120 ? -10.764 -12.321 -3.071  1.00 16.80 ? 120 VAL A N     1 
ATOM   950  C  CA    . VAL A 1 120 ? -9.592  -11.827 -2.322  1.00 14.23 ? 120 VAL A CA    1 
ATOM   951  C  C     . VAL A 1 120 ? -9.321  -12.622 -1.054  1.00 14.20 ? 120 VAL A C     1 
ATOM   952  O  O     . VAL A 1 120 ? -8.213  -12.574 -0.523  1.00 14.69 ? 120 VAL A O     1 
ATOM   953  C  CB    . VAL A 1 120 ? -9.698  -10.322 -2.058  1.00 14.97 ? 120 VAL A CB    1 
ATOM   954  C  CG1   . VAL A 1 120 ? -9.691  -9.514  -3.314  1.00 15.52 ? 120 VAL A CG1   1 
ATOM   955  C  CG2   . VAL A 1 120 ? -10.865 -10.056 -1.177  1.00 15.97 ? 120 VAL A CG2   1 
ATOM   956  N  N     . GLN A 1 121 ? -10.316 -13.321 -0.477  1.00 16.51 ? 121 GLN A N     1 
ATOM   957  C  CA    . GLN A 1 121 ? -10.070 -14.145 0.689   1.00 18.27 ? 121 GLN A CA    1 
ATOM   958  C  C     . GLN A 1 121 ? -9.027  -15.210 0.433   1.00 14.78 ? 121 GLN A C     1 
ATOM   959  O  O     . GLN A 1 121 ? -8.336  -15.630 1.352   1.00 16.14 ? 121 GLN A O     1 
ATOM   960  C  CB    . GLN A 1 121 ? -11.390 -14.709 1.247   1.00 21.05 ? 121 GLN A CB    1 
ATOM   961  C  CG    . GLN A 1 121 ? -11.244 -15.406 2.610   1.00 24.72 ? 121 GLN A CG    1 
ATOM   962  C  CD    . GLN A 1 121 ? -10.646 -16.797 2.597   1.00 29.45 ? 121 GLN A CD    1 
ATOM   963  O  OE1   . GLN A 1 121 ? -9.985  -17.253 3.548   1.00 32.97 ? 121 GLN A OE1   1 
ATOM   964  N  NE2   . GLN A 1 121 ? -10.846 -17.466 1.478   1.00 25.80 ? 121 GLN A NE2   1 
ATOM   965  N  N     . ALA A 1 122 ? -8.835  -15.622 -0.792  1.00 15.55 ? 122 ALA A N     1 
ATOM   966  C  CA    . ALA A 1 122 ? -7.756  -16.590 -1.084  1.00 15.70 ? 122 ALA A CA    1 
ATOM   967  C  C     . ALA A 1 122 ? -6.380  -16.085 -0.627  1.00 15.20 ? 122 ALA A C     1 
ATOM   968  O  O     . ALA A 1 122 ? -5.488  -16.864 -0.255  1.00 16.14 ? 122 ALA A O     1 
ATOM   969  C  CB    . ALA A 1 122 ? -7.673  -16.892 -2.525  1.00 18.11 ? 122 ALA A CB    1 
ATOM   970  N  N     . TRP A 1 123 ? -6.175  -14.765 -0.605  1.00 14.17 ? 123 TRP A N     1 
ATOM   971  C  CA    . TRP A 1 123 ? -4.872  -14.230 -0.184  1.00 13.21 ? 123 TRP A CA    1 
ATOM   972  C  C     . TRP A 1 123 ? -4.582  -14.432 1.296   1.00 13.71 ? 123 TRP A C     1 
ATOM   973  O  O     . TRP A 1 123 ? -3.413  -14.297 1.711   1.00 15.28 ? 123 TRP A O     1 
ATOM   974  C  CB    . TRP A 1 123 ? -4.782  -12.735 -0.550  1.00 13.28 ? 123 TRP A CB    1 
ATOM   975  C  CG    . TRP A 1 123 ? -4.679  -12.565 -2.024  1.00 13.79 ? 123 TRP A CG    1 
ATOM   976  C  CD1   . TRP A 1 123 ? -5.707  -12.295 -2.849  1.00 16.37 ? 123 TRP A CD1   1 
ATOM   977  C  CD2   . TRP A 1 123 ? -3.553  -12.785 -2.839  1.00 13.83 ? 123 TRP A CD2   1 
ATOM   978  N  NE1   . TRP A 1 123 ? -5.300  -12.298 -4.140  1.00 15.68 ? 123 TRP A NE1   1 
ATOM   979  C  CE2   . TRP A 1 123 ? -3.985  -12.647 -4.187  1.00 14.99 ? 123 TRP A CE2   1 
ATOM   980  C  CE3   . TRP A 1 123 ? -2.241  -13.149 -2.556  1.00 15.31 ? 123 TRP A CE3   1 
ATOM   981  C  CZ2   . TRP A 1 123 ? -3.105  -12.744 -5.248  1.00 17.26 ? 123 TRP A CZ2   1 
ATOM   982  C  CZ3   . TRP A 1 123 ? -1.375  -13.333 -3.626  1.00 17.50 ? 123 TRP A CZ3   1 
ATOM   983  C  CH2   . TRP A 1 123 ? -1.829  -13.152 -4.943  1.00 18.04 ? 123 TRP A CH2   1 
ATOM   984  N  N     . ILE A 1 124 ? -5.620  -14.677 2.125   1.00 14.78 ? 124 ILE A N     1 
ATOM   985  C  CA    . ILE A 1 124 ? -5.362  -14.885 3.571   1.00 15.71 ? 124 ILE A CA    1 
ATOM   986  C  C     . ILE A 1 124 ? -5.728  -16.311 4.012   1.00 17.08 ? 124 ILE A C     1 
ATOM   987  O  O     . ILE A 1 124 ? -5.575  -16.649 5.176   1.00 18.17 ? 124 ILE A O     1 
ATOM   988  C  CB    . ILE A 1 124 ? -6.082  -13.857 4.457   1.00 18.14 ? 124 ILE A CB    1 
ATOM   989  C  CG1   . ILE A 1 124 ? -7.601  -13.989 4.296   1.00 22.32 ? 124 ILE A CG1   1 
ATOM   990  C  CG2   . ILE A 1 124 ? -5.571  -12.453 4.132   1.00 18.64 ? 124 ILE A CG2   1 
ATOM   991  C  CD1   . ILE A 1 124 ? -8.394  -13.290 5.389   1.00 27.39 ? 124 ILE A CD1   1 
ATOM   992  N  N     . ARG A 1 125 ? -6.053  -17.133 3.044   1.00 16.09 ? 125 ARG A N     1 
ATOM   993  C  CA    . ARG A 1 125 ? -6.480  -18.549 3.269   1.00 19.22 ? 125 ARG A CA    1 
ATOM   994  C  C     . ARG A 1 125 ? -5.314  -19.294 3.909   1.00 19.05 ? 125 ARG A C     1 
ATOM   995  O  O     . ARG A 1 125 ? -4.211  -19.202 3.514   1.00 20.37 ? 125 ARG A O     1 
ATOM   996  C  CB    . ARG A 1 125 ? -6.836  -19.206 1.941   1.00 21.98 ? 125 ARG A CB    1 
ATOM   997  C  CG    . ARG A 1 125 ? -7.546  -20.547 2.122   1.00 26.67 ? 125 ARG A CG    1 
ATOM   998  C  CD    A ARG A 1 125 ? -8.084  -21.028 0.785   0.50 30.73 ? 125 ARG A CD    1 
ATOM   999  C  CD    B ARG A 1 125 ? -8.258  -20.996 0.862   0.50 26.14 ? 125 ARG A CD    1 
ATOM   1000 N  NE    A ARG A 1 125 ? -7.419  -22.273 0.441   0.50 33.14 ? 125 ARG A NE    1 
ATOM   1001 N  NE    B ARG A 1 125 ? -9.327  -20.074 0.466   0.50 24.18 ? 125 ARG A NE    1 
ATOM   1002 C  CZ    A ARG A 1 125 ? -7.749  -23.436 0.981   0.50 35.37 ? 125 ARG A CZ    1 
ATOM   1003 C  CZ    B ARG A 1 125 ? -9.601  -19.805 -0.796  0.50 23.76 ? 125 ARG A CZ    1 
ATOM   1004 N  NH1   A ARG A 1 125 ? -8.823  -23.516 1.747   0.50 40.24 ? 125 ARG A NH1   1 
ATOM   1005 N  NH1   B ARG A 1 125 ? -10.549 -18.938 -1.109  0.50 25.95 ? 125 ARG A NH1   1 
ATOM   1006 N  NH2   A ARG A 1 125 ? -7.009  -24.511 0.765   0.50 37.89 ? 125 ARG A NH2   1 
ATOM   1007 N  NH2   B ARG A 1 125 ? -8.853  -20.370 -1.733  0.50 24.84 ? 125 ARG A NH2   1 
ATOM   1008 N  N     . GLY A 1 126 ? -5.566  -20.033 5.018   1.00 19.65 ? 126 GLY A N     1 
ATOM   1009 C  CA    . GLY A 1 126 ? -4.514  -20.798 5.618   1.00 22.29 ? 126 GLY A CA    1 
ATOM   1010 C  C     . GLY A 1 126 ? -3.731  -20.043 6.658   1.00 22.27 ? 126 GLY A C     1 
ATOM   1011 O  O     . GLY A 1 126 ? -2.928  -20.629 7.372   1.00 25.43 ? 126 GLY A O     1 
ATOM   1012 N  N     . CYS A 1 127 ? -3.871  -18.713 6.710   1.00 19.50 ? 127 CYS A N     1 
ATOM   1013 C  CA    . CYS A 1 127 ? -3.000  -17.925 7.559   1.00 19.35 ? 127 CYS A CA    1 
ATOM   1014 C  C     . CYS A 1 127 ? -3.474  -17.947 8.998   1.00 20.12 ? 127 CYS A C     1 
ATOM   1015 O  O     . CYS A 1 127 ? -4.628  -17.782 9.229   1.00 18.45 ? 127 CYS A O     1 
ATOM   1016 C  CB    . CYS A 1 127 ? -2.949  -16.485 7.053   1.00 18.72 ? 127 CYS A CB    1 
ATOM   1017 S  SG    . CYS A 1 127 ? -2.349  -16.279 5.347   1.00 18.69 ? 127 CYS A SG    1 
ATOM   1018 N  N     . ARG A 1 128 ? -2.518  -18.029 9.939   1.00 23.86 ? 128 ARG A N     1 
ATOM   1019 C  CA    . ARG A 1 128 ? -2.920  -17.923 11.322  1.00 28.20 ? 128 ARG A CA    1 
ATOM   1020 C  C     . ARG A 1 128 ? -3.083  -16.436 11.607  1.00 32.73 ? 128 ARG A C     1 
ATOM   1021 O  O     . ARG A 1 128 ? -2.214  -15.687 11.230  1.00 41.02 ? 128 ARG A O     1 
ATOM   1022 C  CB    . ARG A 1 128 ? -1.875  -18.587 12.205  1.00 34.08 ? 128 ARG A CB    1 
ATOM   1023 C  CG    . ARG A 1 128 ? -2.384  -18.933 13.586  1.00 37.19 ? 128 ARG A CG    1 
ATOM   1024 C  CD    . ARG A 1 128 ? -1.635  -20.148 14.089  1.00 38.23 ? 128 ARG A CD    1 
ATOM   1025 N  NE    . ARG A 1 128 ? -0.318  -20.307 13.467  1.00 43.46 ? 128 ARG A NE    1 
ATOM   1026 C  CZ    . ARG A 1 128 ? 0.310   -21.470 13.265  1.00 43.04 ? 128 ARG A CZ    1 
ATOM   1027 N  NH1   . ARG A 1 128 ? -0.279  -22.619 13.570  1.00 50.90 ? 128 ARG A NH1   1 
ATOM   1028 N  NH2   . ARG A 1 128 ? 1.543   -21.465 12.789  1.00 43.06 ? 128 ARG A NH2   1 
ATOM   1029 N  N     . LEU A 1 129 ? -4.214  -16.003 12.176  1.00 32.43 ? 129 LEU A N     1 
ATOM   1030 C  CA    . LEU A 1 129 ? -4.449  -14.504 12.410  1.00 38.77 ? 129 LEU A CA    1 
ATOM   1031 C  C     A LEU A 1 129 ? -5.531  -14.346 13.498  0.50 40.73 ? 129 LEU A C     1 
ATOM   1032 C  C     B LEU A 1 129 ? -5.507  -14.253 13.507  0.50 39.39 ? 129 LEU A C     1 
ATOM   1033 O  O     A LEU A 1 129 ? -6.382  -15.231 13.716  0.50 41.13 ? 129 LEU A O     1 
ATOM   1034 O  O     B LEU A 1 129 ? -5.754  -13.082 13.882  0.50 37.47 ? 129 LEU A O     1 
ATOM   1035 C  CB    . LEU A 1 129 ? -4.837  -13.662 11.166  1.00 33.49 ? 129 LEU A CB    1 
ATOM   1036 C  CG    . LEU A 1 129 ? -4.738  -14.087 9.687   1.00 31.35 ? 129 LEU A CG    1 
ATOM   1037 C  CD1   . LEU A 1 129 ? -6.060  -13.739 9.019   1.00 33.05 ? 129 LEU A CD1   1 
ATOM   1038 C  CD2   . LEU A 1 129 ? -3.642  -13.340 8.910   1.00 35.04 ? 129 LEU A CD2   1 
HETATM 1039 C  C1    . EDO B 2 .   ? -1.283  5.251   -3.682  1.00 16.26 ? 201 EDO A C1    1 
HETATM 1040 O  O1    . EDO B 2 .   ? -0.559  6.387   -4.285  1.00 12.94 ? 201 EDO A O1    1 
HETATM 1041 C  C2    . EDO B 2 .   ? -2.608  5.035   -4.305  1.00 20.46 ? 201 EDO A C2    1 
HETATM 1042 O  O2    . EDO B 2 .   ? -2.245  4.541   -5.518  1.00 17.71 ? 201 EDO A O2    1 
HETATM 1043 C  C1    . EDO C 2 .   ? -6.672  13.935  -4.698  1.00 57.62 ? 202 EDO A C1    1 
HETATM 1044 O  O1    . EDO C 2 .   ? -5.671  12.911  -4.620  1.00 53.46 ? 202 EDO A O1    1 
HETATM 1045 C  C2    . EDO C 2 .   ? -6.746  14.649  -3.359  1.00 59.17 ? 202 EDO A C2    1 
HETATM 1046 O  O2    . EDO C 2 .   ? -6.197  13.790  -2.351  1.00 59.26 ? 202 EDO A O2    1 
HETATM 1047 CL CL    . CL  D 3 .   ? -15.410 2.333   -0.388  1.00 13.54 ? 203 CL  A CL    1 
HETATM 1048 CL CL    . CL  E 3 .   ? -10.536 -11.253 2.840   1.00 18.60 ? 204 CL  A CL    1 
HETATM 1049 CL CL    . CL  F 3 .   ? 8.951   17.504  -3.966  1.00 14.32 ? 205 CL  A CL    1 
HETATM 1050 C  "C1'" . PEL G 4 .   ? 11.815  3.559   -10.965 0.50 20.70 ? 206 PEL A "C1'" 1 
HETATM 1051 C  "C2'" . PEL G 4 .   ? 12.117  3.312   -9.574  0.50 16.90 ? 206 PEL A "C2'" 1 
HETATM 1052 C  "C3'" . PEL G 4 .   ? 12.799  4.248   -8.674  0.50 21.25 ? 206 PEL A "C3'" 1 
HETATM 1053 C  "C4'" . PEL G 4 .   ? 13.270  5.412   -9.293  0.50 24.87 ? 206 PEL A "C4'" 1 
HETATM 1054 C  "C5'" . PEL G 4 .   ? 13.115  5.598   -10.615 0.50 27.12 ? 206 PEL A "C5'" 1 
HETATM 1055 C  "C6'" . PEL G 4 .   ? 12.435  4.690   -11.421 0.50 27.90 ? 206 PEL A "C6'" 1 
HETATM 1056 C  CA    . PEL G 4 .   ? 11.120  2.659   -12.111 1.00 17.06 ? 206 PEL A CA    1 
HETATM 1057 C  C     . PEL G 4 .   ? 9.747   2.371   -12.746 1.00 28.76 ? 206 PEL A C     1 
HETATM 1058 O  OXT   . PEL G 4 .   ? 9.232   0.956   -12.862 1.00 26.43 ? 206 PEL A OXT   1 
HETATM 1059 NA NA    . NA  H 5 .   ? 5.325   14.865  -2.528  1.00 10.78 ? 207 NA  A NA    1 
HETATM 1060 C  C     . ACT I 6 .   ? 1.582   19.030  1.893   0.63 12.48 ? 208 ACT A C     1 
HETATM 1061 O  O     . ACT I 6 .   ? 1.803   18.862  3.067   0.63 26.40 ? 208 ACT A O     1 
HETATM 1062 O  OXT   . ACT I 6 .   ? 0.661   18.600  1.771   0.63 13.68 ? 208 ACT A OXT   1 
HETATM 1063 C  CH3   . ACT I 6 .   ? 2.433   19.595  0.947   0.63 17.77 ? 208 ACT A CH3   1 
HETATM 1064 O  O     . HOH J 7 .   ? 2.028   17.964  4.640   1.00 37.57 ? 301 HOH A O     1 
HETATM 1065 O  O     . HOH J 7 .   ? -9.408  6.779   -2.231  1.00 26.66 ? 302 HOH A O     1 
HETATM 1066 O  O     . HOH J 7 .   ? 6.876   0.911   14.356  1.00 38.05 ? 303 HOH A O     1 
HETATM 1067 O  O     . HOH J 7 .   ? -9.597  -24.304 -0.359  1.00 45.54 ? 304 HOH A O     1 
HETATM 1068 O  O     . HOH J 7 .   ? 6.437   13.609  9.839   1.00 32.44 ? 305 HOH A O     1 
HETATM 1069 O  O     . HOH J 7 .   ? 2.812   9.919   -14.526 1.00 36.07 ? 306 HOH A O     1 
HETATM 1070 O  O     . HOH J 7 .   ? -11.567 6.282   7.860   1.00 44.40 ? 307 HOH A O     1 
HETATM 1071 O  O     . HOH J 7 .   ? -0.345  -15.162 9.751   1.00 26.95 ? 308 HOH A O     1 
HETATM 1072 O  O     . HOH J 7 .   ? -1.653  0.990   -8.514  1.00 17.18 ? 309 HOH A O     1 
HETATM 1073 O  O     . HOH J 7 .   ? 3.868   -6.328  12.857  1.00 43.40 ? 310 HOH A O     1 
HETATM 1074 O  O     . HOH J 7 .   ? -14.907 6.594   2.358   1.00 35.58 ? 311 HOH A O     1 
HETATM 1075 O  O     . HOH J 7 .   ? 3.565   -6.603  -9.678  1.00 23.88 ? 312 HOH A O     1 
HETATM 1076 O  O     . HOH J 7 .   ? -2.991  4.066   12.251  1.00 45.56 ? 313 HOH A O     1 
HETATM 1077 O  O     . HOH J 7 .   ? 4.333   17.540  6.678   1.00 46.95 ? 314 HOH A O     1 
HETATM 1078 O  O     . HOH J 7 .   ? -12.707 6.589   0.473   1.00 16.24 ? 315 HOH A O     1 
HETATM 1079 O  O     . HOH J 7 .   ? -0.284  1.581   12.273  1.00 39.74 ? 316 HOH A O     1 
HETATM 1080 O  O     . HOH J 7 .   ? 7.297   15.086  -11.237 1.00 34.24 ? 317 HOH A O     1 
HETATM 1081 O  O     . HOH J 7 .   ? 15.181  -2.829  8.848   1.00 37.40 ? 318 HOH A O     1 
HETATM 1082 O  O     . HOH J 7 .   ? -8.609  3.599   -10.260 1.00 30.85 ? 319 HOH A O     1 
HETATM 1083 O  O     . HOH J 7 .   ? 6.758   -13.543 -0.448  1.00 15.78 ? 320 HOH A O     1 
HETATM 1084 O  O     . HOH J 7 .   ? 9.866   11.296  -7.661  1.00 10.57 ? 321 HOH A O     1 
HETATM 1085 O  O     . HOH J 7 .   ? 1.871   -0.728  -9.609  1.00 23.00 ? 322 HOH A O     1 
HETATM 1086 O  O     . HOH J 7 .   ? 0.950   5.148   -9.580  1.00 25.10 ? 323 HOH A O     1 
HETATM 1087 O  O     . HOH J 7 .   ? -1.602  -14.134 13.325  1.00 32.13 ? 324 HOH A O     1 
HETATM 1088 O  O     . HOH J 7 .   ? 0.032   4.134   -6.873  1.00 22.50 ? 325 HOH A O     1 
HETATM 1089 O  O     . HOH J 7 .   ? -5.989  -11.188 -10.290 1.00 16.76 ? 326 HOH A O     1 
HETATM 1090 O  O     . HOH J 7 .   ? 1.308   1.334   -8.848  1.00 23.25 ? 327 HOH A O     1 
HETATM 1091 O  O     . HOH J 7 .   ? 15.191  9.961   4.063   1.00 17.07 ? 328 HOH A O     1 
HETATM 1092 O  O     . HOH J 7 .   ? -8.333  -14.926 -5.680  1.00 29.64 ? 329 HOH A O     1 
HETATM 1093 O  O     . HOH J 7 .   ? -3.591  7.461   9.223   1.00 25.91 ? 330 HOH A O     1 
HETATM 1094 O  O     . HOH J 7 .   ? 8.733   -6.187  9.685   1.00 22.06 ? 331 HOH A O     1 
HETATM 1095 O  O     . HOH J 7 .   ? 13.396  -0.002  -5.424  1.00 10.42 ? 332 HOH A O     1 
HETATM 1096 O  O     . HOH J 7 .   ? 11.219  -0.560  -13.883 1.00 33.34 ? 333 HOH A O     1 
HETATM 1097 O  O     . HOH J 7 .   ? 4.375   0.740   15.033  1.00 35.85 ? 334 HOH A O     1 
HETATM 1098 O  O     . HOH J 7 .   ? 3.927   -1.733  -9.137  1.00 21.13 ? 335 HOH A O     1 
HETATM 1099 O  O     . HOH J 7 .   ? 6.285   -0.466  2.502   1.00 16.05 ? 336 HOH A O     1 
HETATM 1100 O  O     . HOH J 7 .   ? 11.161  2.509   10.231  1.00 37.62 ? 337 HOH A O     1 
HETATM 1101 O  O     . HOH J 7 .   ? 7.080   -0.795  4.997   1.00 12.00 ? 338 HOH A O     1 
HETATM 1102 O  O     . HOH J 7 .   ? -4.869  -19.340 -1.205  1.00 39.68 ? 339 HOH A O     1 
HETATM 1103 O  O     . HOH J 7 .   ? -9.091  -0.731  12.162  1.00 31.03 ? 340 HOH A O     1 
HETATM 1104 O  O     . HOH J 7 .   ? -13.890 -9.038  -4.132  1.00 20.75 ? 341 HOH A O     1 
HETATM 1105 O  O     . HOH J 7 .   ? -15.648 -10.281 -10.732 1.00 37.78 ? 342 HOH A O     1 
HETATM 1106 O  O     . HOH J 7 .   ? 13.671  19.930  -3.664  1.00 23.33 ? 343 HOH A O     1 
HETATM 1107 O  O     . HOH J 7 .   ? 13.705  3.410   4.803   1.00 20.34 ? 344 HOH A O     1 
HETATM 1108 O  O     . HOH J 7 .   ? 9.665   19.115  -1.133  1.00 27.87 ? 345 HOH A O     1 
HETATM 1109 O  O     . HOH J 7 .   ? 3.815   1.121   -8.972  1.00 15.45 ? 346 HOH A O     1 
HETATM 1110 O  O     . HOH J 7 .   ? 4.556   3.122   -10.929 1.00 26.30 ? 347 HOH A O     1 
HETATM 1111 O  O     . HOH J 7 .   ? -10.239 -2.672  -15.392 1.00 31.05 ? 348 HOH A O     1 
HETATM 1112 O  O     . HOH J 7 .   ? 3.899   -22.752 13.483  1.00 36.32 ? 349 HOH A O     1 
HETATM 1113 O  O     . HOH J 7 .   ? -0.421  19.400  -5.809  1.00 32.91 ? 350 HOH A O     1 
HETATM 1114 O  O     . HOH J 7 .   ? 13.672  -5.884  0.410   1.00 10.32 ? 351 HOH A O     1 
HETATM 1115 O  O     . HOH J 7 .   ? -7.495  -12.262 -6.052  1.00 16.85 ? 352 HOH A O     1 
HETATM 1116 O  O     . HOH J 7 .   ? -12.150 -3.748  -12.188 1.00 28.52 ? 353 HOH A O     1 
HETATM 1117 O  O     . HOH J 7 .   ? -15.196 -1.797  9.467   1.00 34.09 ? 354 HOH A O     1 
HETATM 1118 O  O     . HOH J 7 .   ? -13.826 -0.340  9.878   1.00 41.48 ? 355 HOH A O     1 
HETATM 1119 O  O     . HOH J 7 .   ? 14.324  -4.030  4.641   1.00 19.23 ? 356 HOH A O     1 
HETATM 1120 O  O     . HOH J 7 .   ? -2.836  -4.790  18.433  1.00 30.64 ? 357 HOH A O     1 
HETATM 1121 O  O     . HOH J 7 .   ? -7.017  -5.127  11.618  1.00 20.15 ? 358 HOH A O     1 
HETATM 1122 O  O     . HOH J 7 .   ? 1.523   -17.873 -0.757  1.00 36.97 ? 359 HOH A O     1 
HETATM 1123 O  O     . HOH J 7 .   ? -8.129  11.202  3.452   1.00 26.08 ? 360 HOH A O     1 
HETATM 1124 O  O     . HOH J 7 .   ? 6.943   16.226  -15.029 1.00 39.11 ? 361 HOH A O     1 
HETATM 1125 O  O     . HOH J 7 .   ? 10.237  -12.055 5.471   1.00 26.95 ? 362 HOH A O     1 
HETATM 1126 O  O     . HOH J 7 .   ? 4.141   14.911  -10.644 1.00 28.27 ? 363 HOH A O     1 
HETATM 1127 O  O     . HOH J 7 .   ? 6.044   17.099  -11.194 1.00 36.16 ? 364 HOH A O     1 
HETATM 1128 O  O     . HOH J 7 .   ? 7.710   14.739  -3.142  1.00 11.16 ? 365 HOH A O     1 
HETATM 1129 O  O     . HOH J 7 .   ? 2.609   7.408   7.464   1.00 18.65 ? 366 HOH A O     1 
HETATM 1130 O  O     . HOH J 7 .   ? -13.437 -8.600  -11.035 1.00 26.46 ? 367 HOH A O     1 
HETATM 1131 O  O     . HOH J 7 .   ? -0.355  17.884  5.449   1.00 43.52 ? 368 HOH A O     1 
HETATM 1132 O  O     . HOH J 7 .   ? -15.799 -0.272  1.431   1.00 13.60 ? 369 HOH A O     1 
HETATM 1133 O  O     . HOH J 7 .   ? 1.192   -2.937  -10.018 1.00 13.60 ? 370 HOH A O     1 
HETATM 1134 O  O     . HOH J 7 .   ? 3.543   -9.459  -8.126  1.00 30.95 ? 371 HOH A O     1 
HETATM 1135 O  O     . HOH J 7 .   ? -14.518 -1.094  -11.481 1.00 20.73 ? 372 HOH A O     1 
HETATM 1136 O  O     . HOH J 7 .   ? 3.777   1.579   0.588   1.00 10.49 ? 373 HOH A O     1 
HETATM 1137 O  O     . HOH J 7 .   ? 3.228   16.992  -8.786  1.00 30.19 ? 374 HOH A O     1 
HETATM 1138 O  O     . HOH J 7 .   ? -12.793 -6.538  -3.743  1.00 21.24 ? 375 HOH A O     1 
HETATM 1139 O  O     . HOH J 7 .   ? 2.938   11.831  9.741   1.00 27.33 ? 376 HOH A O     1 
HETATM 1140 O  O     . HOH J 7 .   ? 7.226   2.403   9.499   1.00 16.17 ? 377 HOH A O     1 
HETATM 1141 O  O     . HOH J 7 .   ? -7.733  5.642   11.407  1.00 29.39 ? 378 HOH A O     1 
HETATM 1142 O  O     . HOH J 7 .   ? 9.912   15.044  -11.118 1.00 30.06 ? 379 HOH A O     1 
HETATM 1143 O  O     . HOH J 7 .   ? -1.994  -10.301 13.465  1.00 46.44 ? 380 HOH A O     1 
HETATM 1144 O  O     . HOH J 7 .   ? 3.851   21.935  -3.157  1.00 26.60 ? 381 HOH A O     1 
HETATM 1145 O  O     . HOH J 7 .   ? 0.702   9.393   7.746   1.00 21.34 ? 382 HOH A O     1 
HETATM 1146 O  O     . HOH J 7 .   ? -4.885  7.506   -6.282  1.00 33.09 ? 383 HOH A O     1 
HETATM 1147 O  O     . HOH J 7 .   ? 9.375   -9.498  -4.011  1.00 25.70 ? 384 HOH A O     1 
HETATM 1148 O  O     . HOH J 7 .   ? 9.117   4.117   8.608   1.00 17.68 ? 385 HOH A O     1 
HETATM 1149 O  O     . HOH J 7 .   ? 9.459   -5.544  -5.684  1.00 16.91 ? 386 HOH A O     1 
HETATM 1150 O  O     . HOH J 7 .   ? 6.602   -12.383 -2.878  1.00 17.10 ? 387 HOH A O     1 
HETATM 1151 O  O     . HOH J 7 .   ? 1.197   10.395  -10.807 1.00 27.31 ? 388 HOH A O     1 
HETATM 1152 O  O     . HOH J 7 .   ? -10.079 -6.606  -10.990 1.00 16.37 ? 389 HOH A O     1 
HETATM 1153 O  O     . HOH J 7 .   ? 5.065   19.173  -0.801  1.00 27.87 ? 390 HOH A O     1 
HETATM 1154 O  O     . HOH J 7 .   ? -6.960  2.610   12.869  1.00 29.21 ? 391 HOH A O     1 
HETATM 1155 O  O     . HOH J 7 .   ? 7.304   21.719  -5.495  0.50 19.69 ? 392 HOH A O     1 
HETATM 1156 O  O     . HOH J 7 .   ? -14.208 -6.365  1.890   1.00 16.81 ? 393 HOH A O     1 
HETATM 1157 O  O     . HOH J 7 .   ? 14.232  -0.979  7.257   1.00 20.74 ? 394 HOH A O     1 
HETATM 1158 O  O     . HOH J 7 .   ? -4.399  -25.404 -0.265  1.00 34.06 ? 395 HOH A O     1 
HETATM 1159 O  O     . HOH J 7 .   ? -1.436  20.546  3.596   1.00 39.73 ? 396 HOH A O     1 
HETATM 1160 O  O     . HOH J 7 .   ? 12.933  7.147   6.618   1.00 19.82 ? 397 HOH A O     1 
HETATM 1161 O  O     . HOH J 7 .   ? 4.438   -15.909 5.684   1.00 23.74 ? 398 HOH A O     1 
HETATM 1162 O  O     . HOH J 7 .   ? 11.229  -4.319  11.278  1.00 27.88 ? 399 HOH A O     1 
HETATM 1163 O  O     . HOH J 7 .   ? -12.835 1.999   9.234   1.00 24.52 ? 400 HOH A O     1 
HETATM 1164 O  O     . HOH J 7 .   ? 2.971   6.470   -14.811 1.00 29.82 ? 401 HOH A O     1 
HETATM 1165 O  O     . HOH J 7 .   ? -11.428 -14.842 -8.248  1.00 22.64 ? 402 HOH A O     1 
HETATM 1166 O  O     . HOH J 7 .   ? 4.312   -10.089 10.623  1.00 28.42 ? 403 HOH A O     1 
HETATM 1167 O  O     . HOH J 7 .   ? -14.085 10.922  -4.692  1.00 46.02 ? 404 HOH A O     1 
HETATM 1168 O  O     . HOH J 7 .   ? -3.902  -10.349 -12.067 1.00 13.46 ? 405 HOH A O     1 
HETATM 1169 O  O     . HOH J 7 .   ? 6.306   16.582  -1.132  1.00 14.14 ? 406 HOH A O     1 
HETATM 1170 O  O     . HOH J 7 .   ? -0.778  6.755   -7.822  1.00 28.19 ? 407 HOH A O     1 
HETATM 1171 O  O     . HOH J 7 .   ? 6.502   1.712   6.071   1.00 14.14 ? 408 HOH A O     1 
HETATM 1172 O  O     . HOH J 7 .   ? -13.394 -17.463 -0.167  1.00 43.00 ? 409 HOH A O     1 
HETATM 1173 O  O     . HOH J 7 .   ? 5.393   -1.955  14.136  1.00 38.40 ? 410 HOH A O     1 
HETATM 1174 O  O     . HOH J 7 .   ? -7.338  6.104   -9.051  1.00 39.32 ? 411 HOH A O     1 
HETATM 1175 O  O     . HOH J 7 .   ? -10.765 -20.656 3.045   1.00 41.10 ? 412 HOH A O     1 
HETATM 1176 O  O     . HOH J 7 .   ? -2.260  3.470   -8.459  1.00 15.06 ? 413 HOH A O     1 
HETATM 1177 O  O     . HOH J 7 .   ? 0.090   2.594   -6.849  1.00 21.95 ? 414 HOH A O     1 
HETATM 1178 O  O     . HOH J 7 .   ? 13.677  -10.084 3.128   1.00 22.61 ? 415 HOH A O     1 
HETATM 1179 O  O     . HOH J 7 .   ? 6.903   -9.577  10.581  1.00 33.06 ? 416 HOH A O     1 
HETATM 1180 O  O     . HOH J 7 .   ? -15.722 3.078   2.611   1.00 30.55 ? 417 HOH A O     1 
HETATM 1181 O  O     . HOH J 7 .   ? -7.575  8.511   -4.516  1.00 41.88 ? 418 HOH A O     1 
HETATM 1182 O  O     . HOH J 7 .   ? -15.831 -12.629 -6.410  1.00 45.44 ? 419 HOH A O     1 
HETATM 1183 O  O     . HOH J 7 .   ? 1.152   20.200  5.735   1.00 44.90 ? 420 HOH A O     1 
HETATM 1184 O  O     . HOH J 7 .   ? 11.551  -7.666  10.404  1.00 38.78 ? 421 HOH A O     1 
HETATM 1185 O  O     . HOH J 7 .   ? -2.184  8.564   -5.692  1.00 13.74 ? 422 HOH A O     1 
HETATM 1186 O  O     . HOH J 7 .   ? 16.932  12.142  -8.878  1.00 15.35 ? 423 HOH A O     1 
HETATM 1187 O  O     . HOH J 7 .   ? -7.711  -23.438 -2.410  1.00 43.80 ? 424 HOH A O     1 
HETATM 1188 O  O     . HOH J 7 .   ? 4.721   -15.697 0.113   1.00 26.80 ? 425 HOH A O     1 
HETATM 1189 O  O     . HOH J 7 .   ? -10.301 -10.522 14.662  1.00 40.11 ? 426 HOH A O     1 
HETATM 1190 O  O     . HOH J 7 .   ? -0.466  13.063  -11.803 1.00 27.93 ? 427 HOH A O     1 
HETATM 1191 O  O     . HOH J 7 .   ? 2.777   -17.507 3.715   1.00 22.73 ? 428 HOH A O     1 
HETATM 1192 O  O     . HOH J 7 .   ? 6.586   19.627  -3.641  1.00 21.67 ? 429 HOH A O     1 
HETATM 1193 O  O     . HOH J 7 .   ? 15.624  -6.549  3.022   1.00 30.57 ? 430 HOH A O     1 
HETATM 1194 O  O     . HOH J 7 .   ? 11.503  11.625  -13.970 1.00 42.01 ? 431 HOH A O     1 
HETATM 1195 O  O     . HOH J 7 .   ? 13.322  17.279  0.649   1.00 9.72  ? 432 HOH A O     1 
HETATM 1196 O  O     . HOH J 7 .   ? 0.472   -21.032 0.242   1.00 41.84 ? 433 HOH A O     1 
HETATM 1197 O  O     . HOH J 7 .   ? 0.937   22.052  -8.219  1.00 41.05 ? 434 HOH A O     1 
HETATM 1198 O  O     . HOH J 7 .   ? -4.189  -21.222 1.044   1.00 41.58 ? 435 HOH A O     1 
HETATM 1199 O  O     . HOH J 7 .   ? -13.829 -8.045  -1.269  1.00 24.86 ? 436 HOH A O     1 
HETATM 1200 O  O     . HOH J 7 .   ? -14.368 2.630   -9.690  1.00 27.82 ? 437 HOH A O     1 
HETATM 1201 O  O     . HOH J 7 .   ? 10.628  14.843  4.313   1.00 14.89 ? 438 HOH A O     1 
HETATM 1202 O  O     . HOH J 7 .   ? 0.061   12.741  9.707   1.00 31.89 ? 439 HOH A O     1 
HETATM 1203 O  O     . HOH J 7 .   ? 7.969   14.837  5.989   1.00 18.94 ? 440 HOH A O     1 
HETATM 1204 O  O     . HOH J 7 .   ? -13.172 -11.151 1.157   1.00 34.41 ? 441 HOH A O     1 
HETATM 1205 O  O     . HOH J 7 .   ? 7.769   2.747   12.156  1.00 36.71 ? 442 HOH A O     1 
HETATM 1206 O  O     . HOH J 7 .   ? -13.438 -12.711 -1.226  1.00 22.48 ? 443 HOH A O     1 
HETATM 1207 O  O     . HOH J 7 .   ? 0.851   3.629   14.400  1.00 35.30 ? 444 HOH A O     1 
HETATM 1208 O  O     . HOH J 7 .   ? 4.392   13.623  11.073  1.00 39.41 ? 445 HOH A O     1 
HETATM 1209 O  O     . HOH J 7 .   ? -1.006  23.275  -2.726  1.00 36.51 ? 446 HOH A O     1 
HETATM 1210 O  O     . HOH J 7 .   ? -12.409 -0.994  -13.454 1.00 36.68 ? 447 HOH A O     1 
HETATM 1211 O  O     . HOH J 7 .   ? -15.505 0.512   8.160   1.00 32.94 ? 448 HOH A O     1 
HETATM 1212 O  O     . HOH J 7 .   ? 7.019   18.394  2.739   1.00 13.75 ? 449 HOH A O     1 
HETATM 1213 O  O     . HOH J 7 .   ? -3.009  20.596  -4.727  1.00 20.22 ? 450 HOH A O     1 
HETATM 1214 O  O     . HOH J 7 .   ? 16.036  16.918  -6.118  1.00 22.47 ? 451 HOH A O     1 
HETATM 1215 O  O     . HOH J 7 .   ? 5.790   -4.707  10.410  1.00 12.21 ? 452 HOH A O     1 
HETATM 1216 O  O     . HOH J 7 .   ? 0.290   -20.661 6.378   1.00 47.83 ? 453 HOH A O     1 
HETATM 1217 O  O     . HOH J 7 .   ? 3.586   7.033   10.315  1.00 18.75 ? 454 HOH A O     1 
HETATM 1218 O  O     . HOH J 7 .   ? 6.019   2.036   -13.053 1.00 47.20 ? 455 HOH A O     1 
HETATM 1219 O  O     . HOH J 7 .   ? -16.626 -3.368  7.896   1.00 39.39 ? 456 HOH A O     1 
HETATM 1220 O  O     . HOH J 7 .   ? -9.177  6.884   -7.531  1.00 35.05 ? 457 HOH A O     1 
HETATM 1221 O  O     . HOH J 7 .   ? -6.522  5.309   -14.195 1.00 34.40 ? 458 HOH A O     1 
HETATM 1222 O  O     . HOH J 7 .   ? -8.848  -6.538  13.565  1.00 28.89 ? 459 HOH A O     1 
HETATM 1223 O  O     . HOH J 7 .   ? -2.414  -22.128 2.899   1.00 38.26 ? 460 HOH A O     1 
HETATM 1224 O  O     . HOH J 7 .   ? 2.103   22.338  2.739   1.00 36.75 ? 461 HOH A O     1 
HETATM 1225 O  O     . HOH J 7 .   ? -11.591 4.369   -10.455 1.00 33.71 ? 462 HOH A O     1 
HETATM 1226 O  O     . HOH J 7 .   ? -12.144 6.319   -8.619  1.00 48.57 ? 463 HOH A O     1 
HETATM 1227 O  O     . HOH J 7 .   ? 5.916   16.192  9.578   1.00 43.60 ? 464 HOH A O     1 
HETATM 1228 O  O     . HOH J 7 .   ? -17.274 0.450   6.476   1.00 30.95 ? 465 HOH A O     1 
HETATM 1229 O  O     . HOH J 7 .   ? 6.225   -5.836  -8.023  1.00 30.19 ? 466 HOH A O     1 
HETATM 1230 O  O     . HOH J 7 .   ? -15.401 -13.317 -4.105  1.00 54.14 ? 467 HOH A O     1 
HETATM 1231 O  O     . HOH J 7 .   ? 8.419   14.185  8.770   1.00 35.34 ? 468 HOH A O     1 
HETATM 1232 O  O     . HOH J 7 .   ? 9.933   17.990  4.264   1.00 38.62 ? 469 HOH A O     1 
HETATM 1233 O  O     . HOH J 7 .   ? 2.599   -8.996  13.306  1.00 24.03 ? 470 HOH A O     1 
HETATM 1234 O  O     . HOH J 7 .   ? -15.757 -5.813  -9.234  1.00 19.31 ? 471 HOH A O     1 
HETATM 1235 O  O     . HOH J 7 .   ? -0.005  0.124   -10.528 1.00 41.41 ? 472 HOH A O     1 
HETATM 1236 O  O     . HOH J 7 .   ? 9.904   19.802  -5.847  1.00 19.38 ? 473 HOH A O     1 
HETATM 1237 O  O     . HOH J 7 .   ? 11.971  19.123  -7.727  1.00 33.48 ? 474 HOH A O     1 
HETATM 1238 O  O     . HOH J 7 .   ? 14.278  2.005   7.298   1.00 20.95 ? 475 HOH A O     1 
HETATM 1239 O  O     . HOH J 7 .   ? 2.156   -15.191 -2.672  1.00 17.69 ? 476 HOH A O     1 
HETATM 1240 O  O     . HOH J 7 .   ? 12.941  17.785  -9.528  1.00 41.40 ? 477 HOH A O     1 
HETATM 1241 O  O     . HOH J 7 .   ? 8.242   -4.213  12.695  1.00 42.26 ? 478 HOH A O     1 
HETATM 1242 O  O     . HOH J 7 .   ? 8.547   -8.255  -8.616  1.00 41.18 ? 479 HOH A O     1 
HETATM 1243 O  O     . HOH J 7 .   ? 8.714   -15.985 3.142   1.00 39.69 ? 480 HOH A O     1 
HETATM 1244 O  O     . HOH J 7 .   ? 6.437   16.856  7.246   1.00 38.63 ? 481 HOH A O     1 
HETATM 1245 O  O     . HOH J 7 .   ? -1.259  8.212   11.726  1.00 38.21 ? 482 HOH A O     1 
HETATM 1246 O  O     . HOH J 7 .   ? -12.921 -13.289 -10.350 1.00 36.32 ? 483 HOH A O     1 
HETATM 1247 O  O     . HOH J 7 .   ? -5.368  -12.957 -8.006  1.00 20.84 ? 484 HOH A O     1 
HETATM 1248 O  O     . HOH J 7 .   ? -16.638 -9.533  -4.939  1.00 25.32 ? 485 HOH A O     1 
HETATM 1249 O  O     . HOH J 7 .   ? -4.164  -16.126 -4.316  1.00 45.95 ? 486 HOH A O     1 
HETATM 1250 O  O     . HOH J 7 .   ? -17.118 -8.019  -10.033 1.00 30.48 ? 487 HOH A O     1 
HETATM 1251 O  O     . HOH J 7 .   ? -2.587  -17.272 -2.996  1.00 47.69 ? 488 HOH A O     1 
HETATM 1252 O  O     . HOH J 7 .   ? 14.060  -7.115  8.141   1.00 28.75 ? 489 HOH A O     1 
HETATM 1253 O  O     . HOH J 7 .   ? 9.824   -6.235  11.830  1.00 37.35 ? 490 HOH A O     1 
HETATM 1254 O  O     . HOH J 7 .   ? -5.671  13.235  3.440   1.00 42.73 ? 491 HOH A O     1 
HETATM 1255 O  O     . HOH J 7 .   ? 5.243   22.229  -1.353  1.00 43.24 ? 492 HOH A O     1 
HETATM 1256 O  O     . HOH J 7 .   ? 0.083   1.027   14.356  1.00 48.54 ? 493 HOH A O     1 
HETATM 1257 O  O     . HOH J 7 .   ? 7.099   20.632  -1.634  1.00 25.64 ? 494 HOH A O     1 
HETATM 1258 O  O     . HOH J 7 .   ? 12.388  4.578   7.932   1.00 32.31 ? 495 HOH A O     1 
HETATM 1259 O  O     . HOH J 7 .   ? 13.008  19.708  -0.889  1.00 31.69 ? 496 HOH A O     1 
HETATM 1260 O  O     . HOH J 7 .   ? 4.559   9.941   10.954  1.00 25.92 ? 497 HOH A O     1 
HETATM 1261 O  O     . HOH J 7 .   ? -15.042 -14.982 1.172   1.00 47.23 ? 498 HOH A O     1 
HETATM 1262 O  O     . HOH J 7 .   ? -14.689 -4.055  -11.396 1.00 21.38 ? 499 HOH A O     1 
HETATM 1263 O  O     . HOH J 7 .   ? -18.698 -11.281 -10.309 1.00 36.07 ? 500 HOH A O     1 
HETATM 1264 O  O     . HOH J 7 .   ? 12.015  4.337   -14.710 0.50 30.43 ? 501 HOH A O     1 
HETATM 1265 O  O     . HOH J 7 .   ? 9.248   9.340   9.300   1.00 23.94 ? 502 HOH A O     1 
HETATM 1266 O  O     . HOH J 7 .   ? 11.821  8.557   8.705   1.00 33.82 ? 503 HOH A O     1 
HETATM 1267 O  O     . HOH J 7 .   ? 8.373   6.505   10.010  1.00 32.35 ? 504 HOH A O     1 
HETATM 1268 O  O     . HOH J 7 .   ? 8.139   21.715  0.393   0.50 46.98 ? 505 HOH A O     1 
HETATM 1269 O  O     . HOH J 7 .   ? 5.450   12.182  13.244  0.50 20.63 ? 506 HOH A O     1 
HETATM 1270 O  O     . HOH J 7 .   ? 7.713   11.249  12.859  0.50 28.79 ? 507 HOH A O     1 
HETATM 1271 O  O     . HOH J 7 .   ? 4.375   10.093  13.332  0.50 19.30 ? 508 HOH A O     1 
HETATM 1272 O  O     . HOH J 7 .   ? -2.155  -18.502 -5.319  1.00 46.29 ? 509 HOH A O     1 
HETATM 1273 O  O     . HOH J 7 .   ? 9.529   5.922   12.736  1.00 41.83 ? 510 HOH A O     1 
# 
